data_7WWF
#
_entry.id   7WWF
#
_cell.length_a   91.668
_cell.length_b   65.830
_cell.length_c   172.809
_cell.angle_alpha   90.000
_cell.angle_beta   97.760
_cell.angle_gamma   90.000
#
_symmetry.space_group_name_H-M   'P 1 21 1'
#
loop_
_entity.id
_entity.type
_entity.pdbx_description
1 polymer Esterase
2 non-polymer DI(HYDROXYETHYL)ETHER
3 non-polymer 2-AMINO-2-HYDROXYMETHYL-PROPANE-1,3-DIOL
4 water water
#
_entity_poly.entity_id   1
_entity_poly.type   'polypeptide(L)'
_entity_poly.pdbx_seq_one_letter_code
;(MSE)NDSRNSGTLAVLVHGAWHSSLHWAAAQRGLARRGVASIAVDLPGHGLDAPVPSGYLTAGQPGLETEKSALADIT
(MSE)DDLADAVVDALAEVRSRFARVLLVAHSAGGGPASLAAEKAPELVDHLVYLAAFVPAARPRFTDYINAPENADVVA
LPIFSDPANLGAHRLNPLSSDAIEVDAIRRAFLTD(MSE)PPDAPEGWRHLLHPDEPYASLSAPVPVTPRRWGRIPRTYI
RLDGDRALAPTTQNL(MSE)IAEADRLTPDNPFGVRSLPGDHSP(MSE)VHRPGELADLLAGI
;
_entity_poly.pdbx_strand_id   A,B,C,D,E,F
#
# COMPACT_ATOMS: atom_id res chain seq x y z
N ASN A 6 10.29 15.99 -25.41
CA ASN A 6 10.66 16.67 -24.17
C ASN A 6 12.06 16.25 -23.71
N SER A 7 12.75 15.49 -24.57
CA SER A 7 14.05 14.96 -24.21
C SER A 7 15.08 16.05 -23.98
N GLY A 8 15.00 17.15 -24.73
CA GLY A 8 15.97 18.22 -24.60
C GLY A 8 15.37 19.54 -24.16
N THR A 9 14.25 19.48 -23.44
CA THR A 9 13.57 20.68 -22.96
C THR A 9 13.88 20.88 -21.48
N LEU A 10 14.19 22.12 -21.11
CA LEU A 10 14.45 22.48 -19.72
C LEU A 10 13.57 23.64 -19.31
N ALA A 11 12.92 23.52 -18.17
CA ALA A 11 12.09 24.58 -17.62
C ALA A 11 12.86 25.31 -16.53
N VAL A 12 13.09 26.60 -16.74
CA VAL A 12 13.72 27.46 -15.75
C VAL A 12 12.62 28.19 -15.01
N LEU A 13 12.48 27.91 -13.71
CA LEU A 13 11.37 28.41 -12.91
C LEU A 13 11.82 29.58 -12.06
N VAL A 14 11.06 30.67 -12.08
CA VAL A 14 11.34 31.88 -11.32
C VAL A 14 10.18 32.11 -10.35
N HIS A 15 10.49 32.08 -9.05
CA HIS A 15 9.48 32.20 -8.02
C HIS A 15 8.90 33.62 -7.98
N GLY A 16 7.84 33.78 -7.17
CA GLY A 16 7.20 35.06 -6.98
C GLY A 16 7.68 35.76 -5.72
N ALA A 17 7.00 36.85 -5.39
CA ALA A 17 7.41 37.66 -4.24
C ALA A 17 7.21 36.89 -2.94
N TRP A 18 8.17 37.05 -2.02
CA TRP A 18 8.24 36.44 -0.71
C TRP A 18 8.42 34.93 -0.75
N HIS A 19 8.48 34.32 -1.93
CA HIS A 19 8.67 32.88 -2.06
C HIS A 19 10.12 32.59 -2.42
N SER A 20 10.41 31.34 -2.78
CA SER A 20 11.76 30.95 -3.17
C SER A 20 11.68 29.72 -4.07
N SER A 21 12.85 29.16 -4.39
CA SER A 21 12.90 27.99 -5.24
C SER A 21 12.21 26.77 -4.61
N LEU A 22 12.10 26.74 -3.29
CA LEU A 22 11.54 25.56 -2.63
C LEU A 22 10.07 25.36 -2.97
N HIS A 23 9.35 26.45 -3.28
CA HIS A 23 7.93 26.31 -3.58
C HIS A 23 7.69 25.60 -4.89
N TRP A 24 8.70 25.51 -5.76
CA TRP A 24 8.60 24.79 -7.03
C TRP A 24 8.86 23.29 -6.91
N ALA A 25 9.23 22.79 -5.72
CA ALA A 25 9.81 21.45 -5.61
C ALA A 25 8.86 20.38 -6.14
N ALA A 26 7.61 20.39 -5.71
CA ALA A 26 6.67 19.36 -6.14
C ALA A 26 6.39 19.45 -7.64
N ALA A 27 6.31 20.68 -8.17
CA ALA A 27 6.13 20.85 -9.60
C ALA A 27 7.31 20.33 -10.40
N GLN A 28 8.53 20.47 -9.85
CA GLN A 28 9.70 19.91 -10.51
C GLN A 28 9.63 18.39 -10.57
N ARG A 29 9.09 17.75 -9.52
CA ARG A 29 8.88 16.32 -9.57
C ARG A 29 7.86 15.96 -10.64
N GLY A 30 6.78 16.74 -10.74
CA GLY A 30 5.81 16.49 -11.79
C GLY A 30 6.40 16.61 -13.18
N LEU A 31 7.31 17.57 -13.38
CA LEU A 31 7.92 17.76 -14.69
C LEU A 31 8.83 16.58 -15.05
N ALA A 32 9.61 16.09 -14.08
CA ALA A 32 10.50 14.96 -14.34
C ALA A 32 9.70 13.73 -14.76
N ARG A 33 8.55 13.51 -14.12
CA ARG A 33 7.65 12.42 -14.47
C ARG A 33 7.27 12.45 -15.94
N ARG A 34 7.32 13.62 -16.58
CA ARG A 34 7.11 13.76 -18.01
C ARG A 34 8.41 13.92 -18.78
N GLY A 35 9.55 13.61 -18.16
CA GLY A 35 10.82 13.72 -18.85
C GLY A 35 11.26 15.14 -19.12
N VAL A 36 10.73 16.11 -18.40
CA VAL A 36 11.09 17.51 -18.55
C VAL A 36 12.00 17.89 -17.39
N ALA A 37 13.27 18.16 -17.69
CA ALA A 37 14.18 18.64 -16.66
C ALA A 37 13.83 20.07 -16.29
N SER A 38 14.20 20.46 -15.07
CA SER A 38 13.85 21.80 -14.61
C SER A 38 14.80 22.22 -13.49
N ILE A 39 15.04 23.53 -13.44
CA ILE A 39 15.80 24.14 -12.35
C ILE A 39 15.02 25.35 -11.85
N ALA A 40 15.17 25.63 -10.56
CA ALA A 40 14.50 26.75 -9.92
C ALA A 40 15.53 27.77 -9.49
N VAL A 41 15.37 29.00 -9.96
CA VAL A 41 16.29 30.09 -9.64
C VAL A 41 15.85 30.75 -8.34
N ASP A 42 16.81 31.08 -7.49
CA ASP A 42 16.56 31.88 -6.30
C ASP A 42 17.01 33.30 -6.59
N LEU A 43 16.05 34.21 -6.73
CA LEU A 43 16.37 35.60 -6.99
C LEU A 43 17.07 36.20 -5.77
N PRO A 44 17.90 37.22 -5.98
CA PRO A 44 18.61 37.85 -4.86
C PRO A 44 17.67 38.22 -3.72
N GLY A 45 18.06 37.82 -2.51
CA GLY A 45 17.25 38.02 -1.34
C GLY A 45 16.31 36.88 -1.00
N HIS A 46 16.32 35.80 -1.78
CA HIS A 46 15.45 34.66 -1.55
C HIS A 46 16.28 33.39 -1.47
N GLY A 47 15.68 32.35 -0.91
CA GLY A 47 16.36 31.09 -0.76
C GLY A 47 17.21 31.05 0.51
N LEU A 48 18.20 30.15 0.48
CA LEU A 48 19.06 29.96 1.64
C LEU A 48 19.88 31.20 1.97
N ASP A 49 20.14 32.04 0.96
CA ASP A 49 20.94 33.24 1.14
C ASP A 49 20.15 34.41 1.74
N ALA A 50 18.85 34.24 1.95
CA ALA A 50 18.01 35.38 2.31
C ALA A 50 18.35 35.88 3.70
N PRO A 51 18.30 37.20 3.91
CA PRO A 51 18.43 37.75 5.26
C PRO A 51 17.06 37.89 5.91
N VAL A 52 17.09 38.24 7.20
CA VAL A 52 15.88 38.63 7.93
C VAL A 52 16.19 39.83 8.79
N PRO A 53 15.18 40.66 9.08
CA PRO A 53 15.38 41.76 10.03
C PRO A 53 15.83 41.22 11.38
N SER A 54 16.65 42.01 12.06
CA SER A 54 17.33 41.53 13.27
C SER A 54 16.35 41.03 14.32
N GLY A 55 15.12 41.53 14.32
CA GLY A 55 14.12 41.11 15.27
C GLY A 55 13.08 40.15 14.75
N TYR A 56 13.20 39.70 13.49
CA TYR A 56 12.15 38.88 12.89
C TYR A 56 11.97 37.56 13.63
N LEU A 57 13.06 36.96 14.10
CA LEU A 57 13.03 35.69 14.81
C LEU A 57 13.16 35.87 16.32
N THR A 58 13.01 37.08 16.82
CA THR A 58 13.10 37.36 18.25
C THR A 58 11.71 37.60 18.81
N ALA A 59 11.46 37.04 20.00
CA ALA A 59 10.18 37.24 20.68
C ALA A 59 9.82 38.72 20.75
N GLY A 60 8.56 39.03 20.43
CA GLY A 60 8.11 40.39 20.31
C GLY A 60 8.42 41.05 18.99
N GLN A 61 9.35 40.50 18.22
CA GLN A 61 9.75 41.04 16.92
C GLN A 61 10.09 42.53 16.98
N PRO A 62 11.12 42.90 17.74
CA PRO A 62 11.42 44.33 17.92
C PRO A 62 12.03 44.94 16.67
N GLY A 63 11.59 46.16 16.35
CA GLY A 63 12.11 46.92 15.23
C GLY A 63 11.59 46.51 13.87
N LEU A 64 10.63 45.59 13.80
CA LEU A 64 10.20 45.06 12.52
C LEU A 64 9.55 46.12 11.64
N GLU A 65 8.84 47.08 12.24
CA GLU A 65 8.11 48.06 11.45
C GLU A 65 9.00 49.19 10.94
N THR A 66 10.21 49.34 11.47
CA THR A 66 11.07 50.47 11.12
C THR A 66 12.43 50.08 10.56
N GLU A 67 12.93 48.88 10.85
CA GLU A 67 14.28 48.52 10.44
C GLU A 67 14.40 48.49 8.93
N LYS A 68 15.46 49.11 8.41
CA LYS A 68 15.67 49.09 6.96
C LYS A 68 16.10 47.70 6.52
N SER A 69 15.57 47.28 5.37
CA SER A 69 15.85 45.95 4.84
C SER A 69 17.23 45.90 4.21
N ALA A 70 17.89 44.76 4.36
CA ALA A 70 19.16 44.52 3.69
C ALA A 70 19.02 44.39 2.18
N LEU A 71 17.79 44.29 1.68
CA LEU A 71 17.53 44.21 0.25
C LEU A 71 17.24 45.58 -0.37
N ALA A 72 17.51 46.66 0.36
CA ALA A 72 17.14 48.00 -0.11
C ALA A 72 17.89 48.43 -1.35
N ASP A 73 19.08 47.87 -1.60
CA ASP A 73 19.90 48.28 -2.73
C ASP A 73 19.80 47.34 -3.92
N ILE A 74 18.93 46.34 -3.85
CA ILE A 74 18.72 45.44 -4.97
C ILE A 74 17.94 46.17 -6.06
N THR A 75 18.50 46.22 -7.26
CA THR A 75 17.83 46.84 -8.40
C THR A 75 17.13 45.78 -9.24
N ASP A 77 17.57 45.43 -12.32
CA ASP A 77 18.60 44.84 -13.18
C ASP A 77 19.35 43.73 -12.47
N ASP A 78 19.55 43.85 -11.15
CA ASP A 78 20.19 42.77 -10.40
C ASP A 78 19.32 41.51 -10.41
N LEU A 79 18.00 41.68 -10.28
CA LEU A 79 17.10 40.54 -10.31
C LEU A 79 17.10 39.88 -11.68
N ALA A 80 17.03 40.70 -12.75
CA ALA A 80 17.03 40.15 -14.09
C ALA A 80 18.36 39.48 -14.42
N ASP A 81 19.48 40.10 -14.04
CA ASP A 81 20.79 39.54 -14.36
C ASP A 81 21.00 38.18 -13.70
N ALA A 82 20.36 37.95 -12.55
CA ALA A 82 20.40 36.63 -11.95
C ALA A 82 19.70 35.60 -12.82
N VAL A 83 18.60 36.01 -13.48
CA VAL A 83 17.92 35.11 -14.41
C VAL A 83 18.77 34.91 -15.67
N VAL A 84 19.39 35.98 -16.16
CA VAL A 84 20.25 35.86 -17.33
C VAL A 84 21.40 34.90 -17.06
N ASP A 85 21.98 34.97 -15.86
CA ASP A 85 23.09 34.10 -15.51
C ASP A 85 22.66 32.62 -15.52
N ALA A 86 21.47 32.34 -14.97
CA ALA A 86 20.99 30.96 -14.95
C ALA A 86 20.67 30.45 -16.35
N LEU A 87 20.05 31.30 -17.17
CA LEU A 87 19.76 30.90 -18.54
C LEU A 87 21.04 30.69 -19.34
N ALA A 88 22.08 31.47 -19.06
CA ALA A 88 23.32 31.36 -19.82
C ALA A 88 24.07 30.08 -19.48
N GLU A 89 23.96 29.60 -18.24
CA GLU A 89 24.70 28.43 -17.82
C GLU A 89 24.14 27.13 -18.39
N VAL A 90 22.89 27.13 -18.85
CA VAL A 90 22.24 25.92 -19.33
C VAL A 90 21.95 25.99 -20.83
N ARG A 91 22.27 27.09 -21.49
CA ARG A 91 21.88 27.29 -22.88
C ARG A 91 22.46 26.21 -23.78
N SER A 92 23.74 25.87 -23.60
CA SER A 92 24.39 24.91 -24.47
C SER A 92 24.02 23.46 -24.18
N ARG A 93 23.31 23.20 -23.07
CA ARG A 93 22.98 21.84 -22.68
C ARG A 93 21.59 21.39 -23.11
N PHE A 94 20.71 22.32 -23.47
CA PHE A 94 19.34 21.98 -23.83
C PHE A 94 18.93 22.73 -25.09
N ALA A 95 18.14 22.07 -25.95
CA ALA A 95 17.72 22.68 -27.20
C ALA A 95 16.55 23.63 -27.00
N ARG A 96 15.70 23.38 -26.01
CA ARG A 96 14.51 24.20 -25.78
C ARG A 96 14.48 24.60 -24.30
N VAL A 97 14.56 25.91 -24.05
CA VAL A 97 14.57 26.45 -22.70
C VAL A 97 13.29 27.24 -22.50
N LEU A 98 12.48 26.82 -21.53
CA LEU A 98 11.23 27.48 -21.18
C LEU A 98 11.45 28.31 -19.92
N LEU A 99 11.18 29.61 -19.99
CA LEU A 99 11.29 30.50 -18.85
C LEU A 99 9.90 30.62 -18.23
N VAL A 100 9.74 30.11 -17.01
CA VAL A 100 8.47 30.08 -16.32
C VAL A 100 8.57 31.02 -15.11
N ALA A 101 7.74 32.06 -15.10
CA ALA A 101 7.71 33.04 -14.03
C ALA A 101 6.36 32.99 -13.34
N HIS A 102 6.38 33.16 -12.02
CA HIS A 102 5.17 33.21 -11.20
C HIS A 102 5.10 34.56 -10.50
N SER A 103 3.93 35.20 -10.57
CA SER A 103 3.61 36.40 -9.78
C SER A 103 4.67 37.47 -10.06
N ALA A 104 5.32 38.02 -9.04
CA ALA A 104 6.27 39.12 -9.25
C ALA A 104 7.50 38.68 -10.04
N GLY A 105 7.75 37.38 -10.17
CA GLY A 105 8.87 36.91 -10.96
C GLY A 105 8.77 37.28 -12.43
N GLY A 106 7.60 37.70 -12.89
CA GLY A 106 7.44 38.07 -14.29
C GLY A 106 8.28 39.26 -14.69
N GLY A 107 8.51 40.18 -13.75
CA GLY A 107 9.36 41.31 -14.01
C GLY A 107 10.78 40.91 -14.38
N PRO A 108 11.51 40.34 -13.43
CA PRO A 108 12.88 39.87 -13.73
C PRO A 108 12.97 38.90 -14.90
N ALA A 109 11.97 38.03 -15.07
CA ALA A 109 12.01 37.10 -16.19
C ALA A 109 11.85 37.84 -17.52
N SER A 110 10.95 38.82 -17.58
CA SER A 110 10.73 39.56 -18.81
C SER A 110 11.96 40.38 -19.17
N LEU A 111 12.53 41.10 -18.20
CA LEU A 111 13.73 41.89 -18.47
C LEU A 111 14.89 41.00 -18.92
N ALA A 112 14.99 39.80 -18.36
CA ALA A 112 16.01 38.86 -18.79
C ALA A 112 15.79 38.44 -20.23
N ALA A 113 14.53 38.18 -20.60
CA ALA A 113 14.22 37.86 -21.99
C ALA A 113 14.47 39.04 -22.92
N GLU A 114 14.30 40.27 -22.42
CA GLU A 114 14.62 41.44 -23.23
C GLU A 114 16.13 41.57 -23.41
N LYS A 115 16.90 41.37 -22.35
CA LYS A 115 18.35 41.53 -22.43
C LYS A 115 18.97 40.47 -23.33
N ALA A 116 18.48 39.23 -23.26
CA ALA A 116 19.07 38.11 -24.00
C ALA A 116 17.97 37.22 -24.55
N PRO A 117 17.29 37.67 -25.60
CA PRO A 117 16.19 36.84 -26.17
C PRO A 117 16.67 35.52 -26.75
N GLU A 118 17.97 35.39 -27.07
CA GLU A 118 18.46 34.13 -27.61
C GLU A 118 18.54 33.04 -26.56
N LEU A 119 18.51 33.38 -25.28
CA LEU A 119 18.58 32.42 -24.19
C LEU A 119 17.22 31.83 -23.82
N VAL A 120 16.14 32.32 -24.42
CA VAL A 120 14.79 31.91 -24.07
C VAL A 120 14.06 31.50 -25.34
N ASP A 121 13.51 30.29 -25.35
CA ASP A 121 12.75 29.82 -26.50
C ASP A 121 11.24 29.97 -26.30
N HIS A 122 10.77 30.05 -25.05
CA HIS A 122 9.36 30.25 -24.78
C HIS A 122 9.19 30.82 -23.38
N LEU A 123 8.34 31.84 -23.26
CA LEU A 123 8.03 32.48 -21.99
C LEU A 123 6.69 31.96 -21.48
N VAL A 124 6.63 31.59 -20.20
CA VAL A 124 5.40 31.16 -19.56
C VAL A 124 5.15 32.06 -18.37
N TYR A 125 3.99 32.73 -18.37
CA TYR A 125 3.59 33.63 -17.30
C TYR A 125 2.50 32.94 -16.49
N LEU A 126 2.83 32.56 -15.26
CA LEU A 126 1.92 31.85 -14.37
C LEU A 126 1.38 32.87 -13.37
N ALA A 127 0.20 33.43 -13.68
CA ALA A 127 -0.37 34.54 -12.91
C ALA A 127 0.70 35.57 -12.58
N ALA A 128 1.54 35.89 -13.57
CA ALA A 128 2.74 36.69 -13.37
C ALA A 128 2.58 38.08 -13.97
N PHE A 129 3.50 38.95 -13.59
CA PHE A 129 3.53 40.33 -14.06
C PHE A 129 4.07 40.37 -15.49
N VAL A 130 3.30 40.98 -16.39
CA VAL A 130 3.72 41.24 -17.76
C VAL A 130 3.98 42.73 -17.89
N PRO A 131 5.23 43.17 -18.10
CA PRO A 131 5.53 44.61 -18.07
C PRO A 131 5.46 45.29 -19.43
N ALA A 132 4.80 44.66 -20.40
CA ALA A 132 4.79 45.21 -21.76
C ALA A 132 4.08 46.55 -21.82
N ALA A 133 2.86 46.63 -21.29
CA ALA A 133 2.05 47.83 -21.40
C ALA A 133 2.26 48.79 -20.23
N ARG A 134 2.49 48.26 -19.03
CA ARG A 134 2.74 49.08 -17.85
C ARG A 134 4.02 48.57 -17.19
N PRO A 135 5.04 49.42 -17.00
CA PRO A 135 6.36 48.92 -16.59
C PRO A 135 6.47 48.52 -15.12
N ARG A 136 5.53 48.90 -14.26
CA ARG A 136 5.60 48.60 -12.84
C ARG A 136 4.50 47.62 -12.44
N PHE A 137 4.84 46.66 -11.59
CA PHE A 137 3.83 45.71 -11.13
C PHE A 137 2.73 46.41 -10.36
N THR A 138 3.07 47.44 -9.59
CA THR A 138 2.06 48.21 -8.87
C THR A 138 1.07 48.89 -9.82
N ASP A 139 1.47 49.12 -11.08
CA ASP A 139 0.54 49.70 -12.05
C ASP A 139 -0.66 48.80 -12.28
N TYR A 140 -0.49 47.49 -12.10
CA TYR A 140 -1.58 46.53 -12.21
C TYR A 140 -2.18 46.17 -10.84
N ILE A 141 -1.34 46.06 -9.81
CA ILE A 141 -1.84 45.72 -8.47
C ILE A 141 -2.83 46.76 -7.99
N ASN A 142 -2.59 48.03 -8.32
CA ASN A 142 -3.46 49.12 -7.90
C ASN A 142 -4.50 49.50 -8.95
N ALA A 143 -4.58 48.75 -10.05
CA ALA A 143 -5.59 49.04 -11.05
C ALA A 143 -6.98 48.66 -10.54
N PRO A 144 -8.03 49.29 -11.06
CA PRO A 144 -9.39 48.96 -10.59
C PRO A 144 -9.78 47.52 -10.79
N GLU A 145 -9.21 46.85 -11.79
CA GLU A 145 -9.52 45.43 -12.02
C GLU A 145 -9.01 44.54 -10.89
N ASN A 146 -8.06 45.04 -10.09
CA ASN A 146 -7.45 44.26 -9.02
C ASN A 146 -7.97 44.64 -7.64
N ALA A 147 -9.06 45.39 -7.56
CA ALA A 147 -9.51 45.91 -6.28
C ALA A 147 -10.16 44.85 -5.39
N ASP A 148 -10.54 43.70 -5.96
CA ASP A 148 -11.28 42.69 -5.21
C ASP A 148 -10.39 41.58 -4.67
N VAL A 149 -9.07 41.75 -4.72
CA VAL A 149 -8.17 40.75 -4.15
C VAL A 149 -8.10 40.91 -2.64
N VAL A 150 -7.62 39.86 -1.97
CA VAL A 150 -7.34 39.95 -0.54
C VAL A 150 -6.18 40.92 -0.35
N ALA A 151 -6.39 41.95 0.44
CA ALA A 151 -5.36 42.96 0.67
C ALA A 151 -4.27 42.38 1.55
N LEU A 152 -3.04 42.32 1.01
CA LEU A 152 -1.93 41.79 1.78
C LEU A 152 -1.49 42.81 2.84
N PRO A 153 -1.20 42.36 4.06
CA PRO A 153 -0.78 43.27 5.14
C PRO A 153 0.66 43.73 4.99
N ILE A 154 0.97 44.35 3.84
CA ILE A 154 2.30 44.88 3.61
C ILE A 154 2.55 46.07 4.52
N PHE A 155 3.75 46.15 5.09
CA PHE A 155 4.07 47.20 6.04
C PHE A 155 4.00 48.57 5.38
N SER A 156 3.69 49.59 6.20
CA SER A 156 3.59 50.95 5.70
C SER A 156 4.94 51.46 5.24
N ASP A 157 4.91 52.32 4.21
CA ASP A 157 6.07 53.05 3.72
C ASP A 157 7.15 52.08 3.23
N PRO A 158 6.89 51.33 2.15
CA PRO A 158 7.90 50.37 1.68
C PRO A 158 9.14 51.04 1.10
N ALA A 159 9.01 52.27 0.58
CA ALA A 159 10.16 52.95 0.01
C ALA A 159 11.24 53.20 1.06
N ASN A 160 10.83 53.50 2.30
CA ASN A 160 11.79 53.82 3.34
C ASN A 160 12.43 52.55 3.92
N LEU A 161 11.65 51.47 4.02
CA LEU A 161 12.23 50.20 4.45
C LEU A 161 13.10 49.58 3.37
N GLY A 162 12.94 49.99 2.11
CA GLY A 162 13.64 49.34 1.02
C GLY A 162 13.08 48.00 0.62
N ALA A 163 11.90 47.65 1.11
CA ALA A 163 11.31 46.35 0.83
C ALA A 163 9.81 46.40 1.10
N HIS A 164 9.07 45.53 0.43
CA HIS A 164 7.68 45.25 0.75
C HIS A 164 7.67 44.13 1.78
N ARG A 165 7.33 44.46 3.02
CA ARG A 165 7.52 43.56 4.16
C ARG A 165 6.22 42.89 4.53
N LEU A 166 6.26 41.57 4.71
CA LEU A 166 5.17 40.78 5.26
C LEU A 166 5.65 40.11 6.53
N ASN A 167 4.71 39.76 7.41
CA ASN A 167 5.03 39.12 8.69
C ASN A 167 4.16 37.88 8.88
N PRO A 168 4.49 36.77 8.20
CA PRO A 168 3.79 35.51 8.48
C PRO A 168 4.06 34.96 9.87
N LEU A 169 5.07 35.45 10.58
CA LEU A 169 5.35 35.05 11.95
C LEU A 169 4.64 35.94 12.97
N SER A 170 3.68 36.75 12.54
CA SER A 170 3.00 37.64 13.45
C SER A 170 2.14 36.88 14.44
N SER A 171 2.05 37.42 15.66
CA SER A 171 1.11 36.90 16.64
C SER A 171 -0.32 37.31 16.36
N ASP A 172 -0.53 38.25 15.43
CA ASP A 172 -1.86 38.67 15.01
C ASP A 172 -2.42 37.63 14.05
N ALA A 173 -3.38 36.83 14.52
CA ALA A 173 -3.93 35.76 13.70
C ALA A 173 -4.70 36.31 12.50
N ILE A 174 -5.24 37.52 12.60
CA ILE A 174 -5.91 38.12 11.45
C ILE A 174 -4.90 38.50 10.37
N GLU A 175 -3.74 39.01 10.80
CA GLU A 175 -2.67 39.35 9.85
C GLU A 175 -2.21 38.10 9.10
N VAL A 176 -1.89 37.03 9.85
CA VAL A 176 -1.44 35.78 9.22
C VAL A 176 -2.53 35.22 8.31
N ASP A 177 -3.79 35.37 8.70
CA ASP A 177 -4.88 34.80 7.91
C ASP A 177 -5.08 35.56 6.60
N ALA A 178 -4.72 36.84 6.54
CA ALA A 178 -4.77 37.57 5.29
C ALA A 178 -3.76 37.00 4.30
N ILE A 179 -2.52 36.78 4.75
CA ILE A 179 -1.52 36.14 3.90
C ILE A 179 -2.00 34.76 3.47
N ARG A 180 -2.58 34.00 4.40
CA ARG A 180 -3.07 32.66 4.08
C ARG A 180 -4.13 32.70 3.00
N ARG A 181 -5.11 33.59 3.13
CA ARG A 181 -6.20 33.62 2.16
C ARG A 181 -5.75 34.15 0.81
N ALA A 182 -4.72 35.01 0.78
CA ALA A 182 -4.25 35.57 -0.48
C ALA A 182 -3.48 34.52 -1.29
N PHE A 183 -2.53 33.84 -0.64
CA PHE A 183 -1.63 32.93 -1.34
C PHE A 183 -2.15 31.49 -1.38
N LEU A 184 -2.78 31.02 -0.30
CA LEU A 184 -3.14 29.61 -0.16
C LEU A 184 -4.63 29.49 0.19
N THR A 185 -5.48 30.01 -0.70
CA THR A 185 -6.91 30.04 -0.43
C THR A 185 -7.48 28.63 -0.31
N ASP A 186 -7.04 27.71 -1.17
CA ASP A 186 -7.59 26.37 -1.23
C ASP A 186 -6.94 25.41 -0.23
N PRO A 188 -6.42 23.09 2.94
CA PRO A 188 -7.31 22.35 3.82
C PRO A 188 -7.41 23.01 5.18
N PRO A 189 -8.51 22.80 5.89
CA PRO A 189 -8.67 23.44 7.21
C PRO A 189 -7.70 22.94 8.26
N ASP A 190 -7.18 21.71 8.12
CA ASP A 190 -6.28 21.12 9.11
C ASP A 190 -4.91 20.85 8.49
N ALA A 191 -4.38 21.82 7.72
CA ALA A 191 -3.11 21.63 7.04
C ALA A 191 -1.94 22.07 7.90
N PRO A 192 -0.76 21.50 7.70
CA PRO A 192 0.41 21.92 8.47
C PRO A 192 0.72 23.39 8.24
N GLU A 193 1.39 24.00 9.22
CA GLU A 193 1.67 25.43 9.22
C GLU A 193 3.11 25.75 8.86
N GLY A 194 3.84 24.79 8.30
CA GLY A 194 5.24 25.04 7.96
C GLY A 194 5.43 26.18 6.98
N TRP A 195 4.42 26.44 6.14
CA TRP A 195 4.51 27.50 5.16
C TRP A 195 4.79 28.86 5.80
N ARG A 196 4.43 29.02 7.07
CA ARG A 196 4.57 30.32 7.72
C ARG A 196 6.04 30.74 7.83
N HIS A 197 6.93 29.81 8.17
CA HIS A 197 8.34 30.13 8.30
C HIS A 197 9.15 29.76 7.05
N LEU A 198 8.49 29.32 5.98
CA LEU A 198 9.16 29.09 4.71
C LEU A 198 8.98 30.26 3.74
N LEU A 199 8.23 31.29 4.12
CA LEU A 199 8.14 32.52 3.36
C LEU A 199 9.22 33.50 3.81
N HIS A 200 9.67 34.33 2.88
CA HIS A 200 10.60 35.38 3.31
C HIS A 200 9.84 36.66 3.63
N PRO A 201 10.19 37.34 4.72
CA PRO A 201 9.43 38.54 5.09
C PRO A 201 9.66 39.72 4.15
N ASP A 202 10.84 39.87 3.58
CA ASP A 202 11.19 41.05 2.79
C ASP A 202 11.25 40.70 1.31
N GLU A 203 10.45 41.38 0.52
CA GLU A 203 10.60 41.35 -0.92
C GLU A 203 11.24 42.65 -1.37
N PRO A 204 12.30 42.60 -2.18
CA PRO A 204 12.98 43.84 -2.58
C PRO A 204 12.00 44.87 -3.13
N TYR A 205 12.24 46.13 -2.78
CA TYR A 205 11.37 47.21 -3.24
C TYR A 205 11.25 47.22 -4.75
N ALA A 206 12.36 46.98 -5.45
CA ALA A 206 12.36 47.03 -6.91
C ALA A 206 11.40 46.01 -7.52
N SER A 207 11.19 44.88 -6.84
CA SER A 207 10.40 43.80 -7.42
C SER A 207 9.00 44.26 -7.80
N LEU A 208 8.32 44.96 -6.88
CA LEU A 208 6.96 45.42 -7.15
C LEU A 208 6.91 46.85 -7.68
N SER A 209 7.93 47.67 -7.40
CA SER A 209 7.82 49.11 -7.62
C SER A 209 8.72 49.65 -8.71
N ALA A 210 9.75 48.91 -9.14
CA ALA A 210 10.66 49.43 -10.15
C ALA A 210 10.11 49.17 -11.55
N PRO A 211 10.40 50.06 -12.51
CA PRO A 211 9.93 49.82 -13.88
C PRO A 211 10.77 48.76 -14.57
N VAL A 212 10.11 47.96 -15.40
CA VAL A 212 10.73 46.90 -16.17
C VAL A 212 10.53 47.21 -17.66
N PRO A 213 11.50 47.85 -18.31
CA PRO A 213 11.32 48.25 -19.71
C PRO A 213 11.64 47.09 -20.66
N VAL A 214 10.63 46.68 -21.43
CA VAL A 214 10.78 45.67 -22.48
C VAL A 214 10.22 46.24 -23.77
N THR A 215 10.73 45.76 -24.89
CA THR A 215 10.37 46.27 -26.20
C THR A 215 9.73 45.18 -27.06
N PRO A 216 8.85 45.55 -28.00
CA PRO A 216 8.21 44.53 -28.85
C PRO A 216 9.15 43.86 -29.83
N ARG A 217 10.31 44.43 -30.13
CA ARG A 217 11.22 43.83 -31.10
C ARG A 217 12.24 42.89 -30.47
N ARG A 218 12.32 42.84 -29.14
CA ARG A 218 13.13 41.84 -28.47
C ARG A 218 12.23 40.89 -27.69
N TRP A 219 11.74 41.35 -26.54
CA TRP A 219 10.84 40.55 -25.72
C TRP A 219 9.60 40.10 -26.50
N GLY A 220 9.05 41.01 -27.31
CA GLY A 220 7.75 40.80 -27.94
C GLY A 220 7.71 39.75 -29.03
N ARG A 221 8.86 39.29 -29.51
CA ARG A 221 8.88 38.26 -30.55
C ARG A 221 9.07 36.85 -30.00
N ILE A 222 9.35 36.71 -28.71
CA ILE A 222 9.50 35.38 -28.12
C ILE A 222 8.12 34.74 -28.01
N PRO A 223 7.95 33.49 -28.44
CA PRO A 223 6.69 32.80 -28.19
C PRO A 223 6.42 32.76 -26.69
N ARG A 224 5.17 33.03 -26.32
CA ARG A 224 4.87 33.17 -24.91
C ARG A 224 3.47 32.67 -24.62
N THR A 225 3.25 32.26 -23.38
CA THR A 225 2.00 31.69 -22.92
C THR A 225 1.66 32.27 -21.57
N TYR A 226 0.39 32.56 -21.35
CA TYR A 226 -0.12 32.95 -20.05
C TYR A 226 -0.94 31.81 -19.46
N ILE A 227 -0.78 31.57 -18.17
CA ILE A 227 -1.58 30.59 -17.44
C ILE A 227 -2.38 31.37 -16.40
N ARG A 228 -3.68 31.49 -16.61
CA ARG A 228 -4.55 32.21 -15.70
C ARG A 228 -5.04 31.28 -14.61
N LEU A 229 -4.97 31.76 -13.36
CA LEU A 229 -5.48 31.04 -12.20
C LEU A 229 -6.83 31.65 -11.82
N ASP A 230 -7.91 30.90 -12.07
CA ASP A 230 -9.25 31.47 -12.00
C ASP A 230 -9.74 31.68 -10.58
N GLY A 231 -9.16 31.01 -9.59
CA GLY A 231 -9.55 31.24 -8.21
C GLY A 231 -8.55 32.08 -7.45
N ASP A 232 -7.80 32.91 -8.17
CA ASP A 232 -6.72 33.67 -7.55
C ASP A 232 -7.26 34.80 -6.70
N ARG A 233 -6.87 34.82 -5.42
CA ARG A 233 -7.27 35.88 -4.50
C ARG A 233 -6.12 36.83 -4.16
N ALA A 234 -4.94 36.64 -4.75
CA ALA A 234 -3.83 37.57 -4.58
C ALA A 234 -3.68 38.51 -5.77
N LEU A 235 -3.87 37.99 -6.97
CA LEU A 235 -3.85 38.77 -8.21
C LEU A 235 -5.09 38.37 -8.99
N ALA A 236 -6.01 39.32 -9.15
CA ALA A 236 -7.34 38.99 -9.63
C ALA A 236 -7.27 38.41 -11.05
N PRO A 237 -8.12 37.43 -11.37
CA PRO A 237 -8.17 36.95 -12.76
C PRO A 237 -8.50 38.04 -13.76
N THR A 238 -9.29 39.04 -13.37
CA THR A 238 -9.55 40.17 -14.25
C THR A 238 -8.26 40.93 -14.57
N THR A 239 -7.44 41.17 -13.54
CA THR A 239 -6.14 41.81 -13.77
C THR A 239 -5.27 40.96 -14.68
N GLN A 240 -5.34 39.64 -14.55
CA GLN A 240 -4.56 38.76 -15.42
C GLN A 240 -5.03 38.86 -16.86
N ASN A 241 -6.35 38.86 -17.07
CA ASN A 241 -6.88 39.07 -18.42
C ASN A 241 -6.50 40.44 -18.97
N LEU A 242 -6.46 41.45 -18.08
CA LEU A 242 -6.08 42.79 -18.52
C LEU A 242 -4.64 42.83 -19.03
N ILE A 244 -2.98 40.30 -20.32
CA ILE A 244 -2.94 39.58 -21.59
C ILE A 244 -3.39 40.47 -22.73
N ALA A 245 -4.53 41.16 -22.54
CA ALA A 245 -5.08 41.99 -23.60
C ALA A 245 -4.18 43.17 -23.91
N GLU A 246 -3.69 43.86 -22.88
CA GLU A 246 -2.86 45.04 -23.11
C GLU A 246 -1.53 44.67 -23.76
N ALA A 247 -0.91 43.57 -23.32
CA ALA A 247 0.35 43.16 -23.91
C ALA A 247 0.16 42.68 -25.35
N ASP A 248 -0.96 42.00 -25.62
CA ASP A 248 -1.22 41.51 -26.97
C ASP A 248 -1.37 42.66 -27.96
N ARG A 249 -1.98 43.77 -27.52
CA ARG A 249 -2.15 44.92 -28.40
C ARG A 249 -0.82 45.53 -28.82
N LEU A 250 0.24 45.29 -28.06
CA LEU A 250 1.57 45.80 -28.39
C LEU A 250 2.35 44.85 -29.28
N THR A 251 1.96 43.58 -29.37
CA THR A 251 2.61 42.58 -30.21
C THR A 251 1.55 41.82 -31.00
N PRO A 252 0.90 42.48 -31.96
CA PRO A 252 -0.23 41.84 -32.65
C PRO A 252 0.17 40.63 -33.47
N ASP A 253 1.41 40.57 -33.95
CA ASP A 253 1.85 39.44 -34.75
C ASP A 253 2.31 38.26 -33.90
N ASN A 254 2.37 38.43 -32.57
CA ASN A 254 2.79 37.36 -31.65
C ASN A 254 1.96 37.45 -30.39
N PRO A 255 0.68 37.08 -30.47
CA PRO A 255 -0.20 37.22 -29.29
C PRO A 255 0.04 36.11 -28.29
N PHE A 256 -0.48 36.35 -27.08
CA PHE A 256 -0.34 35.40 -25.98
C PHE A 256 -1.05 34.09 -26.31
N GLY A 257 -0.37 32.97 -26.04
CA GLY A 257 -1.08 31.73 -25.80
C GLY A 257 -1.67 31.78 -24.40
N VAL A 258 -2.90 31.26 -24.26
CA VAL A 258 -3.63 31.39 -23.01
C VAL A 258 -4.09 30.02 -22.56
N ARG A 259 -3.64 29.61 -21.37
CA ARG A 259 -4.11 28.43 -20.67
C ARG A 259 -4.76 28.86 -19.35
N SER A 260 -5.38 27.90 -18.68
CA SER A 260 -6.13 28.22 -17.47
C SER A 260 -6.07 27.06 -16.49
N LEU A 261 -6.00 27.39 -15.21
CA LEU A 261 -6.13 26.42 -14.13
C LEU A 261 -7.13 26.96 -13.11
N PRO A 262 -7.85 26.07 -12.44
CA PRO A 262 -8.66 26.50 -11.30
C PRO A 262 -7.81 26.66 -10.05
N GLY A 263 -8.35 27.39 -9.09
CA GLY A 263 -7.76 27.42 -7.77
C GLY A 263 -6.93 28.66 -7.49
N ASP A 264 -6.23 28.60 -6.36
CA ASP A 264 -5.61 29.78 -5.76
C ASP A 264 -4.33 30.16 -6.50
N HIS A 265 -3.60 31.12 -5.92
CA HIS A 265 -2.39 31.70 -6.48
C HIS A 265 -1.20 30.76 -6.46
N SER A 266 -1.30 29.60 -5.80
CA SER A 266 -0.17 28.70 -5.61
C SER A 266 -0.49 27.31 -6.14
N PRO A 267 -0.59 27.14 -7.46
CA PRO A 267 -0.80 25.80 -8.01
C PRO A 267 0.42 24.90 -7.91
N VAL A 269 1.92 24.46 -5.29
CA VAL A 269 1.73 23.86 -3.97
C VAL A 269 0.52 22.92 -3.97
N HIS A 270 -0.61 23.39 -4.46
CA HIS A 270 -1.88 22.67 -4.32
C HIS A 270 -2.28 21.88 -5.56
N ARG A 271 -1.70 22.19 -6.73
CA ARG A 271 -1.99 21.39 -7.92
C ARG A 271 -0.70 21.10 -8.69
N PRO A 272 0.37 20.65 -8.03
CA PRO A 272 1.65 20.51 -8.76
C PRO A 272 1.59 19.54 -9.91
N GLY A 273 0.76 18.49 -9.80
CA GLY A 273 0.68 17.50 -10.86
C GLY A 273 0.13 18.08 -12.14
N GLU A 274 -1.04 18.74 -12.07
CA GLU A 274 -1.65 19.25 -13.29
C GLU A 274 -0.93 20.49 -13.80
N LEU A 275 -0.26 21.25 -12.91
CA LEU A 275 0.57 22.35 -13.39
C LEU A 275 1.73 21.84 -14.24
N ALA A 276 2.38 20.75 -13.78
CA ALA A 276 3.45 20.16 -14.56
C ALA A 276 2.94 19.61 -15.90
N ASP A 277 1.78 18.95 -15.87
CA ASP A 277 1.20 18.45 -17.11
C ASP A 277 0.92 19.58 -18.09
N LEU A 278 0.42 20.71 -17.58
CA LEU A 278 0.22 21.89 -18.42
C LEU A 278 1.54 22.39 -19.00
N LEU A 279 2.55 22.56 -18.14
CA LEU A 279 3.84 23.08 -18.59
C LEU A 279 4.48 22.17 -19.64
N ALA A 280 4.39 20.86 -19.44
CA ALA A 280 4.94 19.92 -20.41
C ALA A 280 4.21 19.97 -21.75
N GLY A 281 2.95 20.44 -21.77
CA GLY A 281 2.23 20.58 -23.02
C GLY A 281 2.49 21.85 -23.78
N ILE A 282 3.26 22.76 -23.20
CA ILE A 282 3.62 24.01 -23.86
C ILE A 282 4.90 23.80 -24.68
N GLY B 8 20.61 11.36 -20.37
CA GLY B 8 19.51 10.60 -19.80
C GLY B 8 19.72 10.21 -18.35
N THR B 9 20.49 11.02 -17.63
CA THR B 9 20.80 10.78 -16.22
C THR B 9 19.98 11.70 -15.34
N LEU B 10 19.30 11.13 -14.34
CA LEU B 10 18.55 11.89 -13.36
C LEU B 10 19.10 11.62 -11.97
N ALA B 11 19.39 12.68 -11.23
CA ALA B 11 19.80 12.58 -9.84
C ALA B 11 18.59 12.87 -8.95
N VAL B 12 18.24 11.92 -8.09
CA VAL B 12 17.16 12.08 -7.13
C VAL B 12 17.79 12.35 -5.77
N LEU B 13 17.51 13.52 -5.21
CA LEU B 13 18.20 14.01 -4.02
C LEU B 13 17.31 13.89 -2.80
N VAL B 14 17.82 13.22 -1.76
CA VAL B 14 17.10 13.00 -0.51
C VAL B 14 17.82 13.79 0.58
N HIS B 15 17.09 14.71 1.20
CA HIS B 15 17.67 15.57 2.22
C HIS B 15 17.93 14.79 3.52
N GLY B 16 18.65 15.44 4.43
CA GLY B 16 18.90 14.89 5.75
C GLY B 16 17.91 15.40 6.79
N ALA B 17 18.23 15.11 8.05
CA ALA B 17 17.33 15.45 9.15
C ALA B 17 17.23 16.96 9.32
N TRP B 18 16.02 17.43 9.63
CA TRP B 18 15.67 18.82 9.87
C TRP B 18 15.81 19.70 8.63
N HIS B 19 16.15 19.12 7.48
CA HIS B 19 16.29 19.84 6.22
C HIS B 19 15.14 19.47 5.30
N SER B 20 15.21 19.97 4.06
CA SER B 20 14.18 19.70 3.07
C SER B 20 14.81 19.77 1.69
N SER B 21 13.97 19.61 0.66
CA SER B 21 14.44 19.74 -0.72
C SER B 21 15.05 21.11 -0.99
N LEU B 22 14.70 22.12 -0.20
CA LEU B 22 15.19 23.48 -0.43
C LEU B 22 16.71 23.56 -0.38
N HIS B 23 17.33 22.80 0.52
CA HIS B 23 18.77 22.92 0.73
C HIS B 23 19.60 22.39 -0.43
N TRP B 24 19.01 21.65 -1.36
CA TRP B 24 19.71 21.15 -2.54
C TRP B 24 19.77 22.16 -3.67
N ALA B 25 19.11 23.31 -3.54
CA ALA B 25 18.83 24.19 -4.68
C ALA B 25 20.10 24.57 -5.42
N ALA B 26 21.13 25.01 -4.69
CA ALA B 26 22.36 25.44 -5.35
C ALA B 26 23.05 24.28 -6.05
N ALA B 27 23.08 23.11 -5.41
CA ALA B 27 23.68 21.93 -6.05
C ALA B 27 22.89 21.51 -7.27
N GLN B 28 21.57 21.68 -7.25
CA GLN B 28 20.76 21.36 -8.43
C GLN B 28 21.14 22.24 -9.60
N ARG B 29 21.37 23.54 -9.35
CA ARG B 29 21.80 24.43 -10.41
C ARG B 29 23.19 24.05 -10.92
N GLY B 30 24.08 23.62 -10.03
CA GLY B 30 25.38 23.14 -10.46
C GLY B 30 25.30 21.88 -11.31
N LEU B 31 24.33 21.02 -11.02
CA LEU B 31 24.17 19.81 -11.81
C LEU B 31 23.67 20.13 -13.22
N ALA B 32 22.78 21.11 -13.34
CA ALA B 32 22.27 21.51 -14.65
C ALA B 32 23.38 22.09 -15.51
N ARG B 33 24.34 22.78 -14.90
CA ARG B 33 25.54 23.24 -15.62
C ARG B 33 26.18 22.10 -16.40
N ARG B 34 26.23 20.91 -15.79
CA ARG B 34 26.88 19.75 -16.37
C ARG B 34 25.91 18.85 -17.12
N GLY B 35 24.69 19.32 -17.40
CA GLY B 35 23.75 18.51 -18.15
C GLY B 35 23.15 17.36 -17.39
N VAL B 36 23.13 17.42 -16.06
CA VAL B 36 22.53 16.38 -15.24
C VAL B 36 21.23 16.93 -14.66
N ALA B 37 20.10 16.37 -15.10
CA ALA B 37 18.82 16.72 -14.50
C ALA B 37 18.76 16.22 -13.07
N SER B 38 17.96 16.91 -12.25
CA SER B 38 17.85 16.52 -10.85
C SER B 38 16.51 16.98 -10.30
N ILE B 39 15.97 16.18 -9.38
CA ILE B 39 14.85 16.57 -8.55
C ILE B 39 15.20 16.23 -7.11
N ALA B 40 14.53 16.91 -6.19
CA ALA B 40 14.76 16.73 -4.76
C ALA B 40 13.46 16.27 -4.11
N VAL B 41 13.53 15.18 -3.38
CA VAL B 41 12.37 14.62 -2.70
C VAL B 41 12.19 15.32 -1.36
N ASP B 42 10.94 15.54 -0.97
CA ASP B 42 10.61 16.00 0.37
C ASP B 42 10.04 14.81 1.15
N LEU B 43 10.83 14.31 2.11
CA LEU B 43 10.36 13.22 2.95
C LEU B 43 9.17 13.69 3.80
N PRO B 44 8.28 12.78 4.16
CA PRO B 44 7.10 13.16 4.96
C PRO B 44 7.48 13.98 6.18
N GLY B 45 6.76 15.07 6.39
CA GLY B 45 7.05 15.97 7.49
C GLY B 45 8.11 17.01 7.20
N HIS B 46 8.52 17.16 5.94
CA HIS B 46 9.51 18.17 5.56
C HIS B 46 8.97 18.98 4.39
N GLY B 47 9.67 20.07 4.09
CA GLY B 47 9.22 20.96 3.03
C GLY B 47 7.93 21.68 3.43
N LEU B 48 7.10 21.96 2.42
CA LEU B 48 5.83 22.61 2.68
C LEU B 48 4.85 21.71 3.42
N ASP B 49 5.12 20.40 3.46
CA ASP B 49 4.31 19.43 4.20
C ASP B 49 4.63 19.43 5.68
N ALA B 50 5.64 20.16 6.12
CA ALA B 50 6.09 20.08 7.50
C ALA B 50 5.11 20.78 8.44
N PRO B 51 4.77 20.16 9.57
CA PRO B 51 4.06 20.86 10.63
C PRO B 51 5.04 21.58 11.55
N VAL B 52 4.49 22.40 12.43
CA VAL B 52 5.27 23.04 13.48
C VAL B 52 4.52 22.85 14.80
N PRO B 53 5.23 22.67 15.92
CA PRO B 53 4.54 22.69 17.22
C PRO B 53 3.80 24.00 17.42
N SER B 54 2.72 23.93 18.21
CA SER B 54 1.81 25.07 18.32
C SER B 54 2.50 26.32 18.83
N GLY B 55 3.52 26.17 19.67
CA GLY B 55 4.26 27.29 20.22
C GLY B 55 5.57 27.60 19.54
N TYR B 56 5.92 26.91 18.45
CA TYR B 56 7.22 27.12 17.81
C TYR B 56 7.38 28.56 17.34
N LEU B 57 6.33 29.15 16.78
CA LEU B 57 6.37 30.51 16.26
C LEU B 57 5.81 31.54 17.24
N THR B 58 5.68 31.17 18.51
CA THR B 58 5.12 32.03 19.53
C THR B 58 6.22 32.52 20.46
N ALA B 59 6.13 33.79 20.87
CA ALA B 59 7.10 34.38 21.77
C ALA B 59 7.27 33.53 23.02
N GLY B 60 8.52 33.19 23.34
CA GLY B 60 8.83 32.31 24.45
C GLY B 60 8.65 30.83 24.16
N GLN B 61 7.95 30.49 23.07
CA GLN B 61 7.74 29.12 22.62
C GLN B 61 7.19 28.23 23.73
N PRO B 62 5.97 28.49 24.21
CA PRO B 62 5.43 27.68 25.31
C PRO B 62 5.05 26.29 24.86
N GLY B 63 5.40 25.30 25.70
CA GLY B 63 5.09 23.91 25.43
C GLY B 63 6.01 23.21 24.45
N LEU B 64 7.03 23.90 23.94
CA LEU B 64 7.90 23.30 22.93
C LEU B 64 8.66 22.11 23.48
N GLU B 65 8.97 22.11 24.79
CA GLU B 65 9.75 21.03 25.38
C GLU B 65 8.92 19.78 25.63
N THR B 66 7.60 19.88 25.66
CA THR B 66 6.74 18.77 26.04
C THR B 66 5.71 18.36 25.01
N GLU B 67 5.41 19.20 24.03
CA GLU B 67 4.32 18.92 23.10
C GLU B 67 4.68 17.75 22.19
N LYS B 68 3.76 16.78 22.10
CA LYS B 68 3.95 15.64 21.21
C LYS B 68 3.95 16.10 19.75
N SER B 69 4.85 15.52 18.97
CA SER B 69 5.01 15.90 17.57
C SER B 69 3.91 15.32 16.70
N ALA B 70 3.54 16.08 15.67
CA ALA B 70 2.64 15.57 14.64
C ALA B 70 3.27 14.47 13.81
N LEU B 71 4.59 14.29 13.88
CA LEU B 71 5.32 13.27 13.14
C LEU B 71 5.54 12.01 13.95
N ALA B 72 4.81 11.83 15.06
CA ALA B 72 5.09 10.74 15.98
C ALA B 72 4.79 9.38 15.38
N ASP B 73 3.87 9.31 14.41
CA ASP B 73 3.42 8.05 13.86
C ASP B 73 4.02 7.74 12.49
N ILE B 74 4.94 8.56 12.01
CA ILE B 74 5.61 8.28 10.75
C ILE B 74 6.62 7.17 10.96
N THR B 75 6.52 6.11 10.16
CA THR B 75 7.40 4.96 10.26
C THR B 75 8.51 5.05 9.22
N ASP B 77 9.12 2.84 7.14
CA ASP B 77 8.54 2.41 5.87
C ASP B 77 7.84 3.57 5.16
N ASP B 78 7.18 4.45 5.90
CA ASP B 78 6.59 5.64 5.29
C ASP B 78 7.64 6.49 4.60
N LEU B 79 8.78 6.71 5.27
CA LEU B 79 9.84 7.53 4.71
C LEU B 79 10.41 6.90 3.46
N ALA B 80 10.62 5.58 3.47
CA ALA B 80 11.18 4.90 2.32
C ALA B 80 10.18 4.82 1.18
N ASP B 81 8.90 4.55 1.50
CA ASP B 81 7.89 4.46 0.46
C ASP B 81 7.74 5.77 -0.30
N ALA B 82 8.03 6.91 0.36
CA ALA B 82 8.01 8.19 -0.35
C ALA B 82 9.15 8.27 -1.36
N VAL B 83 10.30 7.68 -1.03
CA VAL B 83 11.40 7.65 -1.99
C VAL B 83 11.08 6.71 -3.14
N VAL B 84 10.49 5.56 -2.85
CA VAL B 84 10.12 4.60 -3.90
C VAL B 84 9.13 5.24 -4.85
N ASP B 85 8.10 5.90 -4.31
CA ASP B 85 7.10 6.55 -5.15
C ASP B 85 7.74 7.56 -6.09
N ALA B 86 8.68 8.36 -5.57
CA ALA B 86 9.39 9.31 -6.43
C ALA B 86 10.21 8.59 -7.49
N LEU B 87 10.90 7.51 -7.11
CA LEU B 87 11.72 6.79 -8.08
C LEU B 87 10.88 6.10 -9.15
N ALA B 88 9.69 5.63 -8.79
CA ALA B 88 8.83 4.93 -9.75
C ALA B 88 8.28 5.89 -10.80
N GLU B 89 8.08 7.16 -10.46
CA GLU B 89 7.50 8.09 -11.42
C GLU B 89 8.47 8.44 -12.55
N VAL B 90 9.77 8.36 -12.30
CA VAL B 90 10.78 8.83 -13.24
C VAL B 90 11.53 7.68 -13.91
N ARG B 91 11.22 6.42 -13.55
CA ARG B 91 12.02 5.30 -14.03
C ARG B 91 12.00 5.20 -15.55
N SER B 92 10.81 5.28 -16.15
CA SER B 92 10.70 5.14 -17.60
C SER B 92 11.19 6.36 -18.36
N ARG B 93 11.47 7.47 -17.68
CA ARG B 93 11.86 8.70 -18.36
C ARG B 93 13.36 8.91 -18.42
N PHE B 94 14.14 8.17 -17.64
CA PHE B 94 15.59 8.35 -17.61
C PHE B 94 16.28 7.00 -17.59
N ALA B 95 17.36 6.88 -18.37
CA ALA B 95 18.08 5.62 -18.44
C ALA B 95 18.90 5.36 -17.18
N ARG B 96 19.42 6.42 -16.56
CA ARG B 96 20.30 6.30 -15.41
C ARG B 96 19.76 7.17 -14.28
N VAL B 97 19.43 6.55 -13.15
CA VAL B 97 18.88 7.26 -12.00
C VAL B 97 19.86 7.13 -10.85
N LEU B 98 20.40 8.26 -10.41
CA LEU B 98 21.27 8.34 -9.24
C LEU B 98 20.43 8.73 -8.04
N LEU B 99 20.47 7.91 -7.00
CA LEU B 99 19.82 8.22 -5.72
C LEU B 99 20.90 8.76 -4.79
N VAL B 100 20.82 10.06 -4.50
CA VAL B 100 21.80 10.75 -3.67
C VAL B 100 21.14 11.04 -2.33
N ALA B 101 21.71 10.53 -1.25
CA ALA B 101 21.20 10.75 0.08
C ALA B 101 22.22 11.52 0.91
N HIS B 102 21.73 12.39 1.78
CA HIS B 102 22.55 13.16 2.69
C HIS B 102 22.14 12.84 4.13
N SER B 103 23.13 12.52 4.96
CA SER B 103 22.98 12.43 6.43
C SER B 103 21.89 11.40 6.74
N ALA B 104 20.87 11.72 7.54
CA ALA B 104 19.83 10.77 7.89
C ALA B 104 19.01 10.31 6.70
N GLY B 105 19.08 11.01 5.56
CA GLY B 105 18.41 10.55 4.36
C GLY B 105 18.89 9.20 3.87
N GLY B 106 20.08 8.78 4.29
CA GLY B 106 20.60 7.49 3.86
C GLY B 106 19.73 6.32 4.30
N GLY B 107 19.03 6.47 5.42
CA GLY B 107 18.15 5.44 5.91
C GLY B 107 17.00 5.15 4.96
N PRO B 108 16.13 6.14 4.73
CA PRO B 108 15.03 5.93 3.77
C PRO B 108 15.50 5.61 2.37
N ALA B 109 16.61 6.21 1.92
CA ALA B 109 17.10 5.91 0.58
C ALA B 109 17.59 4.47 0.47
N SER B 110 18.26 3.96 1.50
CA SER B 110 18.74 2.59 1.47
C SER B 110 17.58 1.60 1.49
N LEU B 111 16.60 1.83 2.37
CA LEU B 111 15.44 0.94 2.42
C LEU B 111 14.65 0.99 1.11
N ALA B 112 14.57 2.18 0.50
CA ALA B 112 13.93 2.30 -0.80
C ALA B 112 14.69 1.48 -1.85
N ALA B 113 16.02 1.55 -1.85
CA ALA B 113 16.80 0.77 -2.79
C ALA B 113 16.62 -0.73 -2.53
N GLU B 114 16.50 -1.11 -1.27
CA GLU B 114 16.24 -2.52 -0.95
C GLU B 114 14.87 -2.95 -1.43
N LYS B 115 13.87 -2.08 -1.32
CA LYS B 115 12.51 -2.45 -1.70
C LYS B 115 12.37 -2.57 -3.22
N ALA B 116 13.06 -1.71 -3.96
CA ALA B 116 12.92 -1.65 -5.42
C ALA B 116 14.28 -1.39 -6.05
N PRO B 117 15.12 -2.43 -6.18
CA PRO B 117 16.48 -2.22 -6.71
C PRO B 117 16.54 -1.85 -8.18
N GLU B 118 15.50 -2.13 -8.92
CA GLU B 118 15.51 -1.78 -10.30
C GLU B 118 15.28 -0.31 -10.56
N LEU B 119 14.88 0.45 -9.55
CA LEU B 119 14.62 1.87 -9.65
C LEU B 119 15.85 2.73 -9.41
N VAL B 120 16.98 2.13 -9.06
CA VAL B 120 18.20 2.87 -8.78
C VAL B 120 19.33 2.22 -9.57
N ASP B 121 20.11 3.06 -10.28
CA ASP B 121 21.29 2.58 -10.99
C ASP B 121 22.58 2.86 -10.25
N HIS B 122 22.56 3.77 -9.27
CA HIS B 122 23.74 4.09 -8.48
C HIS B 122 23.29 4.80 -7.21
N LEU B 123 23.86 4.39 -6.09
CA LEU B 123 23.57 5.00 -4.80
C LEU B 123 24.75 5.88 -4.39
N VAL B 124 24.46 7.11 -3.98
CA VAL B 124 25.49 8.03 -3.49
C VAL B 124 25.15 8.39 -2.06
N TYR B 125 26.08 8.15 -1.15
CA TYR B 125 25.94 8.48 0.26
C TYR B 125 26.81 9.68 0.56
N LEU B 126 26.18 10.84 0.79
CA LEU B 126 26.89 12.09 1.05
C LEU B 126 26.87 12.30 2.56
N ALA B 127 27.93 11.85 3.23
CA ALA B 127 28.00 11.84 4.69
C ALA B 127 26.70 11.29 5.27
N ALA B 128 26.20 10.21 4.68
CA ALA B 128 24.87 9.70 4.97
C ALA B 128 24.94 8.36 5.70
N PHE B 129 23.84 8.04 6.39
CA PHE B 129 23.73 6.79 7.13
C PHE B 129 23.70 5.61 6.16
N VAL B 130 24.60 4.65 6.38
CA VAL B 130 24.63 3.38 5.65
C VAL B 130 24.21 2.29 6.63
N PRO B 131 23.05 1.65 6.45
CA PRO B 131 22.53 0.71 7.45
C PRO B 131 22.93 -0.75 7.26
N ALA B 132 23.93 -1.04 6.43
CA ALA B 132 24.25 -2.44 6.10
C ALA B 132 24.67 -3.22 7.33
N ALA B 133 25.61 -2.68 8.12
CA ALA B 133 26.17 -3.40 9.26
C ALA B 133 25.49 -3.06 10.58
N ARG B 134 24.90 -1.88 10.71
CA ARG B 134 24.14 -1.51 11.90
C ARG B 134 22.81 -0.92 11.42
N PRO B 135 21.68 -1.48 11.84
CA PRO B 135 20.39 -1.08 11.22
C PRO B 135 19.87 0.27 11.67
N ARG B 136 20.36 0.82 12.78
CA ARG B 136 19.86 2.07 13.32
C ARG B 136 20.93 3.14 13.22
N PHE B 137 20.52 4.36 12.84
CA PHE B 137 21.46 5.45 12.73
C PHE B 137 22.12 5.75 14.08
N THR B 138 21.36 5.62 15.17
CA THR B 138 21.93 5.84 16.49
C THR B 138 23.03 4.84 16.83
N ASP B 139 23.07 3.69 16.14
CA ASP B 139 24.19 2.77 16.35
C ASP B 139 25.52 3.40 15.95
N TYR B 140 25.48 4.32 14.99
CA TYR B 140 26.68 5.05 14.58
C TYR B 140 26.80 6.41 15.25
N ILE B 141 25.68 7.08 15.52
CA ILE B 141 25.74 8.40 16.15
C ILE B 141 26.30 8.29 17.56
N ASN B 142 25.97 7.21 18.27
CA ASN B 142 26.43 6.97 19.64
C ASN B 142 27.68 6.10 19.70
N ALA B 143 28.28 5.79 18.56
CA ALA B 143 29.51 5.01 18.56
C ALA B 143 30.66 5.87 19.07
N PRO B 144 31.69 5.25 19.65
CA PRO B 144 32.84 6.03 20.14
C PRO B 144 33.53 6.81 19.03
N GLU B 145 33.47 6.33 17.79
CA GLU B 145 34.06 7.02 16.67
C GLU B 145 33.39 8.37 16.38
N ASN B 146 32.23 8.63 16.97
CA ASN B 146 31.48 9.85 16.71
C ASN B 146 31.51 10.84 17.87
N ALA B 147 32.37 10.60 18.87
CA ALA B 147 32.35 11.43 20.07
C ALA B 147 32.81 12.85 19.83
N ASP B 148 33.48 13.14 18.72
CA ASP B 148 34.11 14.43 18.48
C ASP B 148 33.19 15.44 17.82
N VAL B 149 31.97 15.05 17.43
CA VAL B 149 31.10 15.97 16.71
C VAL B 149 30.66 17.10 17.63
N VAL B 150 30.14 18.16 17.02
CA VAL B 150 29.46 19.21 17.78
C VAL B 150 28.14 18.65 18.27
N ALA B 151 27.95 18.66 19.59
CA ALA B 151 26.74 18.09 20.17
C ALA B 151 25.53 18.93 19.78
N LEU B 152 24.59 18.32 19.08
CA LEU B 152 23.36 19.01 18.72
C LEU B 152 22.45 19.12 19.94
N PRO B 153 21.79 20.27 20.13
CA PRO B 153 20.90 20.44 21.29
C PRO B 153 19.52 19.82 21.08
N ILE B 154 19.50 18.51 20.83
CA ILE B 154 18.24 17.81 20.61
C ILE B 154 17.47 17.72 21.93
N PHE B 155 16.15 17.94 21.85
CA PHE B 155 15.32 17.94 23.05
C PHE B 155 15.32 16.56 23.71
N SER B 156 15.19 16.57 25.04
CA SER B 156 15.23 15.32 25.80
C SER B 156 13.98 14.48 25.55
N ASP B 157 14.14 13.17 25.71
CA ASP B 157 13.07 12.18 25.55
C ASP B 157 12.46 12.24 24.15
N PRO B 158 13.21 11.92 23.10
CA PRO B 158 12.61 11.97 21.76
C PRO B 158 11.54 10.92 21.55
N ALA B 159 11.60 9.79 22.27
CA ALA B 159 10.59 8.76 22.10
C ALA B 159 9.23 9.23 22.60
N ASN B 160 9.19 9.97 23.71
CA ASN B 160 7.92 10.45 24.22
C ASN B 160 7.36 11.57 23.34
N LEU B 161 8.24 12.41 22.80
CA LEU B 161 7.79 13.46 21.88
C LEU B 161 7.40 12.90 20.52
N GLY B 162 7.91 11.73 20.16
CA GLY B 162 7.68 11.23 18.82
C GLY B 162 8.52 11.90 17.77
N ALA B 163 9.60 12.58 18.17
CA ALA B 163 10.46 13.26 17.23
C ALA B 163 11.76 13.62 17.93
N HIS B 164 12.82 13.78 17.13
CA HIS B 164 14.05 14.42 17.58
C HIS B 164 13.94 15.91 17.28
N ARG B 165 13.78 16.71 18.32
CA ARG B 165 13.40 18.11 18.18
C ARG B 165 14.63 19.00 18.28
N LEU B 166 14.76 19.92 17.32
CA LEU B 166 15.77 20.98 17.34
C LEU B 166 15.04 22.32 17.33
N ASN B 167 15.68 23.33 17.91
CA ASN B 167 15.08 24.66 18.06
C ASN B 167 16.02 25.74 17.56
N PRO B 168 16.15 25.90 16.24
CA PRO B 168 16.97 27.01 15.71
C PRO B 168 16.37 28.39 15.98
N LEU B 169 15.09 28.47 16.33
CA LEU B 169 14.45 29.73 16.69
C LEU B 169 14.59 30.06 18.17
N SER B 170 15.50 29.39 18.88
CA SER B 170 15.64 29.58 20.32
C SER B 170 16.27 30.93 20.63
N SER B 171 15.85 31.50 21.77
CA SER B 171 16.43 32.75 22.25
C SER B 171 17.79 32.57 22.91
N ASP B 172 18.23 31.32 23.11
CA ASP B 172 19.55 31.03 23.65
C ASP B 172 20.55 31.01 22.50
N ALA B 173 21.41 32.02 22.44
CA ALA B 173 22.36 32.12 21.33
C ALA B 173 23.33 30.95 21.31
N ILE B 174 23.67 30.40 22.49
CA ILE B 174 24.57 29.25 22.54
C ILE B 174 23.90 28.03 21.93
N GLU B 175 22.60 27.85 22.19
CA GLU B 175 21.87 26.74 21.58
C GLU B 175 21.83 26.88 20.07
N VAL B 176 21.54 28.08 19.57
CA VAL B 176 21.49 28.31 18.12
C VAL B 176 22.87 28.13 17.51
N ASP B 177 23.91 28.63 18.18
CA ASP B 177 25.26 28.53 17.64
C ASP B 177 25.72 27.08 17.55
N ALA B 178 25.22 26.20 18.42
CA ALA B 178 25.59 24.79 18.35
C ALA B 178 25.01 24.14 17.10
N ILE B 179 23.78 24.52 16.73
CA ILE B 179 23.22 24.04 15.47
C ILE B 179 24.04 24.56 14.30
N ARG B 180 24.47 25.82 14.38
CA ARG B 180 25.26 26.41 13.30
C ARG B 180 26.62 25.74 13.20
N ARG B 181 27.30 25.52 14.32
CA ARG B 181 28.62 24.92 14.30
C ARG B 181 28.58 23.47 13.85
N ALA B 182 27.45 22.78 14.01
CA ALA B 182 27.35 21.40 13.59
C ALA B 182 27.10 21.29 12.09
N PHE B 183 26.11 22.01 11.57
CA PHE B 183 25.72 21.89 10.17
C PHE B 183 26.48 22.84 9.26
N LEU B 184 26.74 24.07 9.72
CA LEU B 184 27.32 25.08 8.85
C LEU B 184 28.61 25.64 9.45
N THR B 185 29.57 24.76 9.70
CA THR B 185 30.82 25.16 10.36
C THR B 185 31.59 26.20 9.56
N ASP B 186 31.53 26.13 8.24
CA ASP B 186 32.31 27.00 7.37
C ASP B 186 31.57 28.28 6.99
N PRO B 188 30.51 31.93 6.53
CA PRO B 188 31.22 33.22 6.60
C PRO B 188 30.81 34.00 7.84
N PRO B 189 31.63 34.97 8.26
CA PRO B 189 31.38 35.61 9.56
C PRO B 189 30.13 36.46 9.59
N ASP B 190 29.79 37.15 8.51
CA ASP B 190 28.64 38.05 8.52
C ASP B 190 27.53 37.54 7.61
N ALA B 191 27.17 36.27 7.76
CA ALA B 191 26.19 35.66 6.89
C ALA B 191 24.77 35.97 7.35
N PRO B 192 23.79 35.91 6.44
CA PRO B 192 22.40 36.16 6.84
C PRO B 192 21.85 35.07 7.74
N GLU B 193 20.74 35.40 8.39
CA GLU B 193 20.09 34.52 9.35
C GLU B 193 18.97 33.67 8.76
N GLY B 194 18.72 33.79 7.45
CA GLY B 194 17.57 33.10 6.87
C GLY B 194 17.57 31.61 7.12
N TRP B 195 18.75 30.99 7.18
CA TRP B 195 18.83 29.55 7.36
C TRP B 195 18.13 29.09 8.64
N ARG B 196 18.02 29.97 9.64
CA ARG B 196 17.46 29.57 10.92
C ARG B 196 15.99 29.16 10.78
N HIS B 197 15.21 29.94 10.04
CA HIS B 197 13.80 29.61 9.86
C HIS B 197 13.54 28.74 8.64
N LEU B 198 14.58 28.33 7.91
CA LEU B 198 14.42 27.39 6.82
C LEU B 198 14.67 25.94 7.26
N LEU B 199 15.01 25.73 8.52
CA LEU B 199 15.12 24.39 9.07
C LEU B 199 13.78 23.96 9.68
N HIS B 200 13.60 22.64 9.81
CA HIS B 200 12.40 22.18 10.49
C HIS B 200 12.74 21.72 11.89
N PRO B 201 11.91 22.04 12.88
CA PRO B 201 12.24 21.65 14.27
C PRO B 201 12.15 20.15 14.52
N ASP B 202 11.16 19.48 13.94
CA ASP B 202 10.89 18.08 14.27
C ASP B 202 11.42 17.17 13.17
N GLU B 203 12.28 16.25 13.53
CA GLU B 203 12.64 15.12 12.70
C GLU B 203 11.91 13.89 13.22
N PRO B 204 11.25 13.11 12.37
CA PRO B 204 10.53 11.94 12.86
C PRO B 204 11.42 11.03 13.69
N TYR B 205 10.85 10.48 14.77
CA TYR B 205 11.62 9.64 15.67
C TYR B 205 12.23 8.46 14.92
N ALA B 206 11.48 7.88 13.98
CA ALA B 206 11.95 6.71 13.26
C ALA B 206 13.18 7.02 12.41
N SER B 207 13.36 8.28 12.01
CA SER B 207 14.45 8.63 11.10
C SER B 207 15.80 8.25 11.69
N LEU B 208 16.03 8.58 12.96
CA LEU B 208 17.30 8.26 13.60
C LEU B 208 17.27 6.96 14.39
N SER B 209 16.09 6.47 14.78
CA SER B 209 15.99 5.38 15.74
C SER B 209 15.45 4.08 15.17
N ALA B 210 14.72 4.12 14.05
CA ALA B 210 14.14 2.89 13.55
C ALA B 210 15.18 2.07 12.78
N PRO B 211 15.04 0.74 12.78
CA PRO B 211 15.98 -0.09 12.03
C PRO B 211 15.68 -0.10 10.54
N VAL B 212 16.74 -0.12 9.74
CA VAL B 212 16.64 -0.13 8.29
C VAL B 212 17.27 -1.42 7.78
N PRO B 213 16.45 -2.41 7.41
CA PRO B 213 17.00 -3.71 7.00
C PRO B 213 17.26 -3.80 5.51
N VAL B 214 18.54 -3.92 5.13
CA VAL B 214 18.95 -4.14 3.75
C VAL B 214 19.76 -5.43 3.70
N THR B 215 19.78 -6.04 2.52
CA THR B 215 20.46 -7.32 2.32
C THR B 215 21.54 -7.19 1.25
N PRO B 216 22.58 -8.04 1.31
CA PRO B 216 23.66 -7.95 0.32
C PRO B 216 23.25 -8.36 -1.10
N ARG B 217 22.17 -9.12 -1.27
CA ARG B 217 21.77 -9.56 -2.60
C ARG B 217 20.74 -8.65 -3.24
N ARG B 218 20.25 -7.63 -2.53
CA ARG B 218 19.40 -6.61 -3.12
C ARG B 218 20.11 -5.26 -3.10
N TRP B 219 20.04 -4.57 -1.96
CA TRP B 219 20.78 -3.32 -1.80
C TRP B 219 22.27 -3.50 -2.09
N GLY B 220 22.83 -4.64 -1.69
CA GLY B 220 24.26 -4.86 -1.78
C GLY B 220 24.79 -5.00 -3.19
N ARG B 221 23.92 -5.19 -4.19
CA ARG B 221 24.36 -5.36 -5.57
C ARG B 221 24.25 -4.10 -6.40
N ILE B 222 23.74 -3.01 -5.82
CA ILE B 222 23.65 -1.75 -6.56
C ILE B 222 25.00 -1.04 -6.49
N PRO B 223 25.55 -0.58 -7.62
CA PRO B 223 26.76 0.24 -7.57
C PRO B 223 26.54 1.43 -6.65
N ARG B 224 27.54 1.73 -5.83
CA ARG B 224 27.35 2.76 -4.83
C ARG B 224 28.65 3.51 -4.57
N THR B 225 28.50 4.74 -4.12
CA THR B 225 29.61 5.63 -3.81
C THR B 225 29.32 6.31 -2.48
N TYR B 226 30.39 6.54 -1.71
CA TYR B 226 30.32 7.34 -0.50
C TYR B 226 31.17 8.59 -0.70
N ILE B 227 30.60 9.75 -0.37
CA ILE B 227 31.32 11.01 -0.42
C ILE B 227 31.57 11.45 1.02
N ARG B 228 32.80 11.31 1.48
CA ARG B 228 33.16 11.71 2.83
C ARG B 228 33.42 13.21 2.87
N LEU B 229 32.94 13.86 3.93
CA LEU B 229 33.14 15.28 4.16
C LEU B 229 34.18 15.42 5.27
N ASP B 230 35.38 15.90 4.91
CA ASP B 230 36.53 15.82 5.80
C ASP B 230 36.48 16.82 6.94
N GLY B 231 35.75 17.92 6.80
CA GLY B 231 35.62 18.87 7.89
C GLY B 231 34.27 18.81 8.56
N ASP B 232 33.66 17.62 8.56
CA ASP B 232 32.32 17.46 9.12
C ASP B 232 32.36 17.50 10.63
N ARG B 233 31.54 18.37 11.22
CA ARG B 233 31.41 18.48 12.67
C ARG B 233 30.04 18.01 13.16
N ALA B 234 29.21 17.48 12.27
CA ALA B 234 27.93 16.87 12.63
C ALA B 234 27.99 15.36 12.63
N LEU B 235 28.66 14.77 11.63
CA LEU B 235 28.91 13.34 11.55
C LEU B 235 30.41 13.17 11.35
N ALA B 236 31.08 12.59 12.34
CA ALA B 236 32.54 12.57 12.33
C ALA B 236 33.06 11.84 11.08
N PRO B 237 34.09 12.37 10.43
CA PRO B 237 34.70 11.64 9.31
C PRO B 237 35.16 10.24 9.71
N THR B 238 35.59 10.05 10.95
CA THR B 238 35.92 8.71 11.43
C THR B 238 34.68 7.82 11.41
N THR B 239 33.53 8.35 11.80
CA THR B 239 32.29 7.59 11.72
C THR B 239 31.92 7.27 10.28
N GLN B 240 32.21 8.18 9.35
CA GLN B 240 31.92 7.93 7.95
C GLN B 240 32.80 6.82 7.40
N ASN B 241 34.09 6.84 7.73
CA ASN B 241 34.98 5.76 7.31
C ASN B 241 34.57 4.43 7.93
N LEU B 242 34.11 4.45 9.18
CA LEU B 242 33.68 3.21 9.83
C LEU B 242 32.49 2.60 9.11
N ILE B 244 31.73 3.01 5.98
CA ILE B 244 32.21 2.50 4.70
C ILE B 244 32.82 1.12 4.88
N ALA B 245 33.74 0.98 5.84
CA ALA B 245 34.45 -0.29 6.03
C ALA B 245 33.49 -1.39 6.46
N GLU B 246 32.63 -1.11 7.43
CA GLU B 246 31.70 -2.14 7.92
C GLU B 246 30.73 -2.57 6.83
N ALA B 247 30.29 -1.64 5.98
CA ALA B 247 29.38 -1.99 4.90
C ALA B 247 30.09 -2.77 3.79
N ASP B 248 31.38 -2.48 3.56
CA ASP B 248 32.12 -3.18 2.51
C ASP B 248 32.36 -4.64 2.86
N ARG B 249 32.48 -4.96 4.15
CA ARG B 249 32.68 -6.36 4.54
C ARG B 249 31.48 -7.22 4.20
N LEU B 250 30.28 -6.65 4.22
CA LEU B 250 29.08 -7.42 3.90
C LEU B 250 28.83 -7.53 2.40
N THR B 251 29.59 -6.83 1.56
CA THR B 251 29.44 -6.88 0.11
C THR B 251 30.82 -6.95 -0.53
N PRO B 252 31.54 -8.06 -0.36
CA PRO B 252 32.91 -8.14 -0.89
C PRO B 252 32.98 -8.09 -2.40
N ASP B 253 31.92 -8.47 -3.11
CA ASP B 253 31.89 -8.38 -4.56
C ASP B 253 31.53 -6.98 -5.07
N ASN B 254 31.04 -6.10 -4.21
CA ASN B 254 30.59 -4.77 -4.62
C ASN B 254 30.96 -3.77 -3.53
N PRO B 255 32.24 -3.42 -3.42
CA PRO B 255 32.66 -2.47 -2.39
C PRO B 255 32.30 -1.03 -2.77
N PHE B 256 32.33 -0.18 -1.74
CA PHE B 256 32.06 1.24 -1.92
C PHE B 256 33.09 1.88 -2.83
N GLY B 257 32.62 2.73 -3.75
CA GLY B 257 33.47 3.76 -4.30
C GLY B 257 33.52 4.93 -3.34
N VAL B 258 34.72 5.46 -3.13
CA VAL B 258 34.97 6.45 -2.08
C VAL B 258 35.49 7.72 -2.71
N ARG B 259 34.74 8.80 -2.55
CA ARG B 259 35.15 10.15 -2.93
C ARG B 259 35.17 11.05 -1.70
N SER B 260 35.69 12.26 -1.87
CA SER B 260 35.91 13.13 -0.73
C SER B 260 35.68 14.58 -1.12
N LEU B 261 35.26 15.37 -0.13
CA LEU B 261 35.15 16.81 -0.22
C LEU B 261 35.64 17.38 1.10
N PRO B 262 36.37 18.49 1.08
CA PRO B 262 36.71 19.18 2.32
C PRO B 262 35.51 20.00 2.80
N GLY B 263 35.61 20.48 4.03
CA GLY B 263 34.60 21.37 4.56
C GLY B 263 33.53 20.67 5.36
N ASP B 264 32.49 21.43 5.68
CA ASP B 264 31.53 21.05 6.71
C ASP B 264 30.47 20.09 6.17
N HIS B 265 29.45 19.85 7.00
CA HIS B 265 28.39 18.89 6.73
C HIS B 265 27.43 19.32 5.63
N SER B 266 27.50 20.56 5.16
CA SER B 266 26.54 21.12 4.21
C SER B 266 27.24 21.57 2.94
N PRO B 267 27.78 20.63 2.15
CA PRO B 267 28.44 21.05 0.90
C PRO B 267 27.47 21.55 -0.14
N VAL B 269 25.34 23.61 0.35
CA VAL B 269 25.21 25.03 0.69
C VAL B 269 26.50 25.79 0.46
N HIS B 270 27.63 25.24 0.93
CA HIS B 270 28.89 25.97 0.92
C HIS B 270 29.84 25.56 -0.20
N ARG B 271 29.65 24.39 -0.80
CA ARG B 271 30.49 24.00 -1.92
C ARG B 271 29.65 23.38 -3.04
N PRO B 272 28.57 24.03 -3.49
CA PRO B 272 27.66 23.37 -4.44
C PRO B 272 28.30 23.12 -5.80
N GLY B 273 29.33 23.88 -6.17
CA GLY B 273 30.00 23.65 -7.43
C GLY B 273 30.79 22.36 -7.45
N GLU B 274 31.71 22.19 -6.49
CA GLU B 274 32.51 20.98 -6.47
C GLU B 274 31.68 19.75 -6.12
N LEU B 275 30.61 19.91 -5.34
CA LEU B 275 29.71 18.79 -5.10
C LEU B 275 29.03 18.35 -6.39
N ALA B 276 28.54 19.32 -7.17
CA ALA B 276 27.92 18.98 -8.44
C ALA B 276 28.92 18.39 -9.43
N ASP B 277 30.17 18.84 -9.39
CA ASP B 277 31.20 18.25 -10.24
C ASP B 277 31.46 16.80 -9.85
N LEU B 278 31.42 16.50 -8.55
CA LEU B 278 31.60 15.13 -8.09
C LEU B 278 30.46 14.24 -8.56
N LEU B 279 29.22 14.68 -8.34
CA LEU B 279 28.06 13.87 -8.70
C LEU B 279 27.97 13.66 -10.21
N ALA B 280 28.27 14.71 -10.99
CA ALA B 280 28.23 14.57 -12.44
C ALA B 280 29.29 13.60 -12.95
N GLY B 281 30.39 13.46 -12.22
CA GLY B 281 31.44 12.54 -12.57
C GLY B 281 31.26 11.13 -12.06
N ILE B 282 30.15 10.86 -11.38
CA ILE B 282 29.86 9.53 -10.89
C ILE B 282 29.08 8.76 -11.96
N ASN C 6 -16.22 15.83 -5.59
CA ASN C 6 -16.37 14.98 -6.76
C ASN C 6 -17.06 13.67 -6.38
N SER C 7 -17.32 13.49 -5.08
CA SER C 7 -17.89 12.22 -4.61
C SER C 7 -19.28 11.99 -5.19
N GLY C 8 -20.08 13.05 -5.32
CA GLY C 8 -21.40 12.93 -5.89
C GLY C 8 -21.55 13.65 -7.22
N THR C 9 -20.50 13.62 -8.04
CA THR C 9 -20.47 14.31 -9.33
C THR C 9 -20.51 13.28 -10.44
N LEU C 10 -21.40 13.49 -11.41
CA LEU C 10 -21.51 12.65 -12.59
C LEU C 10 -21.36 13.49 -13.84
N ALA C 11 -20.50 13.04 -14.76
CA ALA C 11 -20.31 13.70 -16.05
C ALA C 11 -21.04 12.90 -17.12
N VAL C 12 -22.00 13.54 -17.79
CA VAL C 12 -22.72 12.95 -18.90
C VAL C 12 -22.07 13.42 -20.19
N LEU C 13 -21.53 12.47 -20.97
CA LEU C 13 -20.70 12.78 -22.13
C LEU C 13 -21.49 12.56 -23.41
N VAL C 14 -21.52 13.58 -24.27
CA VAL C 14 -22.22 13.53 -25.55
C VAL C 14 -21.18 13.62 -26.66
N HIS C 15 -21.08 12.57 -27.46
CA HIS C 15 -20.10 12.47 -28.53
C HIS C 15 -20.42 13.47 -29.65
N GLY C 16 -19.48 13.56 -30.60
CA GLY C 16 -19.64 14.40 -31.76
C GLY C 16 -20.13 13.63 -32.98
N ALA C 17 -20.11 14.32 -34.12
CA ALA C 17 -20.60 13.74 -35.36
C ALA C 17 -19.73 12.57 -35.81
N TRP C 18 -20.38 11.52 -36.30
CA TRP C 18 -19.79 10.28 -36.80
C TRP C 18 -19.11 9.46 -35.71
N HIS C 19 -19.11 9.92 -34.46
CA HIS C 19 -18.49 9.21 -33.35
C HIS C 19 -19.57 8.51 -32.52
N SER C 20 -19.18 7.94 -31.40
CA SER C 20 -20.12 7.26 -30.51
C SER C 20 -19.60 7.34 -29.09
N SER C 21 -20.32 6.66 -28.18
CA SER C 21 -19.89 6.61 -26.78
C SER C 21 -18.55 5.91 -26.62
N LEU C 22 -18.17 5.06 -27.59
CA LEU C 22 -16.93 4.30 -27.49
C LEU C 22 -15.72 5.22 -27.39
N HIS C 23 -15.77 6.36 -28.09
CA HIS C 23 -14.61 7.25 -28.10
C HIS C 23 -14.36 7.90 -26.75
N TRP C 24 -15.34 7.89 -25.85
CA TRP C 24 -15.18 8.43 -24.51
C TRP C 24 -14.57 7.43 -23.51
N ALA C 25 -14.34 6.19 -23.93
CA ALA C 25 -14.01 5.13 -22.97
C ALA C 25 -12.75 5.46 -22.18
N ALA C 26 -11.71 5.95 -22.85
CA ALA C 26 -10.45 6.23 -22.15
C ALA C 26 -10.60 7.42 -21.20
N ALA C 27 -11.39 8.43 -21.58
CA ALA C 27 -11.60 9.57 -20.69
C ALA C 27 -12.45 9.18 -19.49
N GLN C 28 -13.39 8.25 -19.66
CA GLN C 28 -14.20 7.78 -18.53
C GLN C 28 -13.32 7.10 -17.48
N ARG C 29 -12.29 6.37 -17.92
CA ARG C 29 -11.37 5.77 -16.97
C ARG C 29 -10.58 6.83 -16.23
N GLY C 30 -10.13 7.88 -16.93
CA GLY C 30 -9.43 8.97 -16.28
C GLY C 30 -10.31 9.68 -15.27
N LEU C 31 -11.60 9.81 -15.56
CA LEU C 31 -12.51 10.46 -14.62
C LEU C 31 -12.71 9.63 -13.37
N ALA C 32 -12.81 8.30 -13.53
CA ALA C 32 -12.94 7.43 -12.36
C ALA C 32 -11.70 7.49 -11.49
N ARG C 33 -10.52 7.66 -12.10
CA ARG C 33 -9.28 7.85 -11.34
C ARG C 33 -9.39 9.05 -10.41
N ARG C 34 -10.17 10.06 -10.78
CA ARG C 34 -10.37 11.24 -9.96
C ARG C 34 -11.68 11.20 -9.17
N GLY C 35 -12.33 10.05 -9.10
CA GLY C 35 -13.55 9.91 -8.34
C GLY C 35 -14.77 10.51 -8.99
N VAL C 36 -14.75 10.74 -10.30
CA VAL C 36 -15.87 11.30 -11.03
C VAL C 36 -16.50 10.17 -11.84
N ALA C 37 -17.73 9.80 -11.47
CA ALA C 37 -18.49 8.87 -12.27
C ALA C 37 -18.90 9.52 -13.59
N SER C 38 -19.12 8.70 -14.60
CA SER C 38 -19.46 9.24 -15.91
C SER C 38 -20.18 8.18 -16.73
N ILE C 39 -21.13 8.64 -17.54
CA ILE C 39 -21.78 7.81 -18.54
C ILE C 39 -21.72 8.54 -19.87
N ALA C 40 -21.68 7.76 -20.95
CA ALA C 40 -21.60 8.30 -22.30
C ALA C 40 -22.89 7.97 -23.03
N VAL C 41 -23.56 8.99 -23.55
CA VAL C 41 -24.82 8.81 -24.27
C VAL C 41 -24.52 8.48 -25.72
N ASP C 42 -25.29 7.56 -26.29
CA ASP C 42 -25.25 7.27 -27.71
C ASP C 42 -26.46 7.94 -28.35
N LEU C 43 -26.22 9.05 -29.05
CA LEU C 43 -27.30 9.74 -29.74
C LEU C 43 -27.91 8.83 -30.80
N PRO C 44 -29.20 9.01 -31.12
CA PRO C 44 -29.83 8.18 -32.15
C PRO C 44 -29.00 8.11 -33.42
N GLY C 45 -28.77 6.89 -33.90
CA GLY C 45 -27.96 6.66 -35.07
C GLY C 45 -26.49 6.40 -34.79
N HIS C 46 -26.12 6.18 -33.54
CA HIS C 46 -24.73 5.95 -33.18
C HIS C 46 -24.66 4.80 -32.19
N GLY C 47 -23.47 4.22 -32.07
CA GLY C 47 -23.26 3.10 -31.17
C GLY C 47 -23.52 1.76 -31.83
N LEU C 48 -23.65 0.73 -30.98
CA LEU C 48 -23.94 -0.63 -31.45
C LEU C 48 -25.23 -0.69 -32.26
N ASP C 49 -26.07 0.31 -32.14
CA ASP C 49 -27.45 0.28 -32.60
C ASP C 49 -27.63 1.06 -33.90
N ALA C 50 -26.54 1.64 -34.42
CA ALA C 50 -26.59 2.46 -35.61
C ALA C 50 -26.71 1.61 -36.88
N PRO C 51 -27.25 2.17 -37.96
CA PRO C 51 -27.29 1.43 -39.23
C PRO C 51 -26.11 1.79 -40.13
N VAL C 52 -26.04 1.13 -41.29
CA VAL C 52 -25.12 1.51 -42.36
C VAL C 52 -25.84 1.40 -43.69
N PRO C 53 -25.39 2.16 -44.69
CA PRO C 53 -25.93 1.98 -46.04
C PRO C 53 -25.71 0.56 -46.52
N SER C 54 -26.65 0.06 -47.33
CA SER C 54 -26.65 -1.34 -47.71
C SER C 54 -25.33 -1.77 -48.36
N GLY C 55 -24.65 -0.86 -49.04
CA GLY C 55 -23.40 -1.16 -49.68
C GLY C 55 -22.16 -0.77 -48.91
N TYR C 56 -22.29 -0.28 -47.69
CA TYR C 56 -21.12 0.23 -46.95
C TYR C 56 -20.07 -0.85 -46.75
N LEU C 57 -20.49 -2.07 -46.42
CA LEU C 57 -19.57 -3.16 -46.14
C LEU C 57 -19.42 -4.11 -47.32
N THR C 58 -19.75 -3.66 -48.52
CA THR C 58 -19.67 -4.46 -49.73
C THR C 58 -18.59 -3.89 -50.65
N ALA C 59 -17.79 -4.78 -51.25
CA ALA C 59 -16.73 -4.35 -52.16
C ALA C 59 -17.30 -3.44 -53.24
N GLY C 60 -16.56 -2.36 -53.54
CA GLY C 60 -17.04 -1.33 -54.43
C GLY C 60 -18.05 -0.38 -53.82
N GLN C 61 -18.64 -0.74 -52.69
CA GLN C 61 -19.59 0.09 -51.97
C GLN C 61 -20.69 0.67 -52.87
N PRO C 62 -21.50 -0.18 -53.50
CA PRO C 62 -22.49 0.32 -54.45
C PRO C 62 -23.59 1.11 -53.75
N GLY C 63 -24.04 2.17 -54.42
CA GLY C 63 -25.11 3.01 -53.94
C GLY C 63 -24.74 3.97 -52.84
N LEU C 64 -23.47 3.98 -52.39
CA LEU C 64 -23.08 4.79 -51.25
C LEU C 64 -23.34 6.28 -51.49
N GLU C 65 -23.16 6.75 -52.73
CA GLU C 65 -23.32 8.16 -53.02
C GLU C 65 -24.78 8.59 -53.15
N THR C 66 -25.70 7.64 -53.37
CA THR C 66 -27.09 7.96 -53.65
C THR C 66 -28.08 7.39 -52.65
N GLU C 67 -27.73 6.32 -51.93
CA GLU C 67 -28.70 5.66 -51.06
C GLU C 67 -29.17 6.59 -49.95
N LYS C 68 -30.49 6.62 -49.73
CA LYS C 68 -31.06 7.45 -48.69
C LYS C 68 -30.71 6.90 -47.31
N SER C 69 -30.31 7.81 -46.41
CA SER C 69 -29.88 7.41 -45.08
C SER C 69 -31.07 7.02 -44.21
N ALA C 70 -30.90 5.98 -43.41
CA ALA C 70 -31.91 5.60 -42.43
C ALA C 70 -32.07 6.63 -41.33
N LEU C 71 -31.19 7.63 -41.25
CA LEU C 71 -31.28 8.69 -40.27
C LEU C 71 -31.92 9.95 -40.83
N ALA C 72 -32.59 9.86 -41.98
CA ALA C 72 -33.14 11.04 -42.63
C ALA C 72 -34.30 11.66 -41.85
N ASP C 73 -34.98 10.87 -41.02
CA ASP C 73 -36.13 11.36 -40.26
C ASP C 73 -35.77 11.75 -38.83
N ILE C 74 -34.49 11.70 -38.47
CA ILE C 74 -34.07 12.10 -37.13
C ILE C 74 -34.06 13.62 -37.05
N THR C 75 -34.82 14.17 -36.11
CA THR C 75 -34.91 15.60 -35.91
C THR C 75 -33.95 16.04 -34.80
N ASP C 77 -34.84 17.66 -32.28
CA ASP C 77 -35.54 17.37 -31.04
C ASP C 77 -35.35 15.92 -30.62
N ASP C 78 -35.31 14.99 -31.58
CA ASP C 78 -35.05 13.60 -31.26
C ASP C 78 -33.68 13.45 -30.61
N LEU C 79 -32.67 14.13 -31.15
CA LEU C 79 -31.32 14.04 -30.60
C LEU C 79 -31.27 14.63 -29.19
N ALA C 80 -31.90 15.79 -28.98
CA ALA C 80 -31.88 16.42 -27.67
C ALA C 80 -32.71 15.64 -26.65
N ASP C 81 -33.78 14.99 -27.09
CA ASP C 81 -34.61 14.22 -26.16
C ASP C 81 -33.87 13.00 -25.64
N ALA C 82 -32.97 12.42 -26.44
CA ALA C 82 -32.15 11.32 -25.95
C ALA C 82 -31.25 11.78 -24.81
N VAL C 83 -30.75 13.02 -24.89
CA VAL C 83 -29.93 13.57 -23.81
C VAL C 83 -30.79 13.84 -22.59
N VAL C 84 -32.00 14.36 -22.78
CA VAL C 84 -32.90 14.62 -21.66
C VAL C 84 -33.24 13.33 -20.94
N ASP C 85 -33.45 12.25 -21.69
CA ASP C 85 -33.79 10.97 -21.08
C ASP C 85 -32.65 10.46 -20.20
N ALA C 86 -31.41 10.60 -20.66
CA ALA C 86 -30.27 10.15 -19.86
C ALA C 86 -30.08 11.02 -18.62
N LEU C 87 -30.25 12.34 -18.78
CA LEU C 87 -30.10 13.24 -17.64
C LEU C 87 -31.19 13.03 -16.60
N ALA C 88 -32.39 12.65 -17.03
CA ALA C 88 -33.47 12.44 -16.07
C ALA C 88 -33.28 11.15 -15.27
N GLU C 89 -32.72 10.12 -15.90
CA GLU C 89 -32.50 8.85 -15.20
C GLU C 89 -31.47 8.97 -14.09
N VAL C 90 -30.56 9.93 -14.17
CA VAL C 90 -29.47 10.06 -13.21
C VAL C 90 -29.63 11.23 -12.27
N ARG C 91 -30.71 12.03 -12.42
CA ARG C 91 -30.82 13.27 -11.67
C ARG C 91 -30.91 13.01 -10.16
N SER C 92 -31.66 12.00 -9.76
CA SER C 92 -31.84 11.70 -8.35
C SER C 92 -30.67 10.95 -7.72
N ARG C 93 -29.74 10.44 -8.53
CA ARG C 93 -28.63 9.65 -8.02
C ARG C 93 -27.37 10.46 -7.75
N PHE C 94 -27.28 11.67 -8.30
CA PHE C 94 -26.07 12.48 -8.18
C PHE C 94 -26.44 13.91 -7.90
N ALA C 95 -25.67 14.56 -7.02
CA ALA C 95 -25.95 15.94 -6.66
C ALA C 95 -25.47 16.93 -7.71
N ARG C 96 -24.42 16.58 -8.46
CA ARG C 96 -23.86 17.46 -9.47
C ARG C 96 -23.74 16.70 -10.78
N VAL C 97 -24.38 17.23 -11.83
CA VAL C 97 -24.40 16.59 -13.14
C VAL C 97 -23.76 17.55 -14.13
N LEU C 98 -22.63 17.13 -14.70
CA LEU C 98 -21.93 17.89 -15.73
C LEU C 98 -22.32 17.36 -17.09
N LEU C 99 -22.82 18.23 -17.97
CA LEU C 99 -23.13 17.87 -19.34
C LEU C 99 -21.95 18.28 -20.22
N VAL C 100 -21.19 17.30 -20.68
CA VAL C 100 -20.00 17.52 -21.50
C VAL C 100 -20.34 17.12 -22.92
N ALA C 101 -20.18 18.05 -23.85
CA ALA C 101 -20.47 17.81 -25.25
C ALA C 101 -19.22 18.04 -26.10
N HIS C 102 -19.08 17.25 -27.15
CA HIS C 102 -17.96 17.35 -28.07
C HIS C 102 -18.49 17.65 -29.46
N SER C 103 -17.89 18.63 -30.13
CA SER C 103 -18.10 18.88 -31.56
C SER C 103 -19.58 19.07 -31.82
N ALA C 104 -20.19 18.33 -32.76
CA ALA C 104 -21.60 18.52 -33.08
C ALA C 104 -22.53 18.18 -31.93
N GLY C 105 -22.05 17.42 -30.94
CA GLY C 105 -22.82 17.14 -29.75
C GLY C 105 -23.26 18.37 -28.98
N GLY C 106 -22.68 19.54 -29.26
CA GLY C 106 -23.10 20.76 -28.59
C GLY C 106 -24.52 21.14 -28.91
N GLY C 107 -25.01 20.76 -30.10
CA GLY C 107 -26.37 21.02 -30.49
C GLY C 107 -27.37 20.33 -29.57
N PRO C 108 -27.40 18.99 -29.61
CA PRO C 108 -28.33 18.26 -28.76
C PRO C 108 -28.15 18.53 -27.27
N ALA C 109 -26.91 18.74 -26.82
CA ALA C 109 -26.70 19.00 -25.40
C ALA C 109 -27.28 20.36 -25.00
N SER C 110 -27.10 21.38 -25.84
CA SER C 110 -27.62 22.71 -25.52
C SER C 110 -29.14 22.71 -25.49
N LEU C 111 -29.77 22.09 -26.51
CA LEU C 111 -31.22 22.03 -26.54
C LEU C 111 -31.77 21.24 -25.35
N ALA C 112 -31.06 20.19 -24.94
CA ALA C 112 -31.47 19.45 -23.75
C ALA C 112 -31.40 20.31 -22.51
N ALA C 113 -30.34 21.10 -22.37
CA ALA C 113 -30.23 22.02 -21.25
C ALA C 113 -31.33 23.08 -21.30
N GLU C 114 -31.71 23.51 -22.51
CA GLU C 114 -32.79 24.49 -22.62
C GLU C 114 -34.14 23.88 -22.26
N LYS C 115 -34.37 22.62 -22.63
CA LYS C 115 -35.64 21.97 -22.33
C LYS C 115 -35.77 21.67 -20.84
N ALA C 116 -34.67 21.29 -20.19
CA ALA C 116 -34.71 20.89 -18.78
C ALA C 116 -33.47 21.43 -18.07
N PRO C 117 -33.44 22.73 -17.77
CA PRO C 117 -32.25 23.30 -17.11
C PRO C 117 -32.02 22.76 -15.71
N GLU C 118 -33.07 22.28 -15.03
CA GLU C 118 -32.90 21.71 -13.70
C GLU C 118 -32.13 20.40 -13.71
N LEU C 119 -31.93 19.78 -14.87
CA LEU C 119 -31.21 18.51 -14.98
C LEU C 119 -29.72 18.69 -15.21
N VAL C 120 -29.24 19.92 -15.36
CA VAL C 120 -27.83 20.19 -15.66
C VAL C 120 -27.33 21.24 -14.68
N ASP C 121 -26.23 20.91 -13.99
CA ASP C 121 -25.60 21.85 -13.08
C ASP C 121 -24.41 22.58 -13.69
N HIS C 122 -23.82 22.04 -14.75
CA HIS C 122 -22.73 22.70 -15.45
C HIS C 122 -22.66 22.14 -16.87
N LEU C 123 -22.41 23.02 -17.83
CA LEU C 123 -22.26 22.67 -19.23
C LEU C 123 -20.79 22.78 -19.60
N VAL C 124 -20.24 21.74 -20.21
CA VAL C 124 -18.87 21.78 -20.73
C VAL C 124 -18.92 21.59 -22.24
N TYR C 125 -18.37 22.55 -22.98
CA TYR C 125 -18.30 22.50 -24.43
C TYR C 125 -16.87 22.20 -24.82
N LEU C 126 -16.64 21.00 -25.35
CA LEU C 126 -15.31 20.56 -25.76
C LEU C 126 -15.22 20.73 -27.28
N ALA C 127 -14.63 21.85 -27.71
CA ALA C 127 -14.59 22.24 -29.12
C ALA C 127 -15.93 21.99 -29.80
N ALA C 128 -16.99 22.40 -29.10
CA ALA C 128 -18.35 22.02 -29.44
C ALA C 128 -19.12 23.21 -29.99
N PHE C 129 -20.28 22.90 -30.57
CA PHE C 129 -21.17 23.90 -31.13
C PHE C 129 -21.94 24.58 -30.01
N VAL C 130 -21.85 25.90 -29.94
CA VAL C 130 -22.63 26.72 -29.03
C VAL C 130 -23.69 27.45 -29.85
N PRO C 131 -24.98 27.16 -29.68
CA PRO C 131 -26.00 27.74 -30.57
C PRO C 131 -26.61 29.02 -30.03
N ALA C 132 -25.91 29.70 -29.11
CA ALA C 132 -26.49 30.88 -28.48
C ALA C 132 -26.73 31.99 -29.49
N ALA C 133 -25.72 32.34 -30.27
CA ALA C 133 -25.81 33.45 -31.21
C ALA C 133 -26.18 33.03 -32.62
N ARG C 134 -25.82 31.81 -33.03
CA ARG C 134 -26.17 31.29 -34.34
C ARG C 134 -26.82 29.92 -34.15
N PRO C 135 -28.07 29.74 -34.58
CA PRO C 135 -28.79 28.51 -34.22
C PRO C 135 -28.37 27.26 -34.99
N ARG C 136 -27.66 27.39 -36.11
CA ARG C 136 -27.24 26.26 -36.92
C ARG C 136 -25.73 26.10 -36.87
N PHE C 137 -25.27 24.85 -36.78
CA PHE C 137 -23.83 24.61 -36.73
C PHE C 137 -23.14 25.08 -38.01
N THR C 138 -23.82 24.94 -39.15
CA THR C 138 -23.23 25.41 -40.40
C THR C 138 -23.04 26.92 -40.43
N ASP C 139 -23.75 27.66 -39.58
CA ASP C 139 -23.50 29.10 -39.47
C ASP C 139 -22.09 29.39 -38.99
N TYR C 140 -21.50 28.47 -38.23
CA TYR C 140 -20.11 28.60 -37.79
C TYR C 140 -19.13 27.84 -38.67
N ILE C 141 -19.53 26.68 -39.20
CA ILE C 141 -18.63 25.89 -40.05
C ILE C 141 -18.30 26.66 -41.32
N ASN C 142 -19.29 27.35 -41.90
CA ASN C 142 -19.09 28.09 -43.13
C ASN C 142 -18.68 29.54 -42.89
N ALA C 143 -18.43 29.94 -41.64
CA ALA C 143 -18.00 31.29 -41.37
C ALA C 143 -16.55 31.48 -41.79
N PRO C 144 -16.16 32.70 -42.19
CA PRO C 144 -14.77 32.94 -42.62
C PRO C 144 -13.73 32.54 -41.59
N GLU C 145 -14.08 32.59 -40.30
CA GLU C 145 -13.13 32.21 -39.26
C GLU C 145 -12.79 30.73 -39.29
N ASN C 146 -13.57 29.92 -40.01
CA ASN C 146 -13.40 28.47 -40.06
C ASN C 146 -12.78 28.01 -41.37
N ALA C 147 -12.25 28.93 -42.19
CA ALA C 147 -11.84 28.59 -43.54
C ALA C 147 -10.57 27.75 -43.59
N ASP C 148 -9.78 27.71 -42.51
CA ASP C 148 -8.49 27.03 -42.52
C ASP C 148 -8.54 25.62 -41.96
N VAL C 149 -9.73 25.04 -41.80
CA VAL C 149 -9.82 23.66 -41.32
C VAL C 149 -9.51 22.71 -42.45
N VAL C 150 -9.25 21.45 -42.11
CA VAL C 150 -9.16 20.41 -43.13
C VAL C 150 -10.55 20.10 -43.64
N ALA C 151 -10.73 20.18 -44.97
CA ALA C 151 -12.03 19.96 -45.57
C ALA C 151 -12.40 18.48 -45.51
N LEU C 152 -13.50 18.17 -44.81
CA LEU C 152 -13.95 16.78 -44.69
C LEU C 152 -14.62 16.34 -45.99
N PRO C 153 -14.35 15.11 -46.46
CA PRO C 153 -14.94 14.63 -47.72
C PRO C 153 -16.39 14.18 -47.55
N ILE C 154 -17.24 15.11 -47.13
CA ILE C 154 -18.67 14.81 -46.96
C ILE C 154 -19.32 14.66 -48.32
N PHE C 155 -20.20 13.67 -48.45
CA PHE C 155 -20.85 13.39 -49.72
C PHE C 155 -21.72 14.56 -50.16
N SER C 156 -21.89 14.70 -51.47
CA SER C 156 -22.66 15.80 -52.02
C SER C 156 -24.15 15.61 -51.75
N ASP C 157 -24.86 16.74 -51.71
CA ASP C 157 -26.31 16.81 -51.47
C ASP C 157 -26.69 16.10 -50.18
N PRO C 158 -26.23 16.59 -49.01
CA PRO C 158 -26.60 15.92 -47.75
C PRO C 158 -28.09 16.02 -47.45
N ALA C 159 -28.75 17.09 -47.91
CA ALA C 159 -30.19 17.21 -47.68
C ALA C 159 -30.95 16.11 -48.41
N ASN C 160 -30.48 15.73 -49.59
CA ASN C 160 -31.15 14.68 -50.36
C ASN C 160 -30.92 13.30 -49.74
N LEU C 161 -29.68 13.04 -49.30
CA LEU C 161 -29.39 11.77 -48.64
C LEU C 161 -30.01 11.68 -47.25
N GLY C 162 -30.34 12.83 -46.63
CA GLY C 162 -30.84 12.83 -45.27
C GLY C 162 -29.76 12.75 -44.22
N ALA C 163 -28.49 12.84 -44.60
CA ALA C 163 -27.39 12.71 -43.66
C ALA C 163 -26.15 13.35 -44.25
N HIS C 164 -25.22 13.70 -43.38
CA HIS C 164 -23.87 14.12 -43.78
C HIS C 164 -22.99 12.88 -43.75
N ARG C 165 -22.64 12.38 -44.93
CA ARG C 165 -22.06 11.05 -45.09
C ARG C 165 -20.54 11.12 -45.26
N LEU C 166 -19.83 10.36 -44.45
CA LEU C 166 -18.38 10.19 -44.57
C LEU C 166 -18.09 8.72 -44.90
N ASN C 167 -16.96 8.48 -45.55
CA ASN C 167 -16.57 7.13 -45.96
C ASN C 167 -15.14 6.85 -45.49
N PRO C 168 -14.97 6.51 -44.20
CA PRO C 168 -13.64 6.10 -43.73
C PRO C 168 -13.21 4.73 -44.22
N LEU C 169 -14.12 3.94 -44.78
CA LEU C 169 -13.78 2.65 -45.39
C LEU C 169 -13.45 2.78 -46.86
N SER C 170 -13.28 3.99 -47.37
CA SER C 170 -13.04 4.19 -48.79
C SER C 170 -11.71 3.58 -49.22
N SER C 171 -11.66 3.14 -50.48
CA SER C 171 -10.40 2.69 -51.07
C SER C 171 -9.53 3.84 -51.53
N ASP C 172 -10.04 5.08 -51.52
CA ASP C 172 -9.26 6.26 -51.85
C ASP C 172 -8.49 6.70 -50.61
N ALA C 173 -7.18 6.45 -50.61
CA ALA C 173 -6.36 6.79 -49.45
C ALA C 173 -6.37 8.29 -49.17
N ILE C 174 -6.52 9.11 -50.20
CA ILE C 174 -6.57 10.56 -50.00
C ILE C 174 -7.85 10.96 -49.28
N GLU C 175 -8.95 10.27 -49.59
CA GLU C 175 -10.21 10.52 -48.90
C GLU C 175 -10.12 10.12 -47.42
N VAL C 176 -9.49 8.98 -47.15
CA VAL C 176 -9.35 8.54 -45.76
C VAL C 176 -8.38 9.46 -45.02
N ASP C 177 -7.32 9.90 -45.70
CA ASP C 177 -6.32 10.75 -45.04
C ASP C 177 -6.91 12.12 -44.69
N ALA C 178 -7.89 12.60 -45.46
CA ALA C 178 -8.54 13.86 -45.13
C ALA C 178 -9.33 13.74 -43.83
N ILE C 179 -10.05 12.63 -43.66
CA ILE C 179 -10.74 12.37 -42.40
C ILE C 179 -9.74 12.27 -41.26
N ARG C 180 -8.64 11.56 -41.49
CA ARG C 180 -7.64 11.37 -40.43
C ARG C 180 -7.01 12.69 -40.02
N ARG C 181 -6.60 13.51 -41.00
CA ARG C 181 -5.95 14.76 -40.69
C ARG C 181 -6.89 15.74 -39.98
N ALA C 182 -8.20 15.61 -40.21
CA ALA C 182 -9.15 16.51 -39.56
C ALA C 182 -9.41 16.10 -38.12
N PHE C 183 -9.70 14.83 -37.89
CA PHE C 183 -10.06 14.36 -36.55
C PHE C 183 -8.84 13.94 -35.73
N LEU C 184 -7.89 13.24 -36.33
CA LEU C 184 -6.78 12.67 -35.58
C LEU C 184 -5.44 13.18 -36.09
N THR C 185 -5.26 14.50 -36.09
CA THR C 185 -4.05 15.11 -36.66
C THR C 185 -2.79 14.64 -35.94
N ASP C 186 -2.86 14.46 -34.63
CA ASP C 186 -1.69 14.12 -33.82
C ASP C 186 -1.44 12.62 -33.75
N PRO C 188 0.14 9.05 -34.14
CA PRO C 188 1.47 8.52 -34.43
C PRO C 188 1.58 8.03 -35.86
N PRO C 189 2.78 8.03 -36.44
CA PRO C 189 2.89 7.70 -37.86
C PRO C 189 2.53 6.26 -38.20
N ASP C 190 2.80 5.30 -37.31
CA ASP C 190 2.50 3.90 -37.54
C ASP C 190 1.48 3.37 -36.54
N ALA C 191 0.44 4.17 -36.27
CA ALA C 191 -0.58 3.79 -35.33
C ALA C 191 -1.61 2.86 -35.98
N PRO C 192 -2.29 2.04 -35.19
CA PRO C 192 -3.29 1.12 -35.77
C PRO C 192 -4.42 1.89 -36.44
N GLU C 193 -4.94 1.31 -37.52
CA GLU C 193 -6.00 1.94 -38.30
C GLU C 193 -7.37 1.38 -37.97
N GLY C 194 -7.53 0.75 -36.80
CA GLY C 194 -8.83 0.28 -36.37
C GLY C 194 -9.84 1.37 -36.18
N TRP C 195 -9.39 2.62 -36.00
CA TRP C 195 -10.29 3.76 -35.89
C TRP C 195 -11.17 3.92 -37.13
N ARG C 196 -10.76 3.35 -38.27
CA ARG C 196 -11.51 3.54 -39.51
C ARG C 196 -12.87 2.88 -39.45
N HIS C 197 -12.95 1.66 -38.92
CA HIS C 197 -14.23 0.96 -38.84
C HIS C 197 -14.97 1.23 -37.55
N LEU C 198 -14.43 2.05 -36.65
CA LEU C 198 -15.13 2.44 -35.44
C LEU C 198 -15.87 3.76 -35.59
N LEU C 199 -15.75 4.43 -36.73
CA LEU C 199 -16.56 5.60 -37.03
C LEU C 199 -17.86 5.17 -37.70
N HIS C 200 -18.87 6.02 -37.59
CA HIS C 200 -20.09 5.74 -38.32
C HIS C 200 -20.13 6.58 -39.59
N PRO C 201 -20.60 6.03 -40.71
CA PRO C 201 -20.57 6.81 -41.96
C PRO C 201 -21.59 7.93 -41.99
N ASP C 202 -22.78 7.71 -41.43
CA ASP C 202 -23.89 8.65 -41.56
C ASP C 202 -24.07 9.46 -40.28
N GLU C 203 -24.07 10.78 -40.43
CA GLU C 203 -24.48 11.68 -39.36
C GLU C 203 -25.79 12.33 -39.74
N PRO C 204 -26.79 12.32 -38.86
CA PRO C 204 -28.10 12.89 -39.20
C PRO C 204 -27.96 14.31 -39.75
N TYR C 205 -28.76 14.61 -40.78
CA TYR C 205 -28.73 15.93 -41.39
C TYR C 205 -29.04 17.02 -40.39
N ALA C 206 -29.96 16.75 -39.47
CA ALA C 206 -30.33 17.74 -38.46
C ALA C 206 -29.16 18.11 -37.57
N SER C 207 -28.21 17.19 -37.39
CA SER C 207 -27.12 17.41 -36.43
C SER C 207 -26.30 18.64 -36.80
N LEU C 208 -26.03 18.85 -38.09
CA LEU C 208 -25.25 20.00 -38.51
C LEU C 208 -26.09 21.13 -39.10
N SER C 209 -27.31 20.84 -39.57
CA SER C 209 -28.07 21.81 -40.36
C SER C 209 -29.32 22.34 -39.68
N ALA C 210 -29.86 21.63 -38.69
CA ALA C 210 -31.10 22.08 -38.07
C ALA C 210 -30.83 23.18 -37.04
N PRO C 211 -31.78 24.11 -36.87
CA PRO C 211 -31.62 25.13 -35.83
C PRO C 211 -31.77 24.54 -34.43
N VAL C 212 -31.02 25.11 -33.50
CA VAL C 212 -31.06 24.74 -32.10
C VAL C 212 -31.42 25.97 -31.29
N PRO C 213 -32.70 26.16 -30.96
CA PRO C 213 -33.12 27.40 -30.29
C PRO C 213 -32.94 27.31 -28.79
N VAL C 214 -32.07 28.18 -28.25
CA VAL C 214 -31.88 28.30 -26.82
C VAL C 214 -32.05 29.77 -26.43
N THR C 215 -32.45 30.00 -25.18
CA THR C 215 -32.74 31.34 -24.70
C THR C 215 -31.83 31.71 -23.53
N PRO C 216 -31.59 33.01 -23.30
CA PRO C 216 -30.71 33.40 -22.20
C PRO C 216 -31.28 33.15 -20.81
N ARG C 217 -32.59 32.99 -20.67
CA ARG C 217 -33.19 32.79 -19.36
C ARG C 217 -33.25 31.32 -18.94
N ARG C 218 -33.01 30.39 -19.87
CA ARG C 218 -32.97 28.98 -19.51
C ARG C 218 -31.55 28.45 -19.68
N TRP C 219 -31.14 28.21 -20.93
CA TRP C 219 -29.79 27.74 -21.19
C TRP C 219 -28.75 28.75 -20.68
N GLY C 220 -29.02 30.04 -20.86
CA GLY C 220 -28.04 31.08 -20.56
C GLY C 220 -27.73 31.27 -19.09
N ARG C 221 -28.52 30.69 -18.19
CA ARG C 221 -28.25 30.78 -16.77
C ARG C 221 -27.36 29.67 -16.24
N ILE C 222 -27.21 28.58 -16.99
CA ILE C 222 -26.44 27.44 -16.48
C ILE C 222 -24.96 27.79 -16.53
N PRO C 223 -24.21 27.57 -15.45
CA PRO C 223 -22.76 27.74 -15.51
C PRO C 223 -22.17 26.87 -16.61
N ARG C 224 -21.25 27.44 -17.37
CA ARG C 224 -20.73 26.74 -18.53
C ARG C 224 -19.26 27.03 -18.72
N THR C 225 -18.56 26.06 -19.33
CA THR C 225 -17.14 26.15 -19.60
C THR C 225 -16.89 25.70 -21.03
N TYR C 226 -16.00 26.40 -21.72
CA TYR C 226 -15.55 26.00 -23.04
C TYR C 226 -14.10 25.51 -22.95
N ILE C 227 -13.82 24.40 -23.61
CA ILE C 227 -12.48 23.84 -23.70
C ILE C 227 -12.01 24.01 -25.15
N ARG C 228 -11.10 24.95 -25.36
CA ARG C 228 -10.57 25.20 -26.69
C ARG C 228 -9.43 24.23 -26.99
N LEU C 229 -9.43 23.67 -28.20
CA LEU C 229 -8.38 22.78 -28.66
C LEU C 229 -7.53 23.55 -29.67
N ASP C 230 -6.30 23.88 -29.27
CA ASP C 230 -5.50 24.83 -30.01
C ASP C 230 -4.89 24.26 -31.28
N GLY C 231 -4.76 22.94 -31.39
CA GLY C 231 -4.26 22.35 -32.61
C GLY C 231 -5.36 21.73 -33.46
N ASP C 232 -6.60 22.18 -33.23
CA ASP C 232 -7.75 21.62 -33.91
C ASP C 232 -7.69 21.92 -35.41
N ARG C 233 -7.84 20.88 -36.23
CA ARG C 233 -7.91 21.04 -37.68
C ARG C 233 -9.28 20.69 -38.25
N ALA C 234 -10.23 20.32 -37.41
CA ALA C 234 -11.61 20.08 -37.85
C ALA C 234 -12.52 21.27 -37.59
N LEU C 235 -12.36 21.93 -36.45
CA LEU C 235 -13.08 23.15 -36.11
C LEU C 235 -12.04 24.15 -35.62
N ALA C 236 -11.86 25.23 -36.38
CA ALA C 236 -10.70 26.09 -36.18
C ALA C 236 -10.74 26.73 -34.80
N PRO C 237 -9.58 26.90 -34.15
CA PRO C 237 -9.56 27.56 -32.83
C PRO C 237 -10.11 28.98 -32.87
N THR C 238 -9.95 29.69 -33.99
CA THR C 238 -10.56 31.00 -34.11
C THR C 238 -12.07 30.90 -34.11
N THR C 239 -12.63 29.89 -34.77
CA THR C 239 -14.07 29.68 -34.73
C THR C 239 -14.56 29.35 -33.33
N GLN C 240 -13.76 28.58 -32.57
CA GLN C 240 -14.12 28.31 -31.19
C GLN C 240 -14.13 29.59 -30.35
N ASN C 241 -13.11 30.43 -30.52
CA ASN C 241 -13.08 31.72 -29.83
C ASN C 241 -14.24 32.62 -30.24
N LEU C 242 -14.65 32.53 -31.51
CA LEU C 242 -15.78 33.33 -31.97
C LEU C 242 -17.07 32.90 -31.26
N ILE C 244 -17.29 31.51 -28.30
CA ILE C 244 -17.19 31.97 -26.92
C ILE C 244 -17.57 33.45 -26.82
N ALA C 245 -16.98 34.28 -27.68
CA ALA C 245 -17.24 35.71 -27.63
C ALA C 245 -18.71 36.03 -27.91
N GLU C 246 -19.26 35.43 -28.97
CA GLU C 246 -20.64 35.73 -29.34
C GLU C 246 -21.63 35.26 -28.29
N ALA C 247 -21.37 34.10 -27.67
CA ALA C 247 -22.24 33.62 -26.61
C ALA C 247 -22.13 34.47 -25.35
N ASP C 248 -20.90 34.90 -25.02
CA ASP C 248 -20.71 35.72 -23.82
C ASP C 248 -21.41 37.07 -23.96
N ARG C 249 -21.48 37.62 -25.18
CA ARG C 249 -22.18 38.88 -25.38
C ARG C 249 -23.68 38.74 -25.15
N LEU C 250 -24.24 37.54 -25.27
CA LEU C 250 -25.65 37.33 -24.99
C LEU C 250 -25.93 37.11 -23.51
N THR C 251 -24.94 36.65 -22.73
CA THR C 251 -25.09 36.44 -21.29
C THR C 251 -23.89 37.03 -20.58
N PRO C 252 -23.73 38.36 -20.60
CA PRO C 252 -22.56 38.97 -19.96
C PRO C 252 -22.54 38.80 -18.44
N ASP C 253 -23.68 38.50 -17.83
CA ASP C 253 -23.72 38.19 -16.39
C ASP C 253 -23.37 36.74 -16.09
N ASN C 254 -23.32 35.88 -17.10
CA ASN C 254 -22.93 34.48 -16.92
C ASN C 254 -21.99 34.09 -18.06
N PRO C 255 -20.79 34.65 -18.09
CA PRO C 255 -19.87 34.39 -19.20
C PRO C 255 -19.25 33.01 -19.13
N PHE C 256 -18.70 32.60 -20.27
CA PHE C 256 -18.03 31.31 -20.38
C PHE C 256 -16.82 31.25 -19.47
N GLY C 257 -16.67 30.14 -18.75
CA GLY C 257 -15.35 29.72 -18.33
C GLY C 257 -14.60 29.17 -19.54
N VAL C 258 -13.32 29.48 -19.62
CA VAL C 258 -12.52 29.11 -20.79
C VAL C 258 -11.29 28.34 -20.33
N ARG C 259 -11.19 27.10 -20.79
CA ARG C 259 -10.00 26.27 -20.59
C ARG C 259 -9.41 25.92 -21.94
N SER C 260 -8.17 25.45 -21.93
CA SER C 260 -7.44 25.22 -23.18
C SER C 260 -6.67 23.92 -23.11
N LEU C 261 -6.55 23.27 -24.27
CA LEU C 261 -5.76 22.07 -24.45
C LEU C 261 -5.00 22.19 -25.77
N PRO C 262 -3.78 21.68 -25.84
CA PRO C 262 -3.10 21.59 -27.13
C PRO C 262 -3.56 20.36 -27.89
N GLY C 263 -3.32 20.38 -29.20
CA GLY C 263 -3.50 19.19 -30.00
C GLY C 263 -4.80 19.17 -30.80
N ASP C 264 -5.08 18.00 -31.35
CA ASP C 264 -6.08 17.84 -32.39
C ASP C 264 -7.49 17.85 -31.81
N HIS C 265 -8.47 17.52 -32.65
CA HIS C 265 -9.89 17.57 -32.31
C HIS C 265 -10.33 16.43 -31.41
N SER C 266 -9.49 15.42 -31.17
CA SER C 266 -9.87 14.23 -30.43
C SER C 266 -8.98 14.05 -29.20
N PRO C 267 -9.11 14.92 -28.19
CA PRO C 267 -8.33 14.71 -26.96
C PRO C 267 -8.80 13.53 -26.14
N VAL C 269 -9.20 10.73 -27.31
CA VAL C 269 -8.44 9.63 -27.89
C VAL C 269 -6.95 9.78 -27.61
N HIS C 270 -6.40 11.00 -27.77
CA HIS C 270 -4.96 11.20 -27.70
C HIS C 270 -4.48 11.79 -26.37
N ARG C 271 -5.35 12.44 -25.59
CA ARG C 271 -4.98 12.98 -24.29
C ARG C 271 -6.04 12.69 -23.23
N PRO C 272 -6.47 11.43 -23.10
CA PRO C 272 -7.61 11.14 -22.21
C PRO C 272 -7.33 11.45 -20.75
N GLY C 273 -6.09 11.30 -20.30
CA GLY C 273 -5.78 11.61 -18.91
C GLY C 273 -5.76 13.10 -18.64
N GLU C 274 -5.17 13.87 -19.56
CA GLU C 274 -5.14 15.33 -19.41
C GLU C 274 -6.55 15.91 -19.52
N LEU C 275 -7.38 15.34 -20.39
CA LEU C 275 -8.75 15.83 -20.54
C LEU C 275 -9.59 15.54 -19.31
N ALA C 276 -9.42 14.35 -18.72
CA ALA C 276 -10.20 13.99 -17.54
C ALA C 276 -9.81 14.85 -16.34
N ASP C 277 -8.52 15.13 -16.19
CA ASP C 277 -8.07 15.99 -15.08
C ASP C 277 -8.61 17.40 -15.24
N LEU C 278 -8.73 17.89 -16.47
CA LEU C 278 -9.36 19.17 -16.71
C LEU C 278 -10.85 19.13 -16.37
N LEU C 279 -11.55 18.06 -16.80
CA LEU C 279 -12.97 17.95 -16.52
C LEU C 279 -13.24 17.81 -15.03
N ALA C 280 -12.40 17.04 -14.32
CA ALA C 280 -12.56 16.89 -12.88
C ALA C 280 -12.35 18.20 -12.14
N GLY C 281 -11.61 19.15 -12.72
CA GLY C 281 -11.40 20.44 -12.09
C GLY C 281 -12.49 21.46 -12.33
N ILE C 282 -13.46 21.15 -13.20
CA ILE C 282 -14.54 22.07 -13.50
C ILE C 282 -15.64 21.93 -12.45
N GLY D 8 -20.73 4.24 -2.88
CA GLY D 8 -19.33 4.17 -3.27
C GLY D 8 -18.97 2.88 -3.99
N THR D 9 -19.87 2.40 -4.84
CA THR D 9 -19.67 1.16 -5.57
C THR D 9 -19.32 1.45 -7.02
N LEU D 10 -18.27 0.81 -7.51
CA LEU D 10 -17.84 0.95 -8.90
C LEU D 10 -17.77 -0.43 -9.54
N ALA D 11 -18.37 -0.56 -10.71
CA ALA D 11 -18.31 -1.79 -11.50
C ALA D 11 -17.28 -1.61 -12.61
N VAL D 12 -16.25 -2.45 -12.61
CA VAL D 12 -15.24 -2.46 -13.65
C VAL D 12 -15.58 -3.59 -14.62
N LEU D 13 -15.83 -3.23 -15.87
CA LEU D 13 -16.41 -4.15 -16.86
C LEU D 13 -15.33 -4.59 -17.85
N VAL D 14 -15.21 -5.90 -18.04
CA VAL D 14 -14.19 -6.49 -18.89
C VAL D 14 -14.90 -7.23 -20.03
N HIS D 15 -14.71 -6.73 -21.25
CA HIS D 15 -15.36 -7.29 -22.42
C HIS D 15 -14.85 -8.71 -22.71
N GLY D 16 -15.56 -9.38 -23.63
CA GLY D 16 -15.16 -10.69 -24.10
C GLY D 16 -14.36 -10.61 -25.40
N ALA D 17 -14.07 -11.79 -25.94
CA ALA D 17 -13.26 -11.87 -27.15
C ALA D 17 -13.96 -11.20 -28.33
N TRP D 18 -13.18 -10.49 -29.14
CA TRP D 18 -13.59 -9.76 -30.33
C TRP D 18 -14.48 -8.56 -30.01
N HIS D 19 -14.75 -8.27 -28.74
CA HIS D 19 -15.56 -7.14 -28.32
C HIS D 19 -14.68 -6.07 -27.71
N SER D 20 -15.30 -4.99 -27.23
CA SER D 20 -14.57 -3.89 -26.64
C SER D 20 -15.43 -3.25 -25.56
N SER D 21 -14.92 -2.16 -24.99
CA SER D 21 -15.67 -1.41 -23.99
C SER D 21 -16.97 -0.86 -24.54
N LEU D 22 -17.07 -0.70 -25.87
CA LEU D 22 -18.27 -0.13 -26.48
C LEU D 22 -19.51 -0.96 -26.19
N HIS D 23 -19.36 -2.28 -26.08
CA HIS D 23 -20.52 -3.15 -25.95
C HIS D 23 -21.18 -3.06 -24.58
N TRP D 24 -20.51 -2.48 -23.59
CA TRP D 24 -21.09 -2.29 -22.26
C TRP D 24 -21.92 -1.02 -22.14
N ALA D 25 -21.97 -0.19 -23.19
CA ALA D 25 -22.48 1.18 -23.06
C ALA D 25 -23.91 1.20 -22.54
N ALA D 26 -24.79 0.38 -23.13
CA ALA D 26 -26.18 0.35 -22.68
C ALA D 26 -26.28 -0.14 -21.24
N ALA D 27 -25.47 -1.13 -20.88
CA ALA D 27 -25.50 -1.64 -19.50
C ALA D 27 -24.95 -0.61 -18.52
N GLN D 28 -23.95 0.18 -18.94
CA GLN D 28 -23.41 1.22 -18.07
C GLN D 28 -24.46 2.27 -17.77
N ARG D 29 -25.32 2.58 -18.75
CA ARG D 29 -26.40 3.53 -18.50
C ARG D 29 -27.44 2.93 -17.57
N GLY D 30 -27.68 1.62 -17.68
CA GLY D 30 -28.57 0.96 -16.72
C GLY D 30 -28.02 1.01 -15.30
N LEU D 31 -26.70 0.91 -15.16
CA LEU D 31 -26.10 0.91 -13.83
C LEU D 31 -26.15 2.30 -13.20
N ALA D 32 -25.91 3.35 -13.99
CA ALA D 32 -26.00 4.70 -13.45
C ALA D 32 -27.42 5.01 -13.00
N ARG D 33 -28.41 4.52 -13.75
CA ARG D 33 -29.80 4.69 -13.35
C ARG D 33 -30.06 4.14 -11.96
N ARG D 34 -29.38 3.06 -11.57
CA ARG D 34 -29.49 2.50 -10.23
C ARG D 34 -28.38 2.96 -9.30
N GLY D 35 -27.72 4.07 -9.63
CA GLY D 35 -26.73 4.67 -8.77
C GLY D 35 -25.39 3.96 -8.70
N VAL D 36 -25.11 3.04 -9.61
CA VAL D 36 -23.85 2.31 -9.64
C VAL D 36 -22.97 2.91 -10.73
N ALA D 37 -21.84 3.49 -10.34
CA ALA D 37 -20.87 3.96 -11.31
C ALA D 37 -20.15 2.77 -11.95
N SER D 38 -19.67 2.98 -13.17
CA SER D 38 -19.01 1.90 -13.87
C SER D 38 -18.04 2.46 -14.92
N ILE D 39 -16.95 1.72 -15.13
CA ILE D 39 -16.03 1.97 -16.23
C ILE D 39 -15.83 0.65 -16.97
N ALA D 40 -15.47 0.75 -18.23
CA ALA D 40 -15.25 -0.42 -19.07
C ALA D 40 -13.81 -0.41 -19.57
N VAL D 41 -13.07 -1.47 -19.24
CA VAL D 41 -11.67 -1.61 -19.63
C VAL D 41 -11.61 -2.08 -21.08
N ASP D 42 -10.62 -1.59 -21.81
CA ASP D 42 -10.28 -2.11 -23.13
C ASP D 42 -8.98 -2.90 -22.98
N LEU D 43 -9.07 -4.21 -23.13
CA LEU D 43 -7.89 -5.04 -23.05
C LEU D 43 -6.98 -4.77 -24.24
N PRO D 44 -5.67 -4.99 -24.09
CA PRO D 44 -4.73 -4.75 -25.19
C PRO D 44 -5.18 -5.40 -26.49
N GLY D 45 -5.22 -4.61 -27.55
CA GLY D 45 -5.69 -5.07 -28.84
C GLY D 45 -7.15 -4.83 -29.11
N HIS D 46 -7.86 -4.13 -28.22
CA HIS D 46 -9.27 -3.86 -28.39
C HIS D 46 -9.54 -2.38 -28.18
N GLY D 47 -10.73 -1.95 -28.60
CA GLY D 47 -11.09 -0.54 -28.51
C GLY D 47 -10.45 0.29 -29.60
N LEU D 48 -10.21 1.56 -29.28
CA LEU D 48 -9.60 2.47 -30.25
C LEU D 48 -8.15 2.11 -30.55
N ASP D 49 -7.48 1.41 -29.64
CA ASP D 49 -6.11 0.99 -29.87
C ASP D 49 -6.00 -0.25 -30.74
N ALA D 50 -7.12 -0.85 -31.13
CA ALA D 50 -7.08 -2.13 -31.82
C ALA D 50 -6.50 -1.97 -33.22
N PRO D 51 -5.64 -2.88 -33.65
CA PRO D 51 -5.19 -2.90 -35.05
C PRO D 51 -6.11 -3.78 -35.90
N VAL D 52 -5.86 -3.73 -37.21
CA VAL D 52 -6.51 -4.65 -38.14
C VAL D 52 -5.48 -5.18 -39.10
N PRO D 53 -5.67 -6.42 -39.57
CA PRO D 53 -4.80 -6.94 -40.63
C PRO D 53 -4.81 -6.01 -41.83
N SER D 54 -3.68 -5.97 -42.54
CA SER D 54 -3.48 -4.97 -43.59
C SER D 54 -4.57 -5.04 -44.65
N GLY D 55 -5.14 -6.21 -44.88
CA GLY D 55 -6.20 -6.38 -45.86
C GLY D 55 -7.60 -6.45 -45.31
N TYR D 56 -7.78 -6.27 -44.00
CA TYR D 56 -9.11 -6.44 -43.40
C TYR D 56 -10.12 -5.47 -43.99
N LEU D 57 -9.73 -4.20 -44.15
CA LEU D 57 -10.61 -3.18 -44.71
C LEU D 57 -10.36 -2.94 -46.19
N THR D 58 -9.61 -3.83 -46.85
CA THR D 58 -9.26 -3.69 -48.25
C THR D 58 -10.13 -4.61 -49.08
N ALA D 59 -10.59 -4.11 -50.23
CA ALA D 59 -11.43 -4.89 -51.14
C ALA D 59 -10.81 -6.25 -51.43
N GLY D 60 -11.62 -7.30 -51.27
CA GLY D 60 -11.14 -8.66 -51.43
C GLY D 60 -10.43 -9.23 -50.23
N GLN D 61 -10.05 -8.40 -49.26
CA GLN D 61 -9.36 -8.84 -48.05
C GLN D 61 -8.16 -9.74 -48.34
N PRO D 62 -7.17 -9.27 -49.09
CA PRO D 62 -6.03 -10.13 -49.42
C PRO D 62 -5.16 -10.40 -48.20
N GLY D 63 -4.71 -11.65 -48.08
CA GLY D 63 -3.81 -12.04 -47.02
C GLY D 63 -4.46 -12.26 -45.66
N LEU D 64 -5.79 -12.14 -45.56
CA LEU D 64 -6.43 -12.21 -44.25
C LEU D 64 -6.26 -13.58 -43.61
N GLU D 65 -6.13 -14.64 -44.40
CA GLU D 65 -6.04 -15.98 -43.85
C GLU D 65 -4.64 -16.34 -43.37
N THR D 66 -3.61 -15.58 -43.78
CA THR D 66 -2.24 -15.93 -43.45
C THR D 66 -1.46 -14.85 -42.72
N GLU D 67 -1.86 -13.58 -42.83
CA GLU D 67 -1.09 -12.50 -42.22
C GLU D 67 -1.05 -12.65 -40.71
N LYS D 68 0.14 -12.50 -40.13
CA LYS D 68 0.30 -12.63 -38.70
C LYS D 68 -0.29 -11.42 -37.98
N SER D 69 -0.96 -11.68 -36.86
CA SER D 69 -1.60 -10.62 -36.11
C SER D 69 -0.57 -9.75 -35.40
N ALA D 70 -0.89 -8.46 -35.27
CA ALA D 70 -0.10 -7.56 -34.44
C ALA D 70 -0.25 -7.85 -32.96
N LEU D 71 -1.17 -8.74 -32.59
CA LEU D 71 -1.38 -9.15 -31.20
C LEU D 71 -0.74 -10.49 -30.88
N ALA D 72 0.18 -10.96 -31.73
CA ALA D 72 0.76 -12.28 -31.55
C ALA D 72 1.62 -12.37 -30.30
N ASP D 73 2.22 -11.26 -29.89
CA ASP D 73 3.13 -11.24 -28.74
C ASP D 73 2.43 -10.83 -27.45
N ILE D 74 1.12 -10.63 -27.47
CA ILE D 74 0.38 -10.30 -26.26
C ILE D 74 0.27 -11.55 -25.40
N THR D 75 0.78 -11.46 -24.17
CA THR D 75 0.70 -12.57 -23.22
C THR D 75 -0.54 -12.42 -22.34
N ASP D 77 -0.42 -12.51 -19.18
CA ASP D 77 -0.01 -11.55 -18.15
C ASP D 77 -0.23 -10.12 -18.60
N ASP D 78 -0.03 -9.84 -19.89
CA ASP D 78 -0.31 -8.49 -20.41
C ASP D 78 -1.78 -8.16 -20.29
N LEU D 79 -2.65 -9.13 -20.55
CA LEU D 79 -4.09 -8.88 -20.46
C LEU D 79 -4.52 -8.67 -19.01
N ALA D 80 -3.97 -9.47 -18.08
CA ALA D 80 -4.33 -9.30 -16.68
C ALA D 80 -3.73 -8.03 -16.09
N ASP D 81 -2.50 -7.69 -16.49
CA ASP D 81 -1.88 -6.48 -15.97
C ASP D 81 -2.65 -5.23 -16.37
N ALA D 82 -3.34 -5.26 -17.51
CA ALA D 82 -4.18 -4.14 -17.89
C ALA D 82 -5.38 -4.00 -16.94
N VAL D 83 -5.95 -5.12 -16.51
CA VAL D 83 -7.04 -5.06 -15.55
C VAL D 83 -6.55 -4.58 -14.19
N VAL D 84 -5.40 -5.10 -13.75
CA VAL D 84 -4.83 -4.66 -12.47
C VAL D 84 -4.59 -3.16 -12.47
N ASP D 85 -4.07 -2.63 -13.58
CA ASP D 85 -3.81 -1.19 -13.67
C ASP D 85 -5.10 -0.40 -13.50
N ALA D 86 -6.17 -0.83 -14.18
CA ALA D 86 -7.46 -0.17 -14.02
C ALA D 86 -7.97 -0.28 -12.59
N LEU D 87 -7.82 -1.46 -11.98
CA LEU D 87 -8.29 -1.63 -10.61
C LEU D 87 -7.48 -0.78 -9.63
N ALA D 88 -6.19 -0.61 -9.89
CA ALA D 88 -5.33 0.13 -8.95
C ALA D 88 -5.63 1.62 -8.98
N GLU D 89 -6.11 2.15 -10.10
CA GLU D 89 -6.36 3.58 -10.18
C GLU D 89 -7.63 4.01 -9.47
N VAL D 90 -8.60 3.11 -9.30
CA VAL D 90 -9.88 3.47 -8.70
C VAL D 90 -10.01 2.99 -7.27
N ARG D 91 -9.02 2.26 -6.75
CA ARG D 91 -9.17 1.59 -5.47
C ARG D 91 -9.45 2.58 -4.34
N SER D 92 -8.69 3.68 -4.30
CA SER D 92 -8.85 4.65 -3.23
C SER D 92 -10.09 5.53 -3.40
N ARG D 93 -10.76 5.46 -4.55
CA ARG D 93 -11.90 6.32 -4.82
C ARG D 93 -13.25 5.66 -4.56
N PHE D 94 -13.30 4.33 -4.45
CA PHE D 94 -14.54 3.62 -4.23
C PHE D 94 -14.35 2.54 -3.18
N ALA D 95 -15.31 2.41 -2.28
CA ALA D 95 -15.20 1.44 -1.20
C ALA D 95 -15.48 0.02 -1.66
N ARG D 96 -16.31 -0.16 -2.68
CA ARG D 96 -16.69 -1.47 -3.18
C ARG D 96 -16.47 -1.51 -4.68
N VAL D 97 -15.56 -2.37 -5.14
CA VAL D 97 -15.22 -2.50 -6.54
C VAL D 97 -15.68 -3.87 -7.03
N LEU D 98 -16.57 -3.87 -8.01
CA LEU D 98 -17.07 -5.09 -8.64
C LEU D 98 -16.32 -5.30 -9.96
N LEU D 99 -15.66 -6.44 -10.09
CA LEU D 99 -14.99 -6.81 -11.34
C LEU D 99 -15.91 -7.76 -12.10
N VAL D 100 -16.46 -7.28 -13.21
CA VAL D 100 -17.43 -8.03 -14.01
C VAL D 100 -16.77 -8.44 -15.32
N ALA D 101 -16.64 -9.73 -15.54
CA ALA D 101 -16.05 -10.25 -16.76
C ALA D 101 -17.10 -10.95 -17.60
N HIS D 102 -16.95 -10.86 -18.92
CA HIS D 102 -17.83 -11.51 -19.87
C HIS D 102 -17.00 -12.40 -20.78
N SER D 103 -17.46 -13.65 -20.95
CA SER D 103 -16.94 -14.56 -21.96
C SER D 103 -15.44 -14.75 -21.73
N ALA D 104 -14.59 -14.59 -22.75
CA ALA D 104 -13.16 -14.79 -22.58
C ALA D 104 -12.52 -13.77 -21.63
N GLY D 105 -13.24 -12.71 -21.27
CA GLY D 105 -12.73 -11.75 -20.31
C GLY D 105 -12.54 -12.31 -18.92
N GLY D 106 -13.10 -13.49 -18.64
CA GLY D 106 -12.90 -14.10 -17.34
C GLY D 106 -11.47 -14.52 -17.08
N GLY D 107 -10.72 -14.81 -18.14
CA GLY D 107 -9.33 -15.18 -18.02
C GLY D 107 -8.48 -14.09 -17.39
N PRO D 108 -8.42 -12.92 -18.04
CA PRO D 108 -7.64 -11.81 -17.47
C PRO D 108 -8.21 -11.28 -16.16
N ALA D 109 -9.54 -11.28 -16.00
CA ALA D 109 -10.12 -10.80 -14.75
C ALA D 109 -9.75 -11.70 -13.59
N SER D 110 -9.76 -13.03 -13.80
CA SER D 110 -9.41 -13.94 -12.73
C SER D 110 -7.93 -13.84 -12.37
N LEU D 111 -7.07 -13.71 -13.38
CA LEU D 111 -5.63 -13.56 -13.11
C LEU D 111 -5.34 -12.25 -12.41
N ALA D 112 -6.04 -11.17 -12.80
CA ALA D 112 -5.89 -9.91 -12.10
C ALA D 112 -6.29 -10.06 -10.63
N ALA D 113 -7.43 -10.69 -10.37
CA ALA D 113 -7.87 -10.91 -8.99
C ALA D 113 -6.86 -11.77 -8.23
N GLU D 114 -6.25 -12.74 -8.91
CA GLU D 114 -5.24 -13.56 -8.25
C GLU D 114 -3.99 -12.76 -7.93
N LYS D 115 -3.59 -11.85 -8.82
CA LYS D 115 -2.39 -11.05 -8.58
C LYS D 115 -2.62 -10.02 -7.48
N ALA D 116 -3.81 -9.41 -7.44
CA ALA D 116 -4.11 -8.35 -6.49
C ALA D 116 -5.52 -8.55 -5.94
N PRO D 117 -5.69 -9.48 -4.98
CA PRO D 117 -7.04 -9.74 -4.46
C PRO D 117 -7.63 -8.57 -3.68
N GLU D 118 -6.80 -7.70 -3.11
CA GLU D 118 -7.32 -6.57 -2.35
C GLU D 118 -7.95 -5.50 -3.23
N LEU D 119 -7.70 -5.52 -4.53
CA LEU D 119 -8.27 -4.54 -5.45
C LEU D 119 -9.67 -4.90 -5.92
N VAL D 120 -10.18 -6.07 -5.56
CA VAL D 120 -11.50 -6.53 -5.97
C VAL D 120 -12.31 -6.85 -4.73
N ASP D 121 -13.56 -6.39 -4.70
CA ASP D 121 -14.46 -6.73 -3.61
C ASP D 121 -15.47 -7.81 -3.97
N HIS D 122 -15.71 -8.04 -5.26
CA HIS D 122 -16.63 -9.06 -5.71
C HIS D 122 -16.35 -9.37 -7.16
N LEU D 123 -16.31 -10.66 -7.50
CA LEU D 123 -16.09 -11.11 -8.86
C LEU D 123 -17.43 -11.54 -9.47
N VAL D 124 -17.71 -11.08 -10.69
CA VAL D 124 -18.93 -11.45 -11.39
C VAL D 124 -18.53 -12.04 -12.74
N TYR D 125 -18.91 -13.29 -12.96
CA TYR D 125 -18.63 -14.00 -14.21
C TYR D 125 -19.92 -14.06 -15.01
N LEU D 126 -20.00 -13.27 -16.08
CA LEU D 126 -21.18 -13.20 -16.95
C LEU D 126 -20.92 -14.13 -18.13
N ALA D 127 -21.34 -15.39 -17.98
CA ALA D 127 -21.04 -16.44 -18.96
C ALA D 127 -19.56 -16.42 -19.33
N ALA D 128 -18.71 -16.24 -18.33
CA ALA D 128 -17.30 -16.00 -18.52
C ALA D 128 -16.47 -17.21 -18.10
N PHE D 129 -15.29 -17.31 -18.69
CA PHE D 129 -14.34 -18.37 -18.35
C PHE D 129 -13.93 -18.27 -16.89
N VAL D 130 -14.03 -19.40 -16.18
CA VAL D 130 -13.55 -19.54 -14.81
C VAL D 130 -12.37 -20.50 -14.84
N PRO D 131 -11.14 -20.07 -14.53
CA PRO D 131 -9.97 -20.93 -14.72
C PRO D 131 -9.56 -21.71 -13.48
N ALA D 132 -10.48 -21.89 -12.53
CA ALA D 132 -10.10 -22.52 -11.27
C ALA D 132 -9.70 -23.98 -11.47
N ALA D 133 -10.52 -24.74 -12.21
CA ALA D 133 -10.29 -26.17 -12.38
C ALA D 133 -9.55 -26.51 -13.65
N ARG D 134 -9.78 -25.77 -14.74
CA ARG D 134 -9.06 -25.97 -15.99
C ARG D 134 -8.41 -24.65 -16.37
N PRO D 135 -7.09 -24.60 -16.59
CA PRO D 135 -6.41 -23.31 -16.74
C PRO D 135 -6.60 -22.65 -18.09
N ARG D 136 -7.00 -23.39 -19.13
CA ARG D 136 -7.16 -22.84 -20.46
C ARG D 136 -8.64 -22.81 -20.84
N PHE D 137 -9.06 -21.71 -21.46
CA PHE D 137 -10.44 -21.59 -21.91
C PHE D 137 -10.78 -22.68 -22.94
N THR D 138 -9.80 -23.10 -23.74
CA THR D 138 -10.03 -24.19 -24.68
C THR D 138 -10.33 -25.51 -23.99
N ASP D 139 -9.93 -25.67 -22.72
CA ASP D 139 -10.27 -26.88 -21.98
C ASP D 139 -11.78 -26.99 -21.78
N TYR D 140 -12.49 -25.87 -21.74
CA TYR D 140 -13.94 -25.89 -21.64
C TYR D 140 -14.63 -25.74 -22.98
N ILE D 141 -14.03 -25.00 -23.91
CA ILE D 141 -14.64 -24.80 -25.22
C ILE D 141 -14.72 -26.10 -25.99
N ASN D 142 -13.69 -26.94 -25.87
CA ASN D 142 -13.64 -28.24 -26.53
C ASN D 142 -14.16 -29.37 -25.65
N ALA D 143 -14.77 -29.04 -24.50
CA ALA D 143 -15.35 -30.06 -23.65
C ALA D 143 -16.62 -30.62 -24.31
N PRO D 144 -16.96 -31.88 -24.03
CA PRO D 144 -18.18 -32.46 -24.61
C PRO D 144 -19.44 -31.68 -24.24
N GLU D 145 -19.43 -31.03 -23.08
CA GLU D 145 -20.58 -30.23 -22.65
C GLU D 145 -20.81 -29.01 -23.54
N ASN D 146 -19.81 -28.61 -24.32
CA ASN D 146 -19.90 -27.42 -25.15
C ASN D 146 -20.14 -27.73 -26.62
N ALA D 147 -20.47 -28.97 -26.95
CA ALA D 147 -20.54 -29.38 -28.36
C ALA D 147 -21.75 -28.82 -29.09
N ASP D 148 -22.77 -28.35 -28.37
CA ASP D 148 -24.03 -27.93 -28.98
C ASP D 148 -24.03 -26.47 -29.41
N VAL D 149 -22.96 -25.71 -29.10
CA VAL D 149 -22.96 -24.29 -29.43
C VAL D 149 -22.91 -24.09 -30.94
N VAL D 150 -23.20 -22.87 -31.37
CA VAL D 150 -23.01 -22.48 -32.75
C VAL D 150 -21.51 -22.34 -33.00
N ALA D 151 -21.00 -23.11 -33.95
CA ALA D 151 -19.57 -23.11 -34.24
C ALA D 151 -19.17 -21.79 -34.88
N LEU D 152 -18.29 -21.04 -34.20
CA LEU D 152 -17.80 -19.78 -34.76
C LEU D 152 -16.80 -20.05 -35.87
N PRO D 153 -16.84 -19.27 -36.95
CA PRO D 153 -15.91 -19.48 -38.08
C PRO D 153 -14.52 -18.89 -37.82
N ILE D 154 -13.89 -19.35 -36.73
CA ILE D 154 -12.55 -18.88 -36.39
C ILE D 154 -11.56 -19.41 -37.42
N PHE D 155 -10.60 -18.55 -37.80
CA PHE D 155 -9.65 -18.89 -38.84
C PHE D 155 -8.77 -20.07 -38.41
N SER D 156 -8.43 -20.91 -39.38
CA SER D 156 -7.60 -22.07 -39.13
C SER D 156 -6.20 -21.65 -38.67
N ASP D 157 -5.58 -22.52 -37.88
CA ASP D 157 -4.19 -22.37 -37.45
C ASP D 157 -3.99 -21.09 -36.65
N PRO D 158 -4.65 -20.94 -35.50
CA PRO D 158 -4.52 -19.68 -34.75
C PRO D 158 -3.14 -19.48 -34.15
N ALA D 159 -2.40 -20.56 -33.88
CA ALA D 159 -1.08 -20.43 -33.26
C ALA D 159 -0.10 -19.72 -34.18
N ASN D 160 -0.13 -20.02 -35.48
CA ASN D 160 0.78 -19.36 -36.41
C ASN D 160 0.33 -17.94 -36.73
N LEU D 161 -0.99 -17.71 -36.77
CA LEU D 161 -1.49 -16.35 -36.93
C LEU D 161 -1.19 -15.48 -35.71
N GLY D 162 -1.00 -16.09 -34.55
CA GLY D 162 -0.86 -15.33 -33.32
C GLY D 162 -2.17 -14.82 -32.76
N ALA D 163 -3.30 -15.26 -33.31
CA ALA D 163 -4.60 -14.76 -32.89
C ALA D 163 -5.68 -15.73 -33.33
N HIS D 164 -6.81 -15.65 -32.65
CA HIS D 164 -8.04 -16.28 -33.12
C HIS D 164 -8.81 -15.24 -33.93
N ARG D 165 -8.89 -15.46 -35.24
CA ARG D 165 -9.37 -14.46 -36.17
C ARG D 165 -10.80 -14.78 -36.59
N LEU D 166 -11.68 -13.78 -36.48
CA LEU D 166 -13.02 -13.81 -37.05
C LEU D 166 -13.13 -12.71 -38.09
N ASN D 167 -14.04 -12.89 -39.05
CA ASN D 167 -14.22 -11.94 -40.14
C ASN D 167 -15.69 -11.57 -40.27
N PRO D 168 -16.19 -10.72 -39.37
CA PRO D 168 -17.57 -10.21 -39.54
C PRO D 168 -17.75 -9.31 -40.75
N LEU D 169 -16.65 -8.85 -41.35
CA LEU D 169 -16.70 -8.10 -42.61
C LEU D 169 -16.65 -9.02 -43.83
N SER D 170 -16.83 -10.32 -43.64
CA SER D 170 -16.82 -11.25 -44.77
C SER D 170 -18.02 -11.01 -45.67
N SER D 171 -17.83 -11.31 -46.96
CA SER D 171 -18.91 -11.24 -47.94
C SER D 171 -19.66 -12.56 -48.07
N ASP D 172 -19.22 -13.60 -47.36
CA ASP D 172 -19.97 -14.84 -47.26
C ASP D 172 -21.05 -14.65 -46.19
N ALA D 173 -22.31 -14.62 -46.61
CA ALA D 173 -23.39 -14.36 -45.67
C ALA D 173 -23.53 -15.48 -44.65
N ILE D 174 -23.22 -16.72 -45.04
CA ILE D 174 -23.28 -17.82 -44.09
C ILE D 174 -22.25 -17.65 -42.98
N GLU D 175 -21.04 -17.22 -43.35
CA GLU D 175 -20.00 -16.98 -42.35
C GLU D 175 -20.43 -15.91 -41.37
N VAL D 176 -20.97 -14.79 -41.86
CA VAL D 176 -21.41 -13.71 -40.99
C VAL D 176 -22.58 -14.16 -40.13
N ASP D 177 -23.52 -14.90 -40.72
CA ASP D 177 -24.68 -15.36 -39.97
C ASP D 177 -24.30 -16.31 -38.84
N ALA D 178 -23.22 -17.07 -39.00
CA ALA D 178 -22.75 -17.92 -37.92
C ALA D 178 -22.25 -17.10 -36.74
N ILE D 179 -21.55 -16.00 -37.02
CA ILE D 179 -21.14 -15.09 -35.95
C ILE D 179 -22.36 -14.46 -35.31
N ARG D 180 -23.37 -14.11 -36.11
CA ARG D 180 -24.57 -13.48 -35.59
C ARG D 180 -25.36 -14.45 -34.70
N ARG D 181 -25.57 -15.67 -35.18
CA ARG D 181 -26.35 -16.63 -34.42
C ARG D 181 -25.66 -17.04 -33.13
N ALA D 182 -24.33 -16.96 -33.08
CA ALA D 182 -23.60 -17.31 -31.87
C ALA D 182 -23.69 -16.20 -30.82
N PHE D 183 -23.37 -14.97 -31.22
CA PHE D 183 -23.31 -13.86 -30.27
C PHE D 183 -24.64 -13.15 -30.08
N LEU D 184 -25.39 -12.94 -31.16
CA LEU D 184 -26.62 -12.14 -31.09
C LEU D 184 -27.83 -12.95 -31.54
N THR D 185 -28.08 -14.08 -30.89
CA THR D 185 -29.16 -14.98 -31.32
C THR D 185 -30.51 -14.30 -31.28
N ASP D 186 -30.75 -13.46 -30.27
CA ASP D 186 -32.04 -12.82 -30.08
C ASP D 186 -32.16 -11.48 -30.81
N PRO D 188 -33.37 -8.79 -33.25
CA PRO D 188 -34.59 -8.59 -34.03
C PRO D 188 -34.35 -8.96 -35.48
N PRO D 189 -35.34 -9.55 -36.15
CA PRO D 189 -35.13 -10.03 -37.53
C PRO D 189 -34.92 -8.93 -38.54
N ASP D 190 -35.08 -7.67 -38.15
CA ASP D 190 -35.01 -6.54 -39.08
C ASP D 190 -34.20 -5.40 -38.47
N ALA D 191 -33.08 -5.74 -37.84
CA ALA D 191 -32.24 -4.80 -37.10
C ALA D 191 -31.09 -4.29 -37.96
N PRO D 192 -30.54 -3.13 -37.64
CA PRO D 192 -29.38 -2.63 -38.38
C PRO D 192 -28.18 -3.55 -38.23
N GLU D 193 -27.27 -3.45 -39.20
CA GLU D 193 -26.11 -4.33 -39.28
C GLU D 193 -24.81 -3.65 -38.85
N GLY D 194 -24.90 -2.49 -38.21
CA GLY D 194 -23.69 -1.77 -37.80
C GLY D 194 -22.82 -2.57 -36.85
N TRP D 195 -23.39 -3.56 -36.17
CA TRP D 195 -22.61 -4.40 -35.26
C TRP D 195 -21.44 -5.08 -35.96
N ARG D 196 -21.53 -5.28 -37.28
CA ARG D 196 -20.50 -6.03 -37.99
C ARG D 196 -19.15 -5.33 -37.93
N HIS D 197 -19.13 -4.01 -38.14
CA HIS D 197 -17.87 -3.29 -38.16
C HIS D 197 -17.48 -2.74 -36.79
N LEU D 198 -18.23 -3.07 -35.75
CA LEU D 198 -17.87 -2.69 -34.39
C LEU D 198 -17.19 -3.82 -33.63
N LEU D 199 -17.05 -5.00 -34.23
CA LEU D 199 -16.26 -6.07 -33.64
C LEU D 199 -14.80 -5.95 -34.10
N HIS D 200 -13.91 -6.54 -33.32
CA HIS D 200 -12.53 -6.58 -33.78
C HIS D 200 -12.21 -7.96 -34.36
N PRO D 201 -11.46 -8.03 -35.46
CA PRO D 201 -11.19 -9.34 -36.06
C PRO D 201 -10.29 -10.22 -35.23
N ASP D 202 -9.27 -9.66 -34.59
CA ASP D 202 -8.21 -10.45 -33.97
C ASP D 202 -8.37 -10.45 -32.45
N GLU D 203 -8.50 -11.64 -31.89
CA GLU D 203 -8.38 -11.85 -30.45
C GLU D 203 -7.04 -12.48 -30.15
N PRO D 204 -6.28 -11.96 -29.19
CA PRO D 204 -4.94 -12.52 -28.92
C PRO D 204 -5.01 -14.02 -28.67
N TYR D 205 -4.01 -14.74 -29.20
CA TYR D 205 -3.98 -16.18 -29.04
C TYR D 205 -4.02 -16.58 -27.57
N ALA D 206 -3.30 -15.84 -26.72
CA ALA D 206 -3.23 -16.17 -25.31
C ALA D 206 -4.60 -16.09 -24.63
N SER D 207 -5.51 -15.27 -25.16
CA SER D 207 -6.80 -15.05 -24.51
C SER D 207 -7.57 -16.36 -24.36
N LEU D 208 -7.61 -17.18 -25.41
CA LEU D 208 -8.32 -18.44 -25.36
C LEU D 208 -7.43 -19.64 -25.04
N SER D 209 -6.12 -19.53 -25.25
CA SER D 209 -5.24 -20.70 -25.20
C SER D 209 -4.23 -20.70 -24.07
N ALA D 210 -3.92 -19.55 -23.49
CA ALA D 210 -2.90 -19.54 -22.45
C ALA D 210 -3.48 -19.97 -21.11
N PRO D 211 -2.67 -20.59 -20.25
CA PRO D 211 -3.17 -20.98 -18.92
C PRO D 211 -3.31 -19.79 -18.00
N VAL D 212 -4.35 -19.83 -17.18
CA VAL D 212 -4.62 -18.81 -16.18
C VAL D 212 -4.55 -19.46 -14.79
N PRO D 213 -3.43 -19.32 -14.10
CA PRO D 213 -3.30 -19.99 -12.79
C PRO D 213 -3.82 -19.15 -11.64
N VAL D 214 -4.86 -19.65 -10.96
CA VAL D 214 -5.43 -19.02 -9.78
C VAL D 214 -5.43 -20.06 -8.66
N THR D 215 -5.46 -19.57 -7.43
CA THR D 215 -5.35 -20.44 -6.26
C THR D 215 -6.53 -20.22 -5.32
N PRO D 216 -6.90 -21.24 -4.54
CA PRO D 216 -8.06 -21.10 -3.66
C PRO D 216 -7.87 -20.12 -2.52
N ARG D 217 -6.64 -19.81 -2.12
CA ARG D 217 -6.41 -18.93 -1.00
C ARG D 217 -6.23 -17.46 -1.40
N ARG D 218 -6.14 -17.17 -2.69
CA ARG D 218 -6.14 -15.79 -3.17
C ARG D 218 -7.41 -15.51 -3.94
N TRP D 219 -7.44 -15.95 -5.21
CA TRP D 219 -8.66 -15.81 -6.01
C TRP D 219 -9.85 -16.48 -5.33
N GLY D 220 -9.63 -17.62 -4.70
CA GLY D 220 -10.73 -18.42 -4.16
C GLY D 220 -11.43 -17.81 -2.97
N ARG D 221 -10.82 -16.83 -2.31
CA ARG D 221 -11.43 -16.21 -1.14
C ARG D 221 -12.20 -14.94 -1.46
N ILE D 222 -12.24 -14.53 -2.72
CA ILE D 222 -13.01 -13.33 -3.10
C ILE D 222 -14.47 -13.74 -3.29
N PRO D 223 -15.42 -13.03 -2.68
CA PRO D 223 -16.83 -13.27 -2.99
C PRO D 223 -17.05 -13.20 -4.50
N ARG D 224 -17.81 -14.14 -5.03
CA ARG D 224 -17.95 -14.20 -6.47
C ARG D 224 -19.35 -14.71 -6.83
N THR D 225 -19.79 -14.30 -8.01
CA THR D 225 -21.11 -14.64 -8.54
C THR D 225 -20.95 -15.04 -9.99
N TYR D 226 -21.72 -16.03 -10.42
CA TYR D 226 -21.80 -16.41 -11.82
C TYR D 226 -23.21 -16.10 -12.33
N ILE D 227 -23.29 -15.42 -13.46
CA ILE D 227 -24.55 -15.16 -14.14
C ILE D 227 -24.60 -16.05 -15.37
N ARG D 228 -25.43 -17.08 -15.32
CA ARG D 228 -25.60 -17.97 -16.45
C ARG D 228 -26.59 -17.38 -17.45
N LEU D 229 -26.30 -17.54 -18.73
CA LEU D 229 -27.17 -17.10 -19.81
C LEU D 229 -27.82 -18.33 -20.43
N ASP D 230 -29.12 -18.49 -20.20
CA ASP D 230 -29.78 -19.76 -20.49
C ASP D 230 -30.02 -19.98 -21.99
N GLY D 231 -30.04 -18.92 -22.79
CA GLY D 231 -30.21 -19.08 -24.22
C GLY D 231 -28.92 -18.86 -24.98
N ASP D 232 -27.80 -19.14 -24.33
CA ASP D 232 -26.49 -18.89 -24.93
C ASP D 232 -26.18 -19.93 -26.00
N ARG D 233 -25.85 -19.47 -27.21
CA ARG D 233 -25.42 -20.34 -28.29
C ARG D 233 -23.95 -20.18 -28.64
N ALA D 234 -23.21 -19.35 -27.90
CA ALA D 234 -21.77 -19.25 -28.05
C ALA D 234 -21.02 -20.07 -27.01
N LEU D 235 -21.48 -20.03 -25.75
CA LEU D 235 -20.95 -20.86 -24.68
C LEU D 235 -22.13 -21.59 -24.05
N ALA D 236 -22.13 -22.91 -24.15
CA ALA D 236 -23.32 -23.67 -23.79
C ALA D 236 -23.65 -23.47 -22.31
N PRO D 237 -24.93 -23.33 -21.96
CA PRO D 237 -25.30 -23.30 -20.53
C PRO D 237 -24.80 -24.50 -19.76
N THR D 238 -24.75 -25.68 -20.39
CA THR D 238 -24.16 -26.84 -19.73
C THR D 238 -22.70 -26.60 -19.40
N THR D 239 -21.96 -25.97 -20.32
CA THR D 239 -20.57 -25.63 -20.05
C THR D 239 -20.45 -24.65 -18.89
N GLN D 240 -21.35 -23.67 -18.83
CA GLN D 240 -21.32 -22.71 -17.74
C GLN D 240 -21.61 -23.39 -16.41
N ASN D 241 -22.60 -24.27 -16.36
CA ASN D 241 -22.88 -25.03 -15.16
C ASN D 241 -21.68 -25.88 -14.76
N LEU D 242 -20.99 -26.45 -15.74
CA LEU D 242 -19.83 -27.29 -15.46
C LEU D 242 -18.70 -26.48 -14.82
N ILE D 244 -19.06 -23.70 -13.05
CA ILE D 244 -19.50 -23.37 -11.70
C ILE D 244 -19.19 -24.52 -10.75
N ALA D 245 -19.66 -25.72 -11.09
CA ALA D 245 -19.52 -26.87 -10.21
C ALA D 245 -18.05 -27.22 -9.98
N GLU D 246 -17.26 -27.25 -11.05
CA GLU D 246 -15.85 -27.60 -10.91
C GLU D 246 -15.10 -26.57 -10.07
N ALA D 247 -15.38 -25.29 -10.28
CA ALA D 247 -14.72 -24.25 -9.50
C ALA D 247 -15.17 -24.27 -8.05
N ASP D 248 -16.47 -24.46 -7.81
CA ASP D 248 -16.96 -24.57 -6.43
C ASP D 248 -16.35 -25.77 -5.72
N ARG D 249 -16.09 -26.85 -6.47
CA ARG D 249 -15.48 -28.04 -5.88
C ARG D 249 -14.11 -27.72 -5.28
N LEU D 250 -13.43 -26.69 -5.80
CA LEU D 250 -12.10 -26.34 -5.33
C LEU D 250 -12.09 -25.28 -4.23
N THR D 251 -13.25 -24.69 -3.92
CA THR D 251 -13.34 -23.64 -2.89
C THR D 251 -14.57 -23.90 -2.02
N PRO D 252 -14.54 -24.98 -1.22
CA PRO D 252 -15.75 -25.36 -0.46
C PRO D 252 -16.16 -24.33 0.58
N ASP D 253 -15.26 -23.46 1.04
CA ASP D 253 -15.62 -22.42 1.99
C ASP D 253 -16.24 -21.20 1.33
N ASN D 254 -16.12 -21.06 0.02
CA ASN D 254 -16.58 -19.86 -0.70
C ASN D 254 -17.13 -20.30 -2.05
N PRO D 255 -18.35 -20.83 -2.07
CA PRO D 255 -18.95 -21.26 -3.34
C PRO D 255 -19.49 -20.09 -4.15
N PHE D 256 -19.69 -20.37 -5.43
CA PHE D 256 -20.31 -19.42 -6.33
C PHE D 256 -21.70 -19.03 -5.84
N GLY D 257 -22.01 -17.74 -5.90
CA GLY D 257 -23.38 -17.32 -6.03
C GLY D 257 -23.78 -17.43 -7.49
N VAL D 258 -24.99 -17.92 -7.73
CA VAL D 258 -25.42 -18.24 -9.09
C VAL D 258 -26.70 -17.47 -9.38
N ARG D 259 -26.64 -16.59 -10.38
CA ARG D 259 -27.81 -15.91 -10.91
C ARG D 259 -28.00 -16.32 -12.36
N SER D 260 -29.10 -15.89 -12.95
CA SER D 260 -29.42 -16.31 -14.31
C SER D 260 -30.15 -15.20 -15.04
N LEU D 261 -30.01 -15.21 -16.36
CA LEU D 261 -30.75 -14.37 -17.27
C LEU D 261 -31.16 -15.26 -18.44
N PRO D 262 -32.33 -15.06 -19.01
CA PRO D 262 -32.66 -15.72 -20.27
C PRO D 262 -31.98 -15.01 -21.43
N GLY D 263 -32.00 -15.67 -22.58
CA GLY D 263 -31.53 -15.04 -23.80
C GLY D 263 -30.10 -15.37 -24.15
N ASP D 264 -29.61 -14.65 -25.17
CA ASP D 264 -28.38 -15.02 -25.86
C ASP D 264 -27.15 -14.59 -25.08
N HIS D 265 -25.99 -14.66 -25.74
CA HIS D 265 -24.68 -14.41 -25.15
C HIS D 265 -24.41 -12.94 -24.88
N SER D 266 -25.22 -12.03 -25.42
CA SER D 266 -24.95 -10.59 -25.33
C SER D 266 -26.10 -9.88 -24.62
N PRO D 267 -26.26 -10.08 -23.31
CA PRO D 267 -27.29 -9.34 -22.58
C PRO D 267 -26.99 -7.87 -22.44
N VAL D 269 -26.26 -6.05 -24.72
CA VAL D 269 -26.83 -5.52 -25.94
C VAL D 269 -28.34 -5.68 -25.98
N HIS D 270 -28.84 -6.88 -25.66
CA HIS D 270 -30.24 -7.22 -25.84
C HIS D 270 -31.06 -7.17 -24.55
N ARG D 271 -30.43 -7.20 -23.39
CA ARG D 271 -31.18 -7.10 -22.14
C ARG D 271 -30.46 -6.19 -21.14
N PRO D 272 -30.04 -4.99 -21.53
CA PRO D 272 -29.19 -4.20 -20.62
C PRO D 272 -29.89 -3.78 -19.35
N GLY D 273 -31.22 -3.68 -19.37
CA GLY D 273 -31.94 -3.27 -18.18
C GLY D 273 -31.93 -4.33 -17.10
N GLU D 274 -32.33 -5.56 -17.44
CA GLU D 274 -32.33 -6.61 -16.44
C GLU D 274 -30.91 -7.03 -16.05
N LEU D 275 -29.94 -6.85 -16.94
CA LEU D 275 -28.55 -7.12 -16.57
C LEU D 275 -28.08 -6.10 -15.54
N ALA D 276 -28.30 -4.82 -15.80
CA ALA D 276 -27.91 -3.79 -14.83
C ALA D 276 -28.68 -3.93 -13.53
N ASP D 277 -29.95 -4.35 -13.60
CA ASP D 277 -30.71 -4.62 -12.38
C ASP D 277 -30.06 -5.76 -11.58
N LEU D 278 -29.62 -6.81 -12.28
CA LEU D 278 -28.94 -7.92 -11.62
C LEU D 278 -27.64 -7.45 -10.98
N LEU D 279 -26.82 -6.73 -11.75
CA LEU D 279 -25.51 -6.30 -11.25
C LEU D 279 -25.65 -5.35 -10.07
N ALA D 280 -26.66 -4.48 -10.10
CA ALA D 280 -26.84 -3.53 -9.00
C ALA D 280 -27.27 -4.23 -7.72
N GLY D 281 -27.94 -5.38 -7.83
CA GLY D 281 -28.35 -6.14 -6.67
C GLY D 281 -27.31 -7.08 -6.11
N ILE D 282 -26.11 -7.11 -6.70
CA ILE D 282 -25.03 -7.95 -6.22
C ILE D 282 -24.26 -7.21 -5.13
N GLY E 8 -4.91 -34.54 7.79
CA GLY E 8 -4.02 -33.50 7.30
C GLY E 8 -4.29 -32.13 7.90
N THR E 9 -4.81 -32.12 9.13
CA THR E 9 -5.15 -30.88 9.83
C THR E 9 -4.23 -30.69 11.02
N LEU E 10 -3.70 -29.47 11.15
CA LEU E 10 -2.85 -29.10 12.28
C LEU E 10 -3.40 -27.86 12.95
N ALA E 11 -3.54 -27.91 14.27
CA ALA E 11 -3.98 -26.77 15.06
C ALA E 11 -2.76 -26.09 15.68
N VAL E 12 -2.57 -24.82 15.37
CA VAL E 12 -1.51 -24.01 15.94
C VAL E 12 -2.10 -23.18 17.06
N LEU E 13 -1.60 -23.37 18.28
CA LEU E 13 -2.21 -22.81 19.48
C LEU E 13 -1.36 -21.65 20.02
N VAL E 14 -1.99 -20.51 20.24
CA VAL E 14 -1.32 -19.31 20.73
C VAL E 14 -1.91 -18.96 22.09
N HIS E 15 -1.06 -19.02 23.12
CA HIS E 15 -1.46 -18.76 24.50
C HIS E 15 -1.87 -17.30 24.69
N GLY E 16 -2.43 -17.02 25.86
CA GLY E 16 -2.81 -15.67 26.23
C GLY E 16 -1.74 -14.98 27.07
N ALA E 17 -2.12 -13.83 27.62
CA ALA E 17 -1.18 -13.03 28.40
C ALA E 17 -0.86 -13.71 29.71
N TRP E 18 0.41 -13.63 30.11
CA TRP E 18 0.98 -14.22 31.32
C TRP E 18 1.01 -15.74 31.29
N HIS E 19 0.58 -16.38 30.20
CA HIS E 19 0.58 -17.83 30.05
C HIS E 19 1.69 -18.24 29.09
N SER E 20 1.68 -19.52 28.69
CA SER E 20 2.67 -20.03 27.75
C SER E 20 2.10 -21.27 27.08
N SER E 21 2.93 -21.90 26.24
CA SER E 21 2.51 -23.10 25.52
C SER E 21 2.11 -24.21 26.49
N LEU E 22 2.66 -24.19 27.71
CA LEU E 22 2.41 -25.27 28.65
C LEU E 22 0.93 -25.45 28.95
N HIS E 23 0.16 -24.36 28.95
CA HIS E 23 -1.23 -24.45 29.36
C HIS E 23 -2.10 -25.17 28.34
N TRP E 24 -1.61 -25.41 27.13
CA TRP E 24 -2.35 -26.14 26.12
C TRP E 24 -2.20 -27.66 26.24
N ALA E 25 -1.30 -28.14 27.10
CA ALA E 25 -0.87 -29.54 27.05
C ALA E 25 -2.04 -30.51 27.14
N ALA E 26 -2.95 -30.27 28.08
CA ALA E 26 -4.11 -31.15 28.22
C ALA E 26 -5.00 -31.10 26.98
N ALA E 27 -5.14 -29.93 26.38
CA ALA E 27 -5.98 -29.80 25.19
C ALA E 27 -5.30 -30.44 23.97
N GLN E 28 -3.97 -30.32 23.88
CA GLN E 28 -3.24 -31.00 22.81
C GLN E 28 -3.44 -32.51 22.88
N ARG E 29 -3.46 -33.06 24.09
CA ARG E 29 -3.74 -34.48 24.25
C ARG E 29 -5.15 -34.81 23.80
N GLY E 30 -6.13 -34.01 24.23
CA GLY E 30 -7.49 -34.20 23.77
C GLY E 30 -7.62 -34.12 22.26
N LEU E 31 -6.80 -33.29 21.61
CA LEU E 31 -6.87 -33.18 20.16
C LEU E 31 -6.33 -34.45 19.49
N ALA E 32 -5.27 -35.03 20.05
CA ALA E 32 -4.74 -36.27 19.49
C ALA E 32 -5.76 -37.39 19.58
N ARG E 33 -6.59 -37.37 20.59
CA ARG E 33 -7.62 -38.36 20.73
C ARG E 33 -8.48 -38.44 19.52
N ARG E 34 -8.73 -37.31 18.87
CA ARG E 34 -9.57 -37.26 17.69
C ARG E 34 -8.76 -37.14 16.40
N GLY E 35 -7.48 -37.47 16.44
CA GLY E 35 -6.69 -37.49 15.22
C GLY E 35 -6.31 -36.12 14.68
N VAL E 36 -6.26 -35.12 15.54
CA VAL E 36 -5.87 -33.76 15.15
C VAL E 36 -4.50 -33.47 15.76
N ALA E 37 -3.50 -33.29 14.92
CA ALA E 37 -2.21 -32.85 15.39
C ALA E 37 -2.29 -31.40 15.85
N SER E 38 -1.38 -31.01 16.73
CA SER E 38 -1.37 -29.66 17.24
C SER E 38 -0.01 -29.31 17.78
N ILE E 39 0.37 -28.04 17.64
CA ILE E 39 1.56 -27.49 18.27
C ILE E 39 1.16 -26.21 19.00
N ALA E 40 1.95 -25.86 20.00
CA ALA E 40 1.71 -24.68 20.81
C ALA E 40 2.92 -23.76 20.70
N VAL E 41 2.67 -22.51 20.34
CA VAL E 41 3.72 -21.52 20.14
C VAL E 41 4.02 -20.84 21.46
N ASP E 42 5.29 -20.56 21.71
CA ASP E 42 5.71 -19.73 22.83
C ASP E 42 6.01 -18.34 22.28
N LEU E 43 5.17 -17.38 22.63
CA LEU E 43 5.39 -16.00 22.18
C LEU E 43 6.62 -15.42 22.89
N PRO E 44 7.33 -14.51 22.23
CA PRO E 44 8.51 -13.90 22.85
C PRO E 44 8.24 -13.39 24.25
N GLY E 45 9.12 -13.78 25.18
CA GLY E 45 8.93 -13.46 26.58
C GLY E 45 8.11 -14.45 27.36
N HIS E 46 7.73 -15.57 26.75
CA HIS E 46 6.93 -16.59 27.42
C HIS E 46 7.60 -17.94 27.25
N GLY E 47 7.21 -18.89 28.11
CA GLY E 47 7.81 -20.20 28.10
C GLY E 47 9.17 -20.21 28.79
N LEU E 48 10.02 -21.14 28.38
CA LEU E 48 11.38 -21.21 28.91
C LEU E 48 12.21 -19.98 28.54
N ASP E 49 11.77 -19.22 27.54
CA ASP E 49 12.43 -17.99 27.13
C ASP E 49 12.05 -16.80 28.02
N ALA E 50 11.17 -16.99 29.00
CA ALA E 50 10.68 -15.87 29.77
C ALA E 50 11.72 -15.40 30.78
N PRO E 51 11.92 -14.09 30.90
CA PRO E 51 12.77 -13.58 31.99
C PRO E 51 11.96 -13.32 33.25
N VAL E 52 12.62 -12.93 34.32
CA VAL E 52 11.95 -12.47 35.53
C VAL E 52 12.65 -11.23 36.06
N PRO E 53 11.90 -10.36 36.74
CA PRO E 53 12.55 -9.24 37.42
C PRO E 53 13.54 -9.75 38.45
N SER E 54 14.61 -8.99 38.65
CA SER E 54 15.74 -9.46 39.45
C SER E 54 15.31 -9.85 40.86
N GLY E 55 14.26 -9.24 41.38
CA GLY E 55 13.77 -9.56 42.71
C GLY E 55 12.58 -10.49 42.77
N TYR E 56 12.10 -10.98 41.62
CA TYR E 56 10.87 -11.78 41.60
C TYR E 56 10.98 -13.01 42.48
N LEU E 57 12.14 -13.68 42.46
CA LEU E 57 12.33 -14.93 43.20
C LEU E 57 13.12 -14.74 44.48
N THR E 58 13.29 -13.50 44.94
CA THR E 58 13.98 -13.20 46.19
C THR E 58 12.95 -12.81 47.25
N ALA E 59 13.28 -13.11 48.51
CA ALA E 59 12.39 -12.78 49.62
C ALA E 59 12.12 -11.29 49.65
N GLY E 60 10.85 -10.93 49.92
CA GLY E 60 10.42 -9.55 49.89
C GLY E 60 10.21 -8.97 48.52
N GLN E 61 10.76 -9.60 47.48
CA GLN E 61 10.61 -9.15 46.09
C GLN E 61 11.03 -7.68 45.90
N PRO E 62 12.29 -7.35 46.17
CA PRO E 62 12.70 -5.94 46.07
C PRO E 62 12.77 -5.46 44.64
N GLY E 63 12.34 -4.21 44.43
CA GLY E 63 12.36 -3.59 43.13
C GLY E 63 11.27 -4.03 42.19
N LEU E 64 10.31 -4.84 42.64
CA LEU E 64 9.31 -5.39 41.74
C LEU E 64 8.38 -4.32 41.19
N GLU E 65 8.08 -3.28 41.97
CA GLU E 65 7.13 -2.26 41.54
C GLU E 65 7.76 -1.22 40.61
N THR E 66 9.08 -1.18 40.49
CA THR E 66 9.75 -0.13 39.74
C THR E 66 10.71 -0.63 38.66
N GLU E 67 11.16 -1.88 38.74
CA GLU E 67 12.18 -2.36 37.81
C GLU E 67 11.60 -2.47 36.39
N LYS E 68 12.32 -1.93 35.42
CA LYS E 68 11.90 -2.01 34.04
C LYS E 68 11.98 -3.44 33.52
N SER E 69 10.94 -3.87 32.83
CA SER E 69 10.87 -5.23 32.32
C SER E 69 11.84 -5.46 31.17
N ALA E 70 12.40 -6.66 31.11
CA ALA E 70 13.24 -7.04 29.98
C ALA E 70 12.45 -7.14 28.68
N LEU E 71 11.12 -7.15 28.75
CA LEU E 71 10.26 -7.22 27.57
C LEU E 71 9.82 -5.85 27.08
N ALA E 72 10.43 -4.77 27.60
CA ALA E 72 9.93 -3.42 27.32
C ALA E 72 10.04 -3.06 25.84
N ASP E 73 10.98 -3.67 25.12
CA ASP E 73 11.21 -3.34 23.72
C ASP E 73 10.51 -4.28 22.75
N ILE E 74 9.76 -5.25 23.25
CA ILE E 74 9.06 -6.19 22.37
C ILE E 74 7.85 -5.49 21.75
N THR E 75 7.82 -5.44 20.42
CA THR E 75 6.72 -4.80 19.70
C THR E 75 5.66 -5.84 19.33
N ASP E 77 4.73 -6.35 16.32
CA ASP E 77 5.24 -7.05 15.14
C ASP E 77 6.14 -8.22 15.52
N ASP E 78 6.91 -8.07 16.61
CA ASP E 78 7.73 -9.19 17.08
C ASP E 78 6.85 -10.36 17.49
N LEU E 79 5.73 -10.08 18.15
CA LEU E 79 4.83 -11.15 18.58
C LEU E 79 4.17 -11.82 17.39
N ALA E 80 3.74 -11.04 16.40
CA ALA E 80 3.08 -11.61 15.24
C ALA E 80 4.06 -12.37 14.35
N ASP E 81 5.30 -11.89 14.24
CA ASP E 81 6.27 -12.57 13.40
C ASP E 81 6.64 -13.94 13.96
N ALA E 82 6.60 -14.09 15.29
CA ALA E 82 6.80 -15.41 15.88
C ALA E 82 5.73 -16.38 15.43
N VAL E 83 4.48 -15.92 15.35
CA VAL E 83 3.39 -16.76 14.86
C VAL E 83 3.58 -17.06 13.37
N VAL E 84 3.98 -16.04 12.60
CA VAL E 84 4.21 -16.24 11.17
C VAL E 84 5.30 -17.29 10.94
N ASP E 85 6.40 -17.18 11.69
CA ASP E 85 7.49 -18.14 11.55
C ASP E 85 7.01 -19.56 11.83
N ALA E 86 6.19 -19.73 12.86
CA ALA E 86 5.68 -21.06 13.18
C ALA E 86 4.76 -21.58 12.09
N LEU E 87 3.87 -20.72 11.57
CA LEU E 87 2.96 -21.16 10.51
C LEU E 87 3.72 -21.51 9.24
N ALA E 88 4.82 -20.82 8.95
CA ALA E 88 5.56 -21.08 7.73
C ALA E 88 6.26 -22.44 7.77
N GLU E 89 6.69 -22.88 8.96
CA GLU E 89 7.42 -24.13 9.06
C GLU E 89 6.53 -25.35 8.81
N VAL E 90 5.22 -25.22 9.00
CA VAL E 90 4.30 -26.35 8.91
C VAL E 90 3.40 -26.27 7.69
N ARG E 91 3.48 -25.19 6.90
CA ARG E 91 2.52 -24.99 5.82
C ARG E 91 2.57 -26.14 4.82
N SER E 92 3.76 -26.55 4.42
CA SER E 92 3.88 -27.59 3.40
C SER E 92 3.52 -28.98 3.92
N ARG E 93 3.47 -29.17 5.24
CA ARG E 93 3.23 -30.49 5.81
C ARG E 93 1.77 -30.79 6.07
N PHE E 94 0.90 -29.78 6.13
CA PHE E 94 -0.51 -29.99 6.42
C PHE E 94 -1.35 -29.19 5.43
N ALA E 95 -2.42 -29.80 4.93
CA ALA E 95 -3.30 -29.12 3.98
C ALA E 95 -4.20 -28.11 4.67
N ARG E 96 -4.56 -28.33 5.92
CA ARG E 96 -5.45 -27.46 6.67
C ARG E 96 -4.77 -27.06 7.97
N VAL E 97 -4.55 -25.76 8.15
CA VAL E 97 -3.89 -25.23 9.34
C VAL E 97 -4.89 -24.34 10.09
N LEU E 98 -5.20 -24.71 11.32
CA LEU E 98 -6.07 -23.94 12.18
C LEU E 98 -5.21 -23.09 13.11
N LEU E 99 -5.47 -21.79 13.13
CA LEU E 99 -4.80 -20.87 14.05
C LEU E 99 -5.74 -20.57 15.20
N VAL E 100 -5.41 -21.08 16.39
CA VAL E 100 -6.26 -20.98 17.57
C VAL E 100 -5.58 -20.02 18.56
N ALA E 101 -6.27 -18.94 18.89
CA ALA E 101 -5.75 -17.94 19.81
C ALA E 101 -6.62 -17.88 21.06
N HIS E 102 -5.97 -17.63 22.19
CA HIS E 102 -6.63 -17.46 23.47
C HIS E 102 -6.33 -16.07 24.00
N SER E 103 -7.38 -15.35 24.40
CA SER E 103 -7.27 -14.10 25.17
C SER E 103 -6.40 -13.12 24.40
N ALA E 104 -5.34 -12.56 24.99
CA ALA E 104 -4.49 -11.59 24.31
C ALA E 104 -3.73 -12.18 23.13
N GLY E 105 -3.68 -13.51 23.01
CA GLY E 105 -3.09 -14.12 21.83
C GLY E 105 -3.82 -13.79 20.55
N GLY E 106 -5.07 -13.33 20.64
CA GLY E 106 -5.80 -12.92 19.45
C GLY E 106 -5.11 -11.80 18.69
N GLY E 107 -4.41 -10.92 19.40
CA GLY E 107 -3.68 -9.83 18.77
C GLY E 107 -2.63 -10.32 17.80
N PRO E 108 -1.56 -10.94 18.33
CA PRO E 108 -0.51 -11.44 17.44
C PRO E 108 -1.01 -12.44 16.41
N ALA E 109 -1.97 -13.29 16.78
CA ALA E 109 -2.50 -14.25 15.82
C ALA E 109 -3.21 -13.54 14.67
N SER E 110 -3.99 -12.50 14.98
CA SER E 110 -4.69 -11.77 13.92
C SER E 110 -3.70 -11.05 13.00
N LEU E 111 -2.69 -10.39 13.58
CA LEU E 111 -1.70 -9.70 12.75
C LEU E 111 -0.91 -10.67 11.90
N ALA E 112 -0.57 -11.84 12.46
CA ALA E 112 0.11 -12.87 11.68
C ALA E 112 -0.75 -13.30 10.49
N ALA E 113 -2.04 -13.51 10.73
CA ALA E 113 -2.94 -13.88 9.63
C ALA E 113 -3.04 -12.76 8.60
N GLU E 114 -2.97 -11.50 9.05
CA GLU E 114 -2.96 -10.40 8.09
C GLU E 114 -1.66 -10.39 7.28
N LYS E 115 -0.53 -10.66 7.93
CA LYS E 115 0.75 -10.62 7.23
C LYS E 115 0.87 -11.75 6.22
N ALA E 116 0.35 -12.93 6.56
CA ALA E 116 0.46 -14.11 5.71
C ALA E 116 -0.85 -14.89 5.77
N PRO E 117 -1.89 -14.41 5.09
CA PRO E 117 -3.19 -15.10 5.16
C PRO E 117 -3.20 -16.45 4.46
N GLU E 118 -2.26 -16.72 3.56
CA GLU E 118 -2.22 -18.02 2.89
C GLU E 118 -1.72 -19.12 3.82
N LEU E 119 -1.10 -18.76 4.94
CA LEU E 119 -0.60 -19.75 5.89
C LEU E 119 -1.66 -20.22 6.88
N VAL E 120 -2.84 -19.61 6.86
CA VAL E 120 -3.92 -19.93 7.78
C VAL E 120 -5.15 -20.30 6.99
N ASP E 121 -5.78 -21.42 7.33
CA ASP E 121 -7.00 -21.84 6.66
C ASP E 121 -8.25 -21.59 7.48
N HIS E 122 -8.11 -21.37 8.78
CA HIS E 122 -9.24 -21.10 9.66
C HIS E 122 -8.71 -20.47 10.94
N LEU E 123 -9.39 -19.42 11.40
CA LEU E 123 -9.04 -18.73 12.63
C LEU E 123 -10.03 -19.10 13.72
N VAL E 124 -9.53 -19.43 14.90
CA VAL E 124 -10.39 -19.73 16.05
C VAL E 124 -10.01 -18.79 17.18
N TYR E 125 -10.99 -17.99 17.62
CA TYR E 125 -10.80 -17.06 18.72
C TYR E 125 -11.45 -17.67 19.97
N LEU E 126 -10.62 -18.09 20.91
CA LEU E 126 -11.08 -18.69 22.17
C LEU E 126 -11.04 -17.59 23.22
N ALA E 127 -12.18 -16.91 23.39
CA ALA E 127 -12.28 -15.75 24.27
C ALA E 127 -11.12 -14.78 24.03
N ALA E 128 -10.82 -14.55 22.75
CA ALA E 128 -9.61 -13.86 22.35
C ALA E 128 -9.92 -12.45 21.86
N PHE E 129 -8.87 -11.64 21.81
CA PHE E 129 -8.96 -10.28 21.30
C PHE E 129 -9.12 -10.30 19.79
N VAL E 130 -10.20 -9.73 19.28
CA VAL E 130 -10.42 -9.56 17.85
C VAL E 130 -10.19 -8.08 17.53
N PRO E 131 -9.18 -7.74 16.72
CA PRO E 131 -8.79 -6.34 16.57
C PRO E 131 -9.39 -5.65 15.35
N ALA E 132 -10.44 -6.23 14.77
CA ALA E 132 -10.96 -5.71 13.50
C ALA E 132 -11.53 -4.31 13.66
N ALA E 133 -12.35 -4.09 14.69
CA ALA E 133 -13.03 -2.82 14.88
C ALA E 133 -12.33 -1.89 15.87
N ARG E 134 -11.62 -2.44 16.85
CA ARG E 134 -10.84 -1.65 17.79
C ARG E 134 -9.42 -2.22 17.81
N PRO E 135 -8.42 -1.46 17.37
CA PRO E 135 -7.09 -2.05 17.13
C PRO E 135 -6.32 -2.38 18.40
N ARG E 136 -6.71 -1.84 19.55
CA ARG E 136 -6.01 -2.11 20.81
C ARG E 136 -6.87 -2.96 21.71
N PHE E 137 -6.25 -3.93 22.38
CA PHE E 137 -7.00 -4.79 23.30
C PHE E 137 -7.57 -3.98 24.46
N THR E 138 -6.86 -2.95 24.91
CA THR E 138 -7.37 -2.10 25.98
C THR E 138 -8.65 -1.37 25.57
N ASP E 139 -8.89 -1.20 24.26
CA ASP E 139 -10.15 -0.60 23.81
C ASP E 139 -11.35 -1.45 24.21
N TYR E 140 -11.16 -2.77 24.30
CA TYR E 140 -12.22 -3.66 24.77
C TYR E 140 -12.13 -3.97 26.25
N ILE E 141 -10.92 -4.03 26.80
CA ILE E 141 -10.75 -4.29 28.23
C ILE E 141 -11.37 -3.16 29.04
N ASN E 142 -11.20 -1.92 28.59
CA ASN E 142 -11.72 -0.75 29.30
C ASN E 142 -13.10 -0.32 28.81
N ALA E 143 -13.73 -1.08 27.93
CA ALA E 143 -15.08 -0.77 27.51
C ALA E 143 -16.06 -1.02 28.65
N PRO E 144 -17.17 -0.29 28.69
CA PRO E 144 -18.15 -0.50 29.78
C PRO E 144 -18.73 -1.90 29.82
N GLU E 145 -18.71 -2.63 28.69
CA GLU E 145 -19.18 -4.00 28.66
C GLU E 145 -18.29 -4.94 29.46
N ASN E 146 -17.06 -4.54 29.74
CA ASN E 146 -16.08 -5.38 30.42
C ASN E 146 -15.79 -4.91 31.84
N ALA E 147 -16.59 -3.98 32.38
CA ALA E 147 -16.30 -3.41 33.68
C ALA E 147 -16.62 -4.35 34.84
N ASP E 148 -17.44 -5.37 34.62
CA ASP E 148 -17.87 -6.26 35.68
C ASP E 148 -16.97 -7.49 35.83
N VAL E 149 -15.84 -7.54 35.13
CA VAL E 149 -14.92 -8.65 35.25
C VAL E 149 -14.16 -8.54 36.57
N VAL E 150 -13.46 -9.61 36.95
CA VAL E 150 -12.57 -9.54 38.11
C VAL E 150 -11.37 -8.67 37.74
N ALA E 151 -11.15 -7.62 38.52
CA ALA E 151 -10.05 -6.70 38.24
C ALA E 151 -8.72 -7.37 38.54
N LEU E 152 -7.87 -7.48 37.53
CA LEU E 152 -6.56 -8.09 37.73
C LEU E 152 -5.63 -7.09 38.43
N PRO E 153 -4.90 -7.52 39.46
CA PRO E 153 -4.00 -6.59 40.16
C PRO E 153 -2.76 -6.24 39.36
N ILE E 154 -2.95 -5.59 38.21
CA ILE E 154 -1.83 -5.20 37.36
C ILE E 154 -1.09 -4.03 38.01
N PHE E 155 0.24 -4.09 37.97
CA PHE E 155 1.06 -3.08 38.62
C PHE E 155 0.87 -1.71 37.96
N SER E 156 1.07 -0.67 38.75
CA SER E 156 0.84 0.69 38.30
C SER E 156 1.84 1.09 37.21
N ASP E 157 1.38 1.98 36.32
CA ASP E 157 2.17 2.53 35.22
C ASP E 157 2.77 1.42 34.37
N PRO E 158 1.96 0.69 33.59
CA PRO E 158 2.54 -0.36 32.75
C PRO E 158 3.49 0.17 31.69
N ALA E 159 3.19 1.33 31.10
CA ALA E 159 4.07 1.89 30.08
C ALA E 159 5.44 2.22 30.65
N ASN E 160 5.50 2.60 31.93
CA ASN E 160 6.79 2.90 32.56
C ASN E 160 7.62 1.65 32.73
N LEU E 161 7.01 0.58 33.28
CA LEU E 161 7.73 -0.67 33.48
C LEU E 161 8.01 -1.40 32.18
N GLY E 162 7.33 -1.04 31.10
CA GLY E 162 7.46 -1.76 29.85
C GLY E 162 6.69 -3.05 29.79
N ALA E 163 5.83 -3.32 30.77
CA ALA E 163 5.07 -4.55 30.80
C ALA E 163 3.88 -4.39 31.73
N HIS E 164 2.85 -5.20 31.50
CA HIS E 164 1.74 -5.35 32.43
C HIS E 164 2.12 -6.45 33.41
N ARG E 165 2.46 -6.06 34.63
CA ARG E 165 3.09 -6.94 35.61
C ARG E 165 2.04 -7.51 36.56
N LEU E 166 2.11 -8.81 36.78
CA LEU E 166 1.32 -9.49 37.80
C LEU E 166 2.27 -10.20 38.77
N ASN E 167 1.82 -10.40 40.00
CA ASN E 167 2.63 -11.02 41.05
C ASN E 167 1.88 -12.19 41.67
N PRO E 168 1.81 -13.33 40.98
CA PRO E 168 1.23 -14.52 41.60
C PRO E 168 2.04 -15.05 42.78
N LEU E 169 3.31 -14.65 42.90
CA LEU E 169 4.14 -15.03 44.03
C LEU E 169 4.02 -14.05 45.20
N SER E 170 3.05 -13.15 45.16
CA SER E 170 2.87 -12.17 46.22
C SER E 170 2.46 -12.84 47.52
N SER E 171 2.88 -12.25 48.64
CA SER E 171 2.43 -12.69 49.95
C SER E 171 1.04 -12.19 50.29
N ASP E 172 0.50 -11.24 49.52
CA ASP E 172 -0.85 -10.73 49.72
C ASP E 172 -1.84 -11.74 49.14
N ALA E 173 -2.50 -12.50 50.01
CA ALA E 173 -3.43 -13.52 49.55
C ALA E 173 -4.62 -12.92 48.82
N ILE E 174 -4.98 -11.67 49.13
CA ILE E 174 -6.04 -11.00 48.39
C ILE E 174 -5.58 -10.74 46.95
N GLU E 175 -4.31 -10.35 46.77
CA GLU E 175 -3.77 -10.14 45.43
C GLU E 175 -3.73 -11.45 44.64
N VAL E 176 -3.32 -12.54 45.29
CA VAL E 176 -3.24 -13.82 44.61
C VAL E 176 -4.64 -14.32 44.26
N ASP E 177 -5.59 -14.20 45.19
CA ASP E 177 -6.93 -14.70 44.95
C ASP E 177 -7.63 -13.95 43.82
N ALA E 178 -7.23 -12.70 43.56
CA ALA E 178 -7.81 -11.96 42.45
C ALA E 178 -7.35 -12.52 41.11
N ILE E 179 -6.07 -12.91 41.02
CA ILE E 179 -5.58 -13.58 39.83
C ILE E 179 -6.27 -14.92 39.66
N ARG E 180 -6.44 -15.67 40.75
CA ARG E 180 -7.08 -16.98 40.68
C ARG E 180 -8.53 -16.87 40.24
N ARG E 181 -9.28 -15.91 40.79
CA ARG E 181 -10.68 -15.78 40.45
C ARG E 181 -10.88 -15.35 39.00
N ALA E 182 -9.91 -14.63 38.44
CA ALA E 182 -10.05 -14.14 37.08
C ALA E 182 -9.77 -15.22 36.04
N PHE E 183 -8.66 -15.95 36.19
CA PHE E 183 -8.27 -16.96 35.21
C PHE E 183 -8.84 -18.34 35.52
N LEU E 184 -8.90 -18.71 36.80
CA LEU E 184 -9.30 -20.06 37.17
C LEU E 184 -10.49 -20.02 38.13
N THR E 185 -11.60 -19.44 37.68
CA THR E 185 -12.77 -19.29 38.53
C THR E 185 -13.31 -20.63 39.00
N ASP E 186 -13.31 -21.63 38.11
CA ASP E 186 -13.91 -22.93 38.41
C ASP E 186 -12.94 -23.89 39.08
N PRO E 188 -11.21 -26.22 41.61
CA PRO E 188 -11.74 -26.91 42.78
C PRO E 188 -11.17 -26.33 44.06
N PRO E 189 -11.90 -26.44 45.17
CA PRO E 189 -11.51 -25.73 46.39
C PRO E 189 -10.15 -26.15 46.95
N ASP E 190 -9.85 -27.44 46.99
CA ASP E 190 -8.58 -27.92 47.55
C ASP E 190 -7.64 -28.33 46.42
N ALA E 191 -7.21 -27.33 45.65
CA ALA E 191 -6.42 -27.58 44.46
C ALA E 191 -4.95 -27.21 44.69
N PRO E 192 -4.03 -27.90 44.03
CA PRO E 192 -2.60 -27.57 44.17
C PRO E 192 -2.31 -26.14 43.70
N GLU E 193 -1.19 -25.60 44.22
CA GLU E 193 -0.81 -24.22 43.99
C GLU E 193 0.30 -24.07 42.96
N GLY E 194 0.65 -25.14 42.23
CA GLY E 194 1.71 -25.05 41.25
C GLY E 194 1.45 -24.04 40.16
N TRP E 195 0.17 -23.78 39.86
CA TRP E 195 -0.18 -22.82 38.82
C TRP E 195 0.40 -21.44 39.10
N ARG E 196 0.66 -21.12 40.37
CA ARG E 196 1.14 -19.78 40.72
C ARG E 196 2.51 -19.52 40.12
N HIS E 197 3.42 -20.47 40.25
CA HIS E 197 4.77 -20.29 39.71
C HIS E 197 4.88 -20.74 38.26
N LEU E 198 3.80 -21.23 37.66
CA LEU E 198 3.78 -21.57 36.25
C LEU E 198 3.27 -20.42 35.38
N LEU E 199 2.90 -19.29 35.97
CA LEU E 199 2.54 -18.09 35.22
C LEU E 199 3.75 -17.16 35.10
N HIS E 200 3.75 -16.35 34.05
CA HIS E 200 4.84 -15.39 33.94
C HIS E 200 4.41 -14.03 34.47
N PRO E 201 5.26 -13.35 35.24
CA PRO E 201 4.84 -12.07 35.83
C PRO E 201 4.68 -10.95 34.81
N ASP E 202 5.52 -10.90 33.78
CA ASP E 202 5.56 -9.77 32.87
C ASP E 202 4.94 -10.13 31.54
N GLU E 203 3.91 -9.39 31.15
CA GLU E 203 3.38 -9.45 29.79
C GLU E 203 3.82 -8.22 29.03
N PRO E 204 4.39 -8.37 27.84
CA PRO E 204 4.89 -7.20 27.10
C PRO E 204 3.82 -6.12 26.95
N TYR E 205 4.24 -4.87 27.11
CA TYR E 205 3.31 -3.75 27.05
C TYR E 205 2.55 -3.74 25.72
N ALA E 206 3.23 -4.12 24.64
CA ALA E 206 2.59 -4.09 23.33
C ALA E 206 1.41 -5.04 23.24
N SER E 207 1.44 -6.14 24.01
CA SER E 207 0.41 -7.17 23.87
C SER E 207 -0.97 -6.62 24.14
N LEU E 208 -1.13 -5.86 25.22
CA LEU E 208 -2.44 -5.29 25.56
C LEU E 208 -2.63 -3.87 25.05
N SER E 209 -1.56 -3.17 24.69
CA SER E 209 -1.64 -1.74 24.42
C SER E 209 -1.24 -1.33 23.01
N ALA E 210 -0.54 -2.19 22.26
CA ALA E 210 -0.18 -1.77 20.92
C ALA E 210 -1.32 -2.00 19.94
N PRO E 211 -1.47 -1.14 18.93
CA PRO E 211 -2.50 -1.36 17.92
C PRO E 211 -2.16 -2.54 17.02
N VAL E 212 -3.19 -3.30 16.65
CA VAL E 212 -3.06 -4.45 15.79
C VAL E 212 -3.84 -4.20 14.52
N PRO E 213 -3.18 -3.76 13.44
CA PRO E 213 -3.92 -3.39 12.22
C PRO E 213 -4.19 -4.58 11.32
N VAL E 214 -5.48 -4.88 11.10
CA VAL E 214 -5.92 -5.91 10.17
C VAL E 214 -6.91 -5.28 9.20
N THR E 215 -7.11 -5.95 8.07
CA THR E 215 -7.98 -5.42 7.03
C THR E 215 -9.04 -6.43 6.65
N PRO E 216 -10.22 -5.96 6.24
CA PRO E 216 -11.28 -6.88 5.81
C PRO E 216 -10.93 -7.72 4.58
N ARG E 217 -10.02 -7.24 3.72
CA ARG E 217 -9.68 -7.95 2.50
C ARG E 217 -8.51 -8.91 2.66
N ARG E 218 -7.89 -8.96 3.83
CA ARG E 218 -6.85 -9.94 4.11
C ARG E 218 -7.27 -10.84 5.27
N TRP E 219 -7.17 -10.30 6.49
CA TRP E 219 -7.62 -11.04 7.66
C TRP E 219 -9.07 -11.44 7.57
N GLY E 220 -9.93 -10.53 7.07
CA GLY E 220 -11.36 -10.70 7.00
C GLY E 220 -11.87 -11.68 5.96
N ARG E 221 -10.99 -12.26 5.14
CA ARG E 221 -11.40 -13.27 4.18
C ARG E 221 -11.06 -14.68 4.63
N ILE E 222 -10.47 -14.83 5.80
CA ILE E 222 -10.15 -16.15 6.36
C ILE E 222 -11.38 -16.65 7.09
N PRO E 223 -11.87 -17.85 6.77
CA PRO E 223 -12.92 -18.46 7.59
C PRO E 223 -12.51 -18.46 9.05
N ARG E 224 -13.42 -18.01 9.91
CA ARG E 224 -13.08 -17.83 11.31
C ARG E 224 -14.26 -18.20 12.20
N THR E 225 -13.92 -18.58 13.42
CA THR E 225 -14.89 -19.01 14.43
C THR E 225 -14.53 -18.35 15.75
N TYR E 226 -15.55 -17.95 16.50
CA TYR E 226 -15.37 -17.47 17.87
C TYR E 226 -15.97 -18.48 18.84
N ILE E 227 -15.22 -18.82 19.89
CA ILE E 227 -15.69 -19.69 20.95
C ILE E 227 -15.88 -18.83 22.19
N ARG E 228 -17.14 -18.56 22.53
CA ARG E 228 -17.47 -17.77 23.70
C ARG E 228 -17.41 -18.62 24.96
N LEU E 229 -16.87 -18.05 26.03
CA LEU E 229 -16.81 -18.70 27.34
C LEU E 229 -17.83 -18.01 28.24
N ASP E 230 -18.88 -18.75 28.62
CA ASP E 230 -20.03 -18.15 29.27
C ASP E 230 -19.81 -17.82 30.74
N GLY E 231 -18.88 -18.49 31.42
CA GLY E 231 -18.59 -18.18 32.81
C GLY E 231 -17.28 -17.44 32.97
N ASP E 232 -16.87 -16.74 31.92
CA ASP E 232 -15.60 -16.04 31.93
C ASP E 232 -15.64 -14.84 32.88
N ARG E 233 -14.69 -14.78 33.81
CA ARG E 233 -14.56 -13.66 34.72
C ARG E 233 -13.30 -12.84 34.47
N ALA E 234 -12.53 -13.17 33.44
CA ALA E 234 -11.40 -12.36 33.00
C ALA E 234 -11.76 -11.45 31.83
N LEU E 235 -12.52 -11.96 30.87
CA LEU E 235 -13.03 -11.20 29.75
C LEU E 235 -14.53 -11.49 29.66
N ALA E 236 -15.35 -10.47 29.90
CA ALA E 236 -16.78 -10.69 30.08
C ALA E 236 -17.39 -11.29 28.82
N PRO E 237 -18.34 -12.22 28.96
CA PRO E 237 -19.03 -12.75 27.77
C PRO E 237 -19.72 -11.66 26.95
N THR E 238 -20.19 -10.59 27.59
CA THR E 238 -20.77 -9.48 26.83
C THR E 238 -19.73 -8.81 25.94
N THR E 239 -18.51 -8.63 26.46
CA THR E 239 -17.44 -8.08 25.63
C THR E 239 -17.10 -9.02 24.48
N GLN E 240 -17.17 -10.32 24.72
CA GLN E 240 -16.90 -11.29 23.66
C GLN E 240 -17.96 -11.16 22.55
N ASN E 241 -19.24 -11.09 22.93
CA ASN E 241 -20.29 -10.86 21.94
C ASN E 241 -20.10 -9.54 21.22
N LEU E 242 -19.62 -8.53 21.95
CA LEU E 242 -19.41 -7.21 21.33
C LEU E 242 -18.33 -7.27 20.25
N ILE E 244 -17.44 -9.94 18.53
CA ILE E 244 -18.02 -10.69 17.40
C ILE E 244 -18.87 -9.76 16.54
N ALA E 245 -19.77 -9.01 17.18
CA ALA E 245 -20.70 -8.18 16.43
C ALA E 245 -19.97 -7.07 15.68
N GLU E 246 -18.98 -6.44 16.33
CA GLU E 246 -18.30 -5.31 15.69
C GLU E 246 -17.41 -5.79 14.54
N ALA E 247 -16.75 -6.94 14.70
CA ALA E 247 -15.93 -7.46 13.61
C ALA E 247 -16.80 -7.89 12.43
N ASP E 248 -17.96 -8.48 12.71
CA ASP E 248 -18.84 -8.96 11.64
C ASP E 248 -19.37 -7.80 10.80
N ARG E 249 -19.62 -6.64 11.41
CA ARG E 249 -20.05 -5.48 10.64
C ARG E 249 -19.01 -5.06 9.61
N LEU E 250 -17.74 -5.36 9.87
CA LEU E 250 -16.67 -5.01 8.95
C LEU E 250 -16.44 -6.05 7.87
N THR E 251 -16.92 -7.28 8.05
CA THR E 251 -16.74 -8.35 7.08
C THR E 251 -18.07 -9.04 6.81
N PRO E 252 -19.05 -8.32 6.24
CA PRO E 252 -20.39 -8.91 6.07
C PRO E 252 -20.42 -10.10 5.13
N ASP E 253 -19.43 -10.24 4.25
CA ASP E 253 -19.34 -11.41 3.38
C ASP E 253 -18.73 -12.62 4.08
N ASN E 254 -18.16 -12.45 5.26
CA ASN E 254 -17.49 -13.54 5.99
C ASN E 254 -17.71 -13.34 7.48
N PRO E 255 -18.94 -13.54 7.95
CA PRO E 255 -19.22 -13.34 9.38
C PRO E 255 -18.63 -14.45 10.23
N PHE E 256 -18.57 -14.19 11.53
CA PHE E 256 -18.05 -15.15 12.49
C PHE E 256 -18.96 -16.37 12.57
N GLY E 257 -18.34 -17.55 12.63
CA GLY E 257 -19.00 -18.70 13.23
C GLY E 257 -18.86 -18.61 14.75
N VAL E 258 -19.93 -18.97 15.45
CA VAL E 258 -19.99 -18.78 16.89
C VAL E 258 -20.27 -20.12 17.55
N ARG E 259 -19.34 -20.58 18.38
CA ARG E 259 -19.53 -21.73 19.25
C ARG E 259 -19.49 -21.25 20.71
N SER E 260 -19.67 -22.17 21.64
CA SER E 260 -19.84 -21.80 23.03
C SER E 260 -19.35 -22.92 23.94
N LEU E 261 -18.80 -22.52 25.08
CA LEU E 261 -18.42 -23.43 26.16
C LEU E 261 -18.80 -22.76 27.46
N PRO E 262 -19.33 -23.51 28.42
CA PRO E 262 -19.51 -22.96 29.77
C PRO E 262 -18.19 -22.92 30.51
N GLY E 263 -18.16 -22.16 31.59
CA GLY E 263 -17.02 -22.16 32.48
C GLY E 263 -16.12 -20.95 32.34
N ASP E 264 -15.00 -21.03 33.05
CA ASP E 264 -14.14 -19.87 33.25
C ASP E 264 -13.26 -19.61 32.02
N HIS E 265 -12.25 -18.77 32.21
CA HIS E 265 -11.38 -18.30 31.13
C HIS E 265 -10.36 -19.33 30.68
N SER E 266 -10.24 -20.47 31.37
CA SER E 266 -9.19 -21.44 31.10
C SER E 266 -9.79 -22.82 30.81
N PRO E 267 -10.49 -22.97 29.68
CA PRO E 267 -11.03 -24.30 29.35
C PRO E 267 -9.96 -25.30 28.98
N VAL E 269 -7.52 -25.87 30.64
CA VAL E 269 -7.14 -26.40 31.94
C VAL E 269 -8.28 -27.19 32.58
N HIS E 270 -9.48 -26.61 32.64
CA HIS E 270 -10.59 -27.20 33.37
C HIS E 270 -11.54 -28.00 32.50
N ARG E 271 -11.57 -27.76 31.19
CA ARG E 271 -12.43 -28.54 30.30
C ARG E 271 -11.70 -28.92 29.02
N PRO E 272 -10.50 -29.50 29.10
CA PRO E 272 -9.72 -29.72 27.86
C PRO E 272 -10.36 -30.71 26.92
N GLY E 273 -11.21 -31.61 27.41
CA GLY E 273 -11.80 -32.62 26.54
C GLY E 273 -12.84 -32.04 25.60
N GLU E 274 -13.81 -31.30 26.15
CA GLU E 274 -14.84 -30.72 25.30
C GLU E 274 -14.30 -29.57 24.46
N LEU E 275 -13.26 -28.89 24.93
CA LEU E 275 -12.59 -27.92 24.09
C LEU E 275 -11.98 -28.59 22.87
N ALA E 276 -11.34 -29.74 23.07
CA ALA E 276 -10.79 -30.49 21.94
C ALA E 276 -11.91 -30.98 21.02
N ASP E 277 -13.02 -31.44 21.60
CA ASP E 277 -14.16 -31.87 20.79
C ASP E 277 -14.67 -30.73 19.92
N LEU E 278 -14.72 -29.51 20.48
CA LEU E 278 -15.15 -28.35 19.70
C LEU E 278 -14.16 -28.06 18.57
N LEU E 279 -12.87 -28.00 18.90
CA LEU E 279 -11.87 -27.63 17.89
C LEU E 279 -11.79 -28.66 16.79
N ALA E 280 -11.96 -29.95 17.13
CA ALA E 280 -11.93 -30.99 16.11
C ALA E 280 -13.13 -30.94 15.19
N GLY E 281 -14.28 -30.47 15.69
CA GLY E 281 -15.47 -30.36 14.88
C GLY E 281 -15.53 -29.14 13.99
N ILE E 282 -14.57 -28.23 14.11
CA ILE E 282 -14.53 -27.04 13.28
C ILE E 282 -13.90 -27.38 11.93
N GLY F 8 1.28 -41.39 9.62
CA GLY F 8 0.42 -41.95 10.65
C GLY F 8 1.17 -42.28 11.92
N THR F 9 2.22 -41.52 12.20
CA THR F 9 3.09 -41.75 13.35
C THR F 9 2.84 -40.68 14.41
N LEU F 10 2.75 -41.11 15.67
CA LEU F 10 2.60 -40.21 16.79
C LEU F 10 3.69 -40.48 17.82
N ALA F 11 4.34 -39.42 18.30
CA ALA F 11 5.35 -39.52 19.34
C ALA F 11 4.74 -39.10 20.67
N VAL F 12 4.80 -39.99 21.66
CA VAL F 12 4.32 -39.71 23.00
C VAL F 12 5.53 -39.41 23.88
N LEU F 13 5.59 -38.19 24.40
CA LEU F 13 6.78 -37.68 25.08
C LEU F 13 6.56 -37.70 26.60
N VAL F 14 7.47 -38.36 27.31
CA VAL F 14 7.42 -38.48 28.77
C VAL F 14 8.63 -37.74 29.35
N HIS F 15 8.35 -36.74 30.17
CA HIS F 15 9.35 -35.84 30.72
C HIS F 15 10.15 -36.52 31.83
N GLY F 16 11.25 -35.86 32.22
CA GLY F 16 12.09 -36.34 33.29
C GLY F 16 11.70 -35.76 34.65
N ALA F 17 12.54 -36.04 35.64
CA ALA F 17 12.26 -35.61 37.00
C ALA F 17 12.32 -34.10 37.12
N TRP F 18 11.44 -33.56 37.98
CA TRP F 18 11.33 -32.12 38.26
C TRP F 18 10.93 -31.32 37.03
N HIS F 19 10.65 -32.00 35.92
CA HIS F 19 10.24 -31.34 34.69
C HIS F 19 8.75 -31.60 34.44
N SER F 20 8.29 -31.25 33.25
CA SER F 20 6.89 -31.41 32.90
C SER F 20 6.78 -31.47 31.37
N SER F 21 5.55 -31.56 30.92
CA SER F 21 5.24 -31.61 29.51
C SER F 21 5.71 -30.35 28.82
N LEU F 22 5.84 -29.29 29.61
CA LEU F 22 6.27 -27.99 29.10
C LEU F 22 7.66 -27.94 28.46
N HIS F 23 8.56 -28.83 28.84
CA HIS F 23 9.89 -28.78 28.26
C HIS F 23 10.00 -29.35 26.87
N TRP F 24 8.97 -30.02 26.40
CA TRP F 24 8.99 -30.62 25.07
C TRP F 24 8.52 -29.68 23.97
N ALA F 25 8.02 -28.49 24.32
CA ALA F 25 7.28 -27.66 23.35
C ALA F 25 8.11 -27.35 22.11
N ALA F 26 9.38 -26.99 22.30
CA ALA F 26 10.22 -26.67 21.15
C ALA F 26 10.47 -27.91 20.30
N ALA F 27 10.69 -29.06 20.93
CA ALA F 27 10.89 -30.29 20.17
C ALA F 27 9.62 -30.72 19.45
N GLN F 28 8.45 -30.48 20.05
CA GLN F 28 7.19 -30.82 19.38
C GLN F 28 7.01 -29.99 18.11
N ARG F 29 7.39 -28.71 18.16
CA ARG F 29 7.33 -27.89 16.95
C ARG F 29 8.26 -28.42 15.88
N GLY F 30 9.47 -28.82 16.26
CA GLY F 30 10.38 -29.44 15.30
C GLY F 30 9.81 -30.72 14.71
N LEU F 31 9.05 -31.47 15.50
CA LEU F 31 8.48 -32.72 15.00
C LEU F 31 7.37 -32.43 13.98
N ALA F 32 6.52 -31.44 14.26
CA ALA F 32 5.49 -31.06 13.29
C ALA F 32 6.14 -30.53 12.01
N ARG F 33 7.25 -29.80 12.15
CA ARG F 33 8.06 -29.38 11.01
C ARG F 33 8.40 -30.56 10.09
N ARG F 34 8.50 -31.76 10.65
CA ARG F 34 8.82 -32.96 9.89
C ARG F 34 7.60 -33.86 9.65
N GLY F 35 6.40 -33.36 9.95
CA GLY F 35 5.21 -34.15 9.72
C GLY F 35 4.94 -35.23 10.73
N VAL F 36 5.53 -35.14 11.92
CA VAL F 36 5.31 -36.10 12.99
C VAL F 36 4.48 -35.42 14.07
N ALA F 37 3.27 -35.91 14.29
CA ALA F 37 2.46 -35.43 15.39
C ALA F 37 3.05 -35.91 16.72
N SER F 38 2.73 -35.18 17.78
CA SER F 38 3.29 -35.52 19.08
C SER F 38 2.41 -34.96 20.18
N ILE F 39 2.38 -35.66 21.31
CA ILE F 39 1.79 -35.16 22.54
C ILE F 39 2.77 -35.41 23.68
N ALA F 40 2.68 -34.58 24.70
CA ALA F 40 3.52 -34.68 25.88
C ALA F 40 2.66 -35.00 27.08
N VAL F 41 3.04 -36.01 27.83
CA VAL F 41 2.30 -36.45 29.01
C VAL F 41 2.80 -35.69 30.22
N ASP F 42 1.89 -35.36 31.14
CA ASP F 42 2.25 -34.82 32.45
C ASP F 42 2.08 -35.94 33.47
N LEU F 43 3.19 -36.46 33.98
CA LEU F 43 3.12 -37.50 34.98
C LEU F 43 2.51 -36.95 36.27
N PRO F 44 1.86 -37.81 37.06
CA PRO F 44 1.28 -37.35 38.33
C PRO F 44 2.25 -36.52 39.15
N GLY F 45 1.79 -35.36 39.60
CA GLY F 45 2.62 -34.43 40.35
C GLY F 45 3.39 -33.44 39.52
N HIS F 46 3.17 -33.39 38.22
CA HIS F 46 3.89 -32.47 37.35
C HIS F 46 2.90 -31.70 36.50
N GLY F 47 3.38 -30.60 35.91
CA GLY F 47 2.54 -29.76 35.10
C GLY F 47 1.64 -28.87 35.95
N LEU F 48 0.48 -28.53 35.37
CA LEU F 48 -0.42 -27.56 35.99
C LEU F 48 -0.98 -28.04 37.32
N ASP F 49 -1.21 -29.34 37.46
CA ASP F 49 -1.77 -29.89 38.69
C ASP F 49 -0.71 -30.20 39.74
N ALA F 50 0.53 -29.79 39.52
CA ALA F 50 1.59 -30.09 40.47
C ALA F 50 1.42 -29.26 41.74
N PRO F 51 1.75 -29.81 42.90
CA PRO F 51 1.69 -29.01 44.13
C PRO F 51 3.02 -28.34 44.46
N VAL F 52 3.03 -27.55 45.53
CA VAL F 52 4.27 -27.01 46.08
C VAL F 52 4.22 -27.10 47.59
N PRO F 53 5.38 -27.23 48.23
CA PRO F 53 5.42 -27.13 49.69
C PRO F 53 4.86 -25.77 50.13
N SER F 54 4.18 -25.79 51.28
CA SER F 54 3.44 -24.60 51.72
C SER F 54 4.33 -23.37 51.79
N GLY F 55 5.60 -23.53 52.12
CA GLY F 55 6.52 -22.43 52.19
C GLY F 55 7.36 -22.19 50.95
N TYR F 56 7.14 -22.95 49.87
CA TYR F 56 7.98 -22.82 48.68
C TYR F 56 7.95 -21.41 48.12
N LEU F 57 6.76 -20.80 48.09
CA LEU F 57 6.58 -19.47 47.52
C LEU F 57 6.54 -18.37 48.58
N THR F 58 6.89 -18.69 49.82
CA THR F 58 6.91 -17.73 50.91
C THR F 58 8.35 -17.30 51.21
N ALA F 59 8.50 -16.04 51.62
CA ALA F 59 9.82 -15.52 51.95
C ALA F 59 10.47 -16.35 53.05
N GLY F 60 11.75 -16.66 52.85
CA GLY F 60 12.47 -17.53 53.77
C GLY F 60 12.21 -19.01 53.59
N GLN F 61 11.12 -19.38 52.91
CA GLN F 61 10.75 -20.76 52.63
C GLN F 61 10.69 -21.60 53.90
N PRO F 62 9.75 -21.32 54.79
CA PRO F 62 9.71 -22.04 56.08
C PRO F 62 9.27 -23.49 55.89
N GLY F 63 9.93 -24.39 56.63
CA GLY F 63 9.61 -25.80 56.60
C GLY F 63 9.97 -26.54 55.34
N LEU F 64 10.75 -25.91 54.45
CA LEU F 64 11.08 -26.55 53.17
C LEU F 64 11.91 -27.80 53.37
N GLU F 65 12.75 -27.84 54.40
CA GLU F 65 13.62 -28.99 54.62
C GLU F 65 12.92 -30.13 55.35
N THR F 66 11.74 -29.90 55.92
CA THR F 66 11.08 -30.91 56.74
C THR F 66 9.64 -31.21 56.33
N GLU F 67 8.97 -30.35 55.57
CA GLU F 67 7.57 -30.55 55.25
C GLU F 67 7.40 -31.77 54.34
N LYS F 68 6.46 -32.64 54.70
CA LYS F 68 6.18 -33.82 53.88
C LYS F 68 5.57 -33.40 52.54
N SER F 69 6.05 -34.04 51.47
CA SER F 69 5.58 -33.73 50.13
C SER F 69 4.20 -34.32 49.90
N ALA F 70 3.38 -33.59 49.13
CA ALA F 70 2.06 -34.08 48.77
C ALA F 70 2.10 -35.27 47.81
N LEU F 71 3.27 -35.57 47.25
CA LEU F 71 3.44 -36.70 46.34
C LEU F 71 3.98 -37.93 47.04
N ALA F 72 3.92 -37.97 48.38
CA ALA F 72 4.52 -39.07 49.12
C ALA F 72 3.87 -40.41 48.81
N ASP F 73 2.59 -40.40 48.43
CA ASP F 73 1.84 -41.63 48.19
C ASP F 73 1.78 -42.01 46.72
N ILE F 74 2.50 -41.30 45.84
CA ILE F 74 2.53 -41.65 44.43
C ILE F 74 3.41 -42.88 44.25
N THR F 75 2.84 -43.93 43.66
CA THR F 75 3.57 -45.15 43.38
C THR F 75 4.07 -45.15 41.95
N ASP F 77 3.54 -47.50 39.98
CA ASP F 77 2.39 -47.94 39.21
C ASP F 77 1.50 -46.78 38.81
N ASP F 78 1.35 -45.78 39.70
CA ASP F 78 0.57 -44.60 39.35
C ASP F 78 1.21 -43.83 38.21
N LEU F 79 2.55 -43.73 38.22
CA LEU F 79 3.23 -43.05 37.13
C LEU F 79 3.09 -43.82 35.83
N ALA F 80 3.25 -45.15 35.88
CA ALA F 80 3.15 -45.95 34.66
C ALA F 80 1.72 -45.99 34.14
N ASP F 81 0.74 -46.03 35.04
CA ASP F 81 -0.66 -46.08 34.60
C ASP F 81 -1.05 -44.81 33.85
N ALA F 82 -0.47 -43.67 34.22
CA ALA F 82 -0.75 -42.44 33.49
C ALA F 82 -0.24 -42.52 32.06
N VAL F 83 0.91 -43.16 31.86
CA VAL F 83 1.42 -43.34 30.50
C VAL F 83 0.54 -44.32 29.74
N VAL F 84 0.09 -45.40 30.39
CA VAL F 84 -0.78 -46.38 29.74
C VAL F 84 -2.07 -45.72 29.29
N ASP F 85 -2.68 -44.92 30.17
CA ASP F 85 -3.92 -44.23 29.81
C ASP F 85 -3.73 -43.36 28.58
N ALA F 86 -2.60 -42.64 28.51
CA ALA F 86 -2.34 -41.78 27.37
C ALA F 86 -2.15 -42.59 26.08
N LEU F 87 -1.44 -43.71 26.17
CA LEU F 87 -1.23 -44.54 24.99
C LEU F 87 -2.53 -45.19 24.51
N ALA F 88 -3.41 -45.54 25.44
CA ALA F 88 -4.68 -46.16 25.06
C ALA F 88 -5.57 -45.17 24.32
N GLU F 89 -5.52 -43.90 24.71
CA GLU F 89 -6.39 -42.90 24.12
C GLU F 89 -6.07 -42.65 22.65
N VAL F 90 -4.85 -42.92 22.22
CA VAL F 90 -4.41 -42.62 20.86
C VAL F 90 -4.14 -43.86 20.04
N ARG F 91 -4.28 -45.05 20.62
CA ARG F 91 -3.86 -46.28 19.93
C ARG F 91 -4.61 -46.47 18.61
N SER F 92 -5.93 -46.24 18.61
CA SER F 92 -6.73 -46.46 17.41
C SER F 92 -6.57 -45.35 16.37
N ARG F 93 -5.96 -44.22 16.73
CA ARG F 93 -5.83 -43.10 15.81
C ARG F 93 -4.54 -43.12 14.98
N PHE F 94 -3.50 -43.80 15.46
CA PHE F 94 -2.21 -43.79 14.78
C PHE F 94 -1.70 -45.22 14.64
N ALA F 95 -1.16 -45.52 13.46
CA ALA F 95 -0.66 -46.85 13.17
C ALA F 95 0.68 -47.12 13.85
N ARG F 96 1.51 -46.08 14.03
CA ARG F 96 2.83 -46.21 14.63
C ARG F 96 2.92 -45.22 15.79
N VAL F 97 3.05 -45.74 17.01
CA VAL F 97 3.14 -44.91 18.20
C VAL F 97 4.54 -45.06 18.78
N LEU F 98 5.26 -43.94 18.85
CA LEU F 98 6.58 -43.88 19.43
C LEU F 98 6.48 -43.38 20.87
N LEU F 99 7.03 -44.15 21.81
CA LEU F 99 7.09 -43.76 23.21
C LEU F 99 8.49 -43.24 23.51
N VAL F 100 8.59 -41.92 23.73
CA VAL F 100 9.87 -41.25 23.94
C VAL F 100 9.96 -40.82 25.40
N ALA F 101 10.93 -41.36 26.12
CA ALA F 101 11.13 -41.05 27.53
C ALA F 101 12.46 -40.33 27.73
N HIS F 102 12.48 -39.40 28.66
CA HIS F 102 13.67 -38.63 29.00
C HIS F 102 13.99 -38.83 30.48
N SER F 103 15.25 -39.10 30.78
CA SER F 103 15.79 -39.12 32.14
C SER F 103 14.94 -40.10 32.98
N ALA F 104 14.42 -39.67 34.14
CA ALA F 104 13.66 -40.57 34.99
C ALA F 104 12.33 -40.99 34.38
N GLY F 105 11.91 -40.37 33.27
CA GLY F 105 10.73 -40.83 32.57
C GLY F 105 10.87 -42.23 32.02
N GLY F 106 12.10 -42.73 31.87
CA GLY F 106 12.29 -44.08 31.38
C GLY F 106 11.68 -45.14 32.26
N GLY F 107 11.61 -44.88 33.56
CA GLY F 107 10.98 -45.80 34.49
C GLY F 107 9.51 -46.02 34.19
N PRO F 108 8.70 -44.98 34.35
CA PRO F 108 7.26 -45.13 34.04
C PRO F 108 6.99 -45.57 32.61
N ALA F 109 7.78 -45.09 31.65
CA ALA F 109 7.56 -45.47 30.26
C ALA F 109 7.86 -46.94 30.04
N SER F 110 8.92 -47.46 30.67
CA SER F 110 9.25 -48.87 30.53
C SER F 110 8.16 -49.75 31.13
N LEU F 111 7.74 -49.43 32.35
CA LEU F 111 6.68 -50.23 32.99
C LEU F 111 5.38 -50.16 32.20
N ALA F 112 5.06 -48.99 31.65
CA ALA F 112 3.88 -48.86 30.80
C ALA F 112 3.99 -49.77 29.58
N ALA F 113 5.17 -49.82 28.96
CA ALA F 113 5.38 -50.72 27.84
C ALA F 113 5.25 -52.17 28.28
N GLU F 114 5.75 -52.49 29.48
CA GLU F 114 5.60 -53.85 30.00
C GLU F 114 4.14 -54.19 30.27
N LYS F 115 3.37 -53.22 30.78
CA LYS F 115 1.97 -53.50 31.08
C LYS F 115 1.13 -53.66 29.82
N ALA F 116 1.40 -52.86 28.79
CA ALA F 116 0.63 -52.87 27.55
C ALA F 116 1.55 -52.75 26.35
N PRO F 117 2.27 -53.83 26.02
CA PRO F 117 3.24 -53.74 24.91
C PRO F 117 2.60 -53.54 23.55
N GLU F 118 1.32 -53.89 23.38
CA GLU F 118 0.66 -53.67 22.09
C GLU F 118 0.36 -52.20 21.83
N LEU F 119 0.47 -51.34 22.82
CA LEU F 119 0.22 -49.91 22.66
C LEU F 119 1.46 -49.13 22.24
N VAL F 120 2.61 -49.79 22.15
CA VAL F 120 3.87 -49.12 21.81
C VAL F 120 4.48 -49.84 20.62
N ASP F 121 4.88 -49.08 19.60
CA ASP F 121 5.53 -49.65 18.43
C ASP F 121 7.03 -49.44 18.43
N HIS F 122 7.54 -48.50 19.21
CA HIS F 122 8.97 -48.25 19.32
C HIS F 122 9.23 -47.44 20.58
N LEU F 123 10.27 -47.82 21.31
CA LEU F 123 10.67 -47.13 22.52
C LEU F 123 11.92 -46.30 22.24
N VAL F 124 11.91 -45.04 22.66
CA VAL F 124 13.07 -44.17 22.56
C VAL F 124 13.48 -43.77 23.96
N TYR F 125 14.74 -44.04 24.31
CA TYR F 125 15.30 -43.64 25.59
C TYR F 125 16.26 -42.49 25.35
N LEU F 126 15.86 -41.29 25.75
CA LEU F 126 16.66 -40.07 25.59
C LEU F 126 17.35 -39.80 26.92
N ALA F 127 18.59 -40.29 27.03
CA ALA F 127 19.35 -40.24 28.28
C ALA F 127 18.47 -40.67 29.44
N ALA F 128 17.69 -41.73 29.25
CA ALA F 128 16.65 -42.12 30.19
C ALA F 128 17.04 -43.39 30.92
N PHE F 129 16.31 -43.64 32.02
CA PHE F 129 16.53 -44.83 32.83
C PHE F 129 15.98 -46.06 32.11
N VAL F 130 16.83 -47.05 31.89
CA VAL F 130 16.45 -48.35 31.37
C VAL F 130 16.48 -49.34 32.53
N PRO F 131 15.33 -49.88 32.95
CA PRO F 131 15.29 -50.75 34.14
C PRO F 131 15.47 -52.23 33.88
N ALA F 132 15.92 -52.63 32.69
CA ALA F 132 15.96 -54.04 32.34
C ALA F 132 16.88 -54.82 33.28
N ALA F 133 18.11 -54.33 33.46
CA ALA F 133 19.09 -55.04 34.28
C ALA F 133 19.12 -54.58 35.72
N ARG F 134 18.79 -53.32 35.99
CA ARG F 134 18.72 -52.79 37.35
C ARG F 134 17.36 -52.15 37.52
N PRO F 135 16.50 -52.65 38.42
CA PRO F 135 15.11 -52.17 38.46
C PRO F 135 14.94 -50.79 39.08
N ARG F 136 15.93 -50.26 39.78
CA ARG F 136 15.83 -48.96 40.43
C ARG F 136 16.78 -47.97 39.77
N PHE F 137 16.28 -46.75 39.54
CA PHE F 137 17.11 -45.73 38.89
C PHE F 137 18.33 -45.40 39.75
N THR F 138 18.19 -45.42 41.07
CA THR F 138 19.32 -45.14 41.94
C THR F 138 20.39 -46.24 41.84
N ASP F 139 20.05 -47.43 41.33
CA ASP F 139 21.07 -48.44 41.07
C ASP F 139 22.08 -47.96 40.04
N TYR F 140 21.65 -47.09 39.13
CA TYR F 140 22.54 -46.48 38.16
C TYR F 140 23.01 -45.10 38.56
N ILE F 141 22.18 -44.33 39.27
CA ILE F 141 22.57 -43.00 39.70
C ILE F 141 23.74 -43.08 40.68
N ASN F 142 23.73 -44.08 41.55
CA ASN F 142 24.78 -44.28 42.54
C ASN F 142 25.86 -45.26 42.08
N ALA F 143 25.87 -45.62 40.81
CA ALA F 143 26.91 -46.51 40.29
C ALA F 143 28.20 -45.72 40.08
N PRO F 144 29.36 -46.39 40.16
CA PRO F 144 30.62 -45.65 40.01
C PRO F 144 30.79 -44.98 38.66
N GLU F 145 30.13 -45.50 37.62
CA GLU F 145 30.19 -44.87 36.31
C GLU F 145 29.52 -43.50 36.29
N ASN F 146 28.73 -43.19 37.32
CA ASN F 146 27.96 -41.95 37.38
C ASN F 146 28.47 -41.01 38.48
N ALA F 147 29.63 -41.31 39.08
CA ALA F 147 30.08 -40.58 40.25
C ALA F 147 30.58 -39.18 39.92
N ASP F 148 30.89 -38.89 38.65
CA ASP F 148 31.51 -37.62 38.28
C ASP F 148 30.53 -36.67 37.59
N VAL F 149 29.23 -36.88 37.77
CA VAL F 149 28.22 -35.93 37.29
C VAL F 149 28.18 -34.76 38.26
N VAL F 150 27.48 -33.68 37.87
CA VAL F 150 27.20 -32.60 38.79
C VAL F 150 26.27 -33.12 39.87
N ALA F 151 26.67 -32.98 41.13
CA ALA F 151 25.85 -33.46 42.24
C ALA F 151 24.66 -32.54 42.43
N LEU F 152 23.45 -33.10 42.33
CA LEU F 152 22.25 -32.30 42.50
C LEU F 152 21.98 -32.05 43.98
N PRO F 153 21.62 -30.83 44.36
CA PRO F 153 21.35 -30.52 45.79
C PRO F 153 19.98 -31.03 46.25
N ILE F 154 19.79 -32.35 46.14
CA ILE F 154 18.57 -32.96 46.64
C ILE F 154 18.56 -32.90 48.16
N PHE F 155 17.39 -32.60 48.73
CA PHE F 155 17.28 -32.44 50.17
C PHE F 155 17.53 -33.77 50.88
N SER F 156 18.03 -33.68 52.10
CA SER F 156 18.41 -34.87 52.85
C SER F 156 17.19 -35.73 53.16
N ASP F 157 17.38 -37.04 53.07
CA ASP F 157 16.40 -38.05 53.45
C ASP F 157 15.14 -37.94 52.61
N PRO F 158 15.20 -38.29 51.32
CA PRO F 158 14.00 -38.21 50.48
C PRO F 158 12.88 -39.13 50.91
N ALA F 159 13.21 -40.31 51.46
CA ALA F 159 12.17 -41.26 51.86
C ALA F 159 11.29 -40.68 52.97
N ASN F 160 11.85 -39.83 53.82
CA ASN F 160 11.05 -39.24 54.88
C ASN F 160 10.24 -38.05 54.39
N LEU F 161 10.79 -37.27 53.45
CA LEU F 161 10.01 -36.22 52.83
C LEU F 161 8.96 -36.76 51.87
N GLY F 162 9.10 -38.00 51.42
CA GLY F 162 8.23 -38.55 50.40
C GLY F 162 8.54 -38.11 49.00
N ALA F 163 9.67 -37.44 48.79
CA ALA F 163 10.05 -36.95 47.47
C ALA F 163 11.52 -36.59 47.48
N HIS F 164 12.11 -36.57 46.28
CA HIS F 164 13.45 -36.01 46.10
C HIS F 164 13.28 -34.53 45.77
N ARG F 165 13.61 -33.67 46.72
CA ARG F 165 13.26 -32.25 46.66
C ARG F 165 14.45 -31.43 46.17
N LEU F 166 14.20 -30.61 45.16
CA LEU F 166 15.14 -29.59 44.69
C LEU F 166 14.55 -28.21 44.96
N ASN F 167 15.43 -27.22 45.11
CA ASN F 167 15.01 -25.85 45.42
C ASN F 167 15.69 -24.89 44.45
N PRO F 168 15.18 -24.79 43.22
CA PRO F 168 15.69 -23.78 42.28
C PRO F 168 15.32 -22.35 42.66
N LEU F 169 14.44 -22.17 43.63
CA LEU F 169 14.09 -20.85 44.15
C LEU F 169 14.97 -20.45 45.33
N SER F 170 16.09 -21.12 45.52
CA SER F 170 16.96 -20.86 46.66
C SER F 170 17.62 -19.49 46.53
N SER F 171 17.88 -18.88 47.69
CA SER F 171 18.72 -17.69 47.73
C SER F 171 20.20 -18.03 47.60
N ASP F 172 20.57 -19.29 47.84
CA ASP F 172 21.95 -19.73 47.67
C ASP F 172 22.24 -19.88 46.18
N ALA F 173 23.01 -18.93 45.63
CA ALA F 173 23.35 -18.98 44.22
C ALA F 173 24.19 -20.20 43.86
N ILE F 174 24.93 -20.77 44.83
CA ILE F 174 25.69 -21.98 44.55
C ILE F 174 24.77 -23.17 44.37
N GLU F 175 23.72 -23.27 45.19
CA GLU F 175 22.75 -24.34 45.05
C GLU F 175 22.02 -24.27 43.71
N VAL F 176 21.58 -23.06 43.34
CA VAL F 176 20.88 -22.89 42.07
C VAL F 176 21.81 -23.20 40.90
N ASP F 177 23.08 -22.77 41.00
CA ASP F 177 24.03 -23.02 39.93
C ASP F 177 24.33 -24.50 39.76
N ALA F 178 24.26 -25.28 40.84
CA ALA F 178 24.42 -26.73 40.72
C ALA F 178 23.29 -27.35 39.93
N ILE F 179 22.07 -26.84 40.11
CA ILE F 179 20.94 -27.31 39.32
C ILE F 179 21.13 -26.93 37.86
N ARG F 180 21.57 -25.70 37.59
CA ARG F 180 21.75 -25.24 36.22
C ARG F 180 22.87 -26.01 35.52
N ARG F 181 23.99 -26.23 36.21
CA ARG F 181 25.10 -26.95 35.61
C ARG F 181 24.72 -28.38 35.25
N ALA F 182 23.82 -28.99 36.04
CA ALA F 182 23.45 -30.38 35.81
C ALA F 182 22.48 -30.53 34.64
N PHE F 183 21.45 -29.68 34.58
CA PHE F 183 20.42 -29.81 33.56
C PHE F 183 20.68 -28.96 32.33
N LEU F 184 21.17 -27.74 32.52
CA LEU F 184 21.35 -26.80 31.41
C LEU F 184 22.79 -26.35 31.30
N THR F 185 23.70 -27.31 31.12
CA THR F 185 25.13 -27.00 31.10
C THR F 185 25.48 -26.07 29.96
N ASP F 186 24.86 -26.24 28.80
CA ASP F 186 25.15 -25.44 27.62
C ASP F 186 24.34 -24.16 27.56
N PRO F 188 23.61 -20.42 27.55
CA PRO F 188 24.46 -19.26 27.31
C PRO F 188 24.44 -18.32 28.49
N PRO F 189 25.51 -17.56 28.71
CA PRO F 189 25.51 -16.60 29.82
C PRO F 189 24.50 -15.49 29.58
N ASP F 190 24.06 -14.89 30.69
CA ASP F 190 23.01 -13.86 30.66
C ASP F 190 21.73 -14.39 30.02
N ALA F 191 21.39 -15.63 30.32
CA ALA F 191 20.15 -16.20 29.84
C ALA F 191 19.00 -15.85 30.79
N PRO F 192 17.77 -15.81 30.29
CA PRO F 192 16.63 -15.55 31.19
C PRO F 192 16.56 -16.58 32.30
N GLU F 193 16.08 -16.13 33.46
CA GLU F 193 16.00 -16.97 34.65
C GLU F 193 14.62 -17.58 34.84
N GLY F 194 13.77 -17.56 33.82
CA GLY F 194 12.43 -18.12 33.95
C GLY F 194 12.44 -19.62 34.22
N TRP F 195 13.48 -20.32 33.75
CA TRP F 195 13.56 -21.76 33.96
C TRP F 195 13.51 -22.11 35.45
N ARG F 196 13.93 -21.18 36.31
CA ARG F 196 14.01 -21.48 37.74
C ARG F 196 12.63 -21.77 38.34
N HIS F 197 11.62 -21.00 37.94
CA HIS F 197 10.27 -21.22 38.46
C HIS F 197 9.41 -22.09 37.55
N LEU F 198 9.96 -22.60 36.46
CA LEU F 198 9.26 -23.54 35.60
C LEU F 198 9.62 -24.99 35.93
N LEU F 199 10.51 -25.22 36.89
CA LEU F 199 10.79 -26.55 37.40
C LEU F 199 9.91 -26.84 38.60
N HIS F 200 9.66 -28.13 38.84
CA HIS F 200 8.93 -28.45 40.05
C HIS F 200 9.88 -28.86 41.17
N PRO F 201 9.65 -28.40 42.40
CA PRO F 201 10.59 -28.73 43.47
C PRO F 201 10.59 -30.19 43.85
N ASP F 202 9.43 -30.85 43.82
CA ASP F 202 9.29 -32.19 44.36
C ASP F 202 9.14 -33.19 43.23
N GLU F 203 10.00 -34.21 43.23
CA GLU F 203 9.84 -35.38 42.39
C GLU F 203 9.44 -36.55 43.27
N PRO F 204 8.38 -37.29 42.92
CA PRO F 204 7.92 -38.38 43.80
C PRO F 204 9.05 -39.35 44.11
N TYR F 205 9.11 -39.76 45.39
CA TYR F 205 10.18 -40.64 45.83
C TYR F 205 10.26 -41.89 44.98
N ALA F 206 9.11 -42.43 44.58
CA ALA F 206 9.09 -43.66 43.79
C ALA F 206 9.80 -43.50 42.46
N SER F 207 9.83 -42.28 41.91
CA SER F 207 10.35 -42.07 40.57
C SER F 207 11.80 -42.52 40.45
N LEU F 208 12.64 -42.15 41.43
CA LEU F 208 14.03 -42.55 41.40
C LEU F 208 14.34 -43.79 42.25
N SER F 209 13.43 -44.19 43.13
CA SER F 209 13.75 -45.21 44.13
C SER F 209 12.88 -46.47 44.06
N ALA F 210 11.76 -46.44 43.35
CA ALA F 210 10.95 -47.66 43.31
C ALA F 210 11.46 -48.59 42.21
N PRO F 211 11.32 -49.90 42.40
CA PRO F 211 11.72 -50.84 41.35
C PRO F 211 10.74 -50.83 40.18
N VAL F 212 11.29 -50.92 38.97
CA VAL F 212 10.49 -50.97 37.75
C VAL F 212 10.69 -52.34 37.11
N PRO F 213 9.81 -53.31 37.36
CA PRO F 213 10.03 -54.67 36.82
C PRO F 213 9.53 -54.79 35.39
N VAL F 214 10.46 -55.04 34.47
CA VAL F 214 10.14 -55.35 33.08
C VAL F 214 10.76 -56.70 32.74
N THR F 215 10.22 -57.33 31.70
CA THR F 215 10.69 -58.66 31.32
C THR F 215 11.15 -58.67 29.86
N PRO F 216 12.05 -59.59 29.52
CA PRO F 216 12.52 -59.65 28.12
C PRO F 216 11.46 -60.08 27.12
N ARG F 217 10.45 -60.84 27.54
CA ARG F 217 9.44 -61.33 26.62
C ARG F 217 8.26 -60.40 26.44
N ARG F 218 8.20 -59.31 27.21
CA ARG F 218 7.17 -58.30 26.99
C ARG F 218 7.83 -56.98 26.60
N TRP F 219 8.40 -56.26 27.56
CA TRP F 219 9.11 -55.01 27.27
C TRP F 219 10.24 -55.25 26.26
N GLY F 220 10.99 -56.34 26.43
CA GLY F 220 12.16 -56.64 25.64
C GLY F 220 11.93 -57.02 24.20
N ARG F 221 10.69 -57.15 23.75
CA ARG F 221 10.40 -57.46 22.36
C ARG F 221 9.93 -56.26 21.56
N ILE F 222 9.85 -55.09 22.19
CA ILE F 222 9.49 -53.85 21.49
C ILE F 222 10.75 -53.29 20.86
N PRO F 223 10.76 -53.00 19.56
CA PRO F 223 11.90 -52.28 18.97
C PRO F 223 12.18 -51.02 19.77
N ARG F 224 13.46 -50.77 20.03
CA ARG F 224 13.80 -49.70 20.94
C ARG F 224 15.10 -49.05 20.51
N THR F 225 15.24 -47.77 20.86
CA THR F 225 16.40 -46.97 20.50
C THR F 225 16.83 -46.17 21.72
N TYR F 226 18.14 -46.05 21.90
CA TYR F 226 18.71 -45.18 22.92
C TYR F 226 19.42 -44.02 22.24
N ILE F 227 19.12 -42.80 22.67
CA ILE F 227 19.81 -41.61 22.21
C ILE F 227 20.74 -41.16 23.32
N ARG F 228 22.04 -41.31 23.09
CA ARG F 228 23.04 -40.90 24.06
C ARG F 228 23.34 -39.42 23.93
N LEU F 229 23.47 -38.74 25.06
CA LEU F 229 23.82 -37.32 25.11
C LEU F 229 25.27 -37.21 25.58
N ASP F 230 26.15 -36.75 24.68
CA ASP F 230 27.59 -36.84 24.92
C ASP F 230 28.12 -35.78 25.88
N GLY F 231 27.43 -34.66 26.03
CA GLY F 231 27.88 -33.63 26.96
C GLY F 231 27.04 -33.60 28.22
N ASP F 232 26.44 -34.74 28.56
CA ASP F 232 25.50 -34.81 29.68
C ASP F 232 26.25 -34.75 31.00
N ARG F 233 25.84 -33.81 31.87
CA ARG F 233 26.43 -33.66 33.19
C ARG F 233 25.46 -34.00 34.31
N ALA F 234 24.24 -34.42 33.98
CA ALA F 234 23.30 -34.95 34.95
C ALA F 234 23.31 -36.47 35.01
N LEU F 235 23.44 -37.12 33.86
CA LEU F 235 23.56 -38.57 33.75
C LEU F 235 24.75 -38.86 32.85
N ALA F 236 25.77 -39.48 33.41
CA ALA F 236 27.04 -39.63 32.69
C ALA F 236 26.83 -40.40 31.39
N PRO F 237 27.52 -40.00 30.31
CA PRO F 237 27.49 -40.83 29.09
C PRO F 237 27.97 -42.25 29.33
N THR F 238 28.93 -42.45 30.24
CA THR F 238 29.39 -43.80 30.56
C THR F 238 28.27 -44.60 31.22
N THR F 239 27.48 -43.97 32.07
CA THR F 239 26.32 -44.64 32.65
C THR F 239 25.27 -44.97 31.59
N GLN F 240 25.15 -44.11 30.57
CA GLN F 240 24.19 -44.37 29.49
C GLN F 240 24.62 -45.58 28.66
N ASN F 241 25.91 -45.67 28.33
CA ASN F 241 26.41 -46.85 27.63
C ASN F 241 26.29 -48.10 28.48
N LEU F 242 26.46 -47.95 29.81
CA LEU F 242 26.34 -49.11 30.69
C LEU F 242 24.92 -49.67 30.69
N ILE F 244 22.71 -49.38 28.25
CA ILE F 244 22.51 -50.01 26.95
C ILE F 244 23.09 -51.41 26.93
N ALA F 245 24.33 -51.56 27.41
CA ALA F 245 25.00 -52.85 27.36
C ALA F 245 24.33 -53.87 28.25
N GLU F 246 23.97 -53.47 29.48
CA GLU F 246 23.37 -54.41 30.41
C GLU F 246 21.99 -54.85 29.94
N ALA F 247 21.21 -53.94 29.35
CA ALA F 247 19.89 -54.32 28.86
C ALA F 247 20.00 -55.22 27.64
N ASP F 248 20.96 -54.94 26.75
CA ASP F 248 21.13 -55.77 25.55
C ASP F 248 21.49 -57.21 25.89
N ARG F 249 22.26 -57.42 26.95
CA ARG F 249 22.61 -58.78 27.35
C ARG F 249 21.39 -59.59 27.76
N LEU F 250 20.31 -58.92 28.19
CA LEU F 250 19.08 -59.61 28.57
C LEU F 250 18.15 -59.81 27.38
N THR F 251 18.35 -59.11 26.27
CA THR F 251 17.50 -59.24 25.08
C THR F 251 18.39 -59.39 23.85
N PRO F 252 19.14 -60.49 23.75
CA PRO F 252 20.07 -60.64 22.62
C PRO F 252 19.37 -60.72 21.26
N ASP F 253 18.09 -61.07 21.24
CA ASP F 253 17.32 -61.11 20.00
C ASP F 253 16.82 -59.73 19.57
N ASN F 254 16.83 -58.75 20.47
CA ASN F 254 16.31 -57.41 20.19
C ASN F 254 17.20 -56.38 20.86
N PRO F 255 18.42 -56.20 20.35
CA PRO F 255 19.34 -55.24 20.98
C PRO F 255 18.93 -53.80 20.72
N PHE F 256 19.53 -52.90 21.51
CA PHE F 256 19.26 -51.48 21.38
C PHE F 256 19.75 -50.94 20.04
N GLY F 257 18.96 -50.07 19.43
CA GLY F 257 19.49 -49.11 18.49
C GLY F 257 20.08 -47.95 19.25
N VAL F 258 21.22 -47.45 18.78
CA VAL F 258 21.97 -46.43 19.51
C VAL F 258 22.16 -45.23 18.61
N ARG F 259 21.65 -44.08 19.04
CA ARG F 259 21.88 -42.80 18.40
C ARG F 259 22.63 -41.89 19.37
N SER F 260 23.02 -40.71 18.88
CA SER F 260 23.87 -39.82 19.64
C SER F 260 23.51 -38.37 19.33
N LEU F 261 23.62 -37.52 20.36
CA LEU F 261 23.51 -36.08 20.24
C LEU F 261 24.60 -35.47 21.10
N PRO F 262 25.27 -34.42 20.64
CA PRO F 262 26.14 -33.66 21.51
C PRO F 262 25.33 -32.76 22.43
N GLY F 263 25.95 -32.36 23.54
CA GLY F 263 25.37 -31.36 24.40
C GLY F 263 24.84 -31.93 25.71
N ASP F 264 24.19 -31.05 26.46
CA ASP F 264 23.84 -31.32 27.85
C ASP F 264 22.60 -32.20 27.94
N HIS F 265 22.06 -32.33 29.16
CA HIS F 265 20.95 -33.20 29.48
C HIS F 265 19.60 -32.71 28.94
N SER F 266 19.54 -31.51 28.36
CA SER F 266 18.27 -30.92 27.93
C SER F 266 18.31 -30.54 26.45
N PRO F 267 18.39 -31.53 25.56
CA PRO F 267 18.37 -31.21 24.12
C PRO F 267 17.03 -30.70 23.64
N VAL F 269 15.53 -28.45 24.94
CA VAL F 269 15.61 -27.02 25.23
C VAL F 269 16.66 -26.34 24.37
N HIS F 270 17.86 -26.92 24.27
CA HIS F 270 18.98 -26.27 23.60
C HIS F 270 19.19 -26.76 22.18
N ARG F 271 18.69 -27.93 21.82
CA ARG F 271 18.85 -28.44 20.46
C ARG F 271 17.55 -29.06 19.94
N PRO F 272 16.42 -28.35 19.98
CA PRO F 272 15.15 -29.00 19.60
C PRO F 272 15.11 -29.44 18.15
N GLY F 273 15.85 -28.78 17.27
CA GLY F 273 15.77 -29.13 15.85
C GLY F 273 16.42 -30.47 15.55
N GLU F 274 17.65 -30.68 16.00
CA GLU F 274 18.33 -31.93 15.70
C GLU F 274 17.76 -33.09 16.49
N LEU F 275 17.20 -32.82 17.68
CA LEU F 275 16.49 -33.86 18.41
C LEU F 275 15.26 -34.32 17.63
N ALA F 276 14.51 -33.37 17.07
CA ALA F 276 13.37 -33.72 16.23
C ALA F 276 13.83 -34.39 14.95
N ASP F 277 14.96 -33.97 14.40
CA ASP F 277 15.52 -34.64 13.23
C ASP F 277 15.82 -36.11 13.53
N LEU F 278 16.42 -36.38 14.69
CA LEU F 278 16.70 -37.75 15.08
C LEU F 278 15.42 -38.55 15.25
N LEU F 279 14.46 -37.99 16.00
CA LEU F 279 13.24 -38.72 16.31
C LEU F 279 12.43 -39.03 15.05
N ALA F 280 12.39 -38.08 14.11
CA ALA F 280 11.67 -38.32 12.87
C ALA F 280 12.32 -39.41 12.03
N GLY F 281 13.63 -39.61 12.18
CA GLY F 281 14.33 -40.64 11.44
C GLY F 281 14.27 -42.02 12.07
N ILE F 282 13.70 -42.15 13.26
CA ILE F 282 13.56 -43.44 13.91
C ILE F 282 12.35 -44.17 13.36
#